data_8GSF
#
_entry.id   8GSF
#
_cell.length_a   1.00
_cell.length_b   1.00
_cell.length_c   1.00
_cell.angle_alpha   90.00
_cell.angle_beta   90.00
_cell.angle_gamma   90.00
#
_symmetry.space_group_name_H-M   'P 1'
#
loop_
_entity.id
_entity.type
_entity.pdbx_description
1 polymer VP1
2 polymer VP0
3 polymer VP3
4 polymer 'Heavy chain of 6D10'
5 polymer 'Light chain of 6D10'
#
loop_
_entity_poly.entity_id
_entity_poly.type
_entity_poly.pdbx_seq_one_letter_code
_entity_poly.pdbx_strand_id
1 'polypeptide(L)'
;YHSRTESSIENFLCRAACVYIATYASAGGTPTERYASWRINTRQMVQLRRKFELFTYLRFDMEITFVITSTQDPGTQLAQ
DMPVLTHQIMYIPPGGPVPNSATDFAWQSSTNPSIFWTEGCAPARMSVPFISIGNAYSNFYDGWSHFTQEGVYGFNSLNN
MGHIYVRHVNEQSLGVSTSTLRVYFKPKHVRAWVPRPPRLSPYVKSSNVNFKPTAVTTERKDINDVGTLRPVGYTNH
;
1,A
2 'polypeptide(L)'
;RVRSITLGNSTITTQECANVVVGYGVWPSYLQDNEATAEDQPTQPDVATCRFYTLDSIQWQKESDGWWWKFPEALKNMGL
FGQNMEYHYLGRSGYTIHVQCNASKFHQGCLLVVCVPEAEMGCSDVEREVVAASLSSEDTAKSFSRTESNGQHTVQTVVY
NAGMGVGVGNLTIFPHQWINLRTNNSATIVMPYINSVPMDNMFRHYNFTLMIIPFAKLEYTEQASNYVPITVTVAPMCAE
YNGLRLASHQ
;
2,B
3 'polypeptide(L)'
;MLTPGSNQFLTSDDFQSPSAMPQFDVTPEMKIPGEVHNLMEIAEVDSVVPVNNTKENINSMEAYRIPVTGGDQLHTQVFG
FQMQPGLNSVFKRTLLGEILNYYAHWSGSVKLTFVFCGSAMATGKFLLAYSPPGASPPQNRKQAMLGTHVIWDVGLQSSC
VLCIPWISQTHYRLVQQDEYTSAGYVTCWYQTGLIVPPGAPPSCTILCFASACNDFSVRNLRDTPFIEQTQLLQ
;
3,C
4 'polypeptide(L)'
;EVQLQQSGPELARPWASVKISCQAFYTFSNYGMQWVKQSPGQGLEWIGPFYPGNADTSYNQKFKGKATLTADKSSSTAYM
QFSSLTSEDSAVYYCARVVATTDFDYWGQGTTVTVSS
;
H,E
5 'polypeptide(L)'
;YIEASQSPSSLAVSVGEKVTMSCKSSQSLLYSSNQKNYLAWFQQKPGQSPKLLIYWASTRESGVPDRFTGSGSGTDFTLT
ISSVKAEDLAVYYCQQYYSYPYTFGGGTKLKIKR
;
L,F
#
# COMPACT_ATOMS: atom_id res chain seq x y z
N TYR A 1 9.90 -29.29 7.56
CA TYR A 1 10.62 -30.47 7.08
C TYR A 1 9.88 -31.73 7.53
N HIS A 2 8.99 -32.21 6.68
CA HIS A 2 8.07 -33.29 7.00
C HIS A 2 8.66 -34.64 6.59
N SER A 3 8.32 -35.67 7.35
CA SER A 3 8.84 -37.01 7.14
C SER A 3 8.23 -37.64 5.90
N ARG A 4 8.94 -38.61 5.35
CA ARG A 4 8.51 -39.37 4.18
C ARG A 4 8.45 -40.85 4.56
N THR A 5 7.33 -41.28 5.12
CA THR A 5 7.19 -42.65 5.59
C THR A 5 5.89 -43.29 5.13
N GLU A 6 4.96 -42.53 4.56
CA GLU A 6 3.75 -43.10 3.99
C GLU A 6 3.82 -43.22 2.48
N SER A 7 4.84 -42.64 1.85
CA SER A 7 5.05 -42.77 0.41
C SER A 7 6.04 -43.87 0.07
N SER A 8 6.59 -44.54 1.07
CA SER A 8 7.56 -45.60 0.83
C SER A 8 6.87 -46.81 0.19
N ILE A 9 7.70 -47.69 -0.39
CA ILE A 9 7.17 -48.81 -1.16
C ILE A 9 6.34 -49.74 -0.28
N GLU A 10 6.84 -50.05 0.92
CA GLU A 10 6.13 -50.96 1.81
C GLU A 10 4.77 -50.39 2.20
N ASN A 11 4.70 -49.10 2.48
CA ASN A 11 3.44 -48.48 2.85
C ASN A 11 2.59 -48.12 1.64
N PHE A 12 3.07 -48.38 0.43
CA PHE A 12 2.33 -48.09 -0.79
C PHE A 12 1.76 -49.33 -1.46
N LEU A 13 2.33 -50.50 -1.20
CA LEU A 13 1.91 -51.74 -1.87
C LEU A 13 1.67 -52.85 -0.87
N CYS A 14 1.12 -52.52 0.29
CA CYS A 14 0.80 -53.50 1.32
C CYS A 14 -0.57 -53.22 1.90
N ARG A 15 -1.54 -52.91 1.04
CA ARG A 15 -2.90 -52.63 1.46
C ARG A 15 -3.79 -53.75 0.94
N ALA A 16 -4.52 -54.40 1.84
CA ALA A 16 -5.38 -55.51 1.46
C ALA A 16 -6.47 -55.04 0.50
N ALA A 17 -6.68 -55.80 -0.57
CA ALA A 17 -7.67 -55.46 -1.58
C ALA A 17 -8.50 -56.68 -1.91
N CYS A 18 -9.81 -56.49 -2.06
CA CYS A 18 -10.69 -57.58 -2.43
C CYS A 18 -10.61 -57.81 -3.94
N VAL A 19 -9.96 -58.91 -4.33
CA VAL A 19 -9.63 -59.16 -5.73
C VAL A 19 -10.49 -60.26 -6.34
N TYR A 20 -11.38 -60.88 -5.58
CA TYR A 20 -12.21 -61.94 -6.13
C TYR A 20 -13.39 -62.21 -5.20
N ILE A 21 -14.58 -62.28 -5.78
CA ILE A 21 -15.81 -62.64 -5.07
C ILE A 21 -16.52 -63.71 -5.88
N ALA A 22 -16.82 -64.84 -5.25
CA ALA A 22 -17.44 -65.95 -5.95
C ALA A 22 -18.56 -66.55 -5.09
N THR A 23 -19.39 -67.37 -5.73
CA THR A 23 -20.50 -68.01 -5.05
C THR A 23 -20.58 -69.48 -5.49
N TYR A 24 -20.84 -70.35 -4.53
CA TYR A 24 -20.94 -71.78 -4.83
C TYR A 24 -21.98 -72.43 -3.94
N ALA A 25 -22.72 -73.37 -4.52
CA ALA A 25 -23.73 -74.13 -3.80
C ALA A 25 -23.09 -75.29 -3.05
N SER A 26 -23.94 -76.19 -2.54
CA SER A 26 -23.48 -77.31 -1.73
C SER A 26 -24.02 -78.66 -2.17
N ALA A 27 -25.28 -78.75 -2.60
CA ALA A 27 -25.87 -80.05 -2.90
C ALA A 27 -26.21 -80.22 -4.38
N GLY A 28 -27.02 -79.30 -4.91
CA GLY A 28 -27.53 -79.47 -6.26
C GLY A 28 -26.74 -78.72 -7.30
N GLY A 29 -27.25 -78.76 -8.53
CA GLY A 29 -26.66 -78.06 -9.65
C GLY A 29 -25.59 -78.88 -10.34
N THR A 30 -25.09 -78.31 -11.44
CA THR A 30 -23.99 -78.93 -12.17
C THR A 30 -22.73 -78.91 -11.32
N PRO A 31 -21.81 -79.85 -11.55
CA PRO A 31 -20.60 -79.91 -10.72
C PRO A 31 -19.80 -78.62 -10.72
N THR A 32 -19.74 -77.92 -11.86
CA THR A 32 -19.00 -76.67 -11.93
C THR A 32 -19.58 -75.58 -11.04
N GLU A 33 -20.79 -75.76 -10.54
CA GLU A 33 -21.40 -74.85 -9.57
C GLU A 33 -21.28 -75.35 -8.14
N ARG A 34 -20.32 -76.22 -7.85
CA ARG A 34 -20.13 -76.75 -6.51
C ARG A 34 -18.77 -76.41 -5.91
N TYR A 35 -17.98 -75.56 -6.56
CA TYR A 35 -16.69 -75.15 -6.03
C TYR A 35 -16.33 -73.79 -6.61
N ALA A 36 -15.36 -73.13 -5.98
CA ALA A 36 -14.90 -71.83 -6.43
C ALA A 36 -13.41 -71.89 -6.72
N SER A 37 -13.01 -71.38 -7.88
CA SER A 37 -11.62 -71.46 -8.32
C SER A 37 -11.12 -70.09 -8.74
N TRP A 38 -9.85 -69.81 -8.44
CA TRP A 38 -9.26 -68.53 -8.82
C TRP A 38 -7.78 -68.74 -9.10
N ARG A 39 -7.31 -68.20 -10.23
CA ARG A 39 -5.90 -68.25 -10.58
C ARG A 39 -5.22 -66.96 -10.14
N ILE A 40 -4.18 -67.08 -9.32
CA ILE A 40 -3.57 -65.91 -8.72
C ILE A 40 -2.79 -65.15 -9.78
N ASN A 41 -3.20 -63.92 -10.06
CA ASN A 41 -2.49 -63.03 -10.97
C ASN A 41 -2.91 -61.60 -10.68
N THR A 42 -1.96 -60.69 -10.82
CA THR A 42 -2.23 -59.26 -10.61
C THR A 42 -2.50 -58.55 -11.93
N ARG A 43 -3.50 -59.04 -12.68
CA ARG A 43 -3.78 -58.47 -13.99
C ARG A 43 -5.28 -58.37 -14.26
N GLN A 44 -6.12 -58.32 -13.22
CA GLN A 44 -7.55 -58.17 -13.43
C GLN A 44 -8.19 -57.09 -12.59
N MET A 45 -7.65 -56.74 -11.44
CA MET A 45 -8.11 -55.61 -10.65
C MET A 45 -7.39 -54.38 -11.17
N VAL A 46 -8.13 -53.46 -11.80
CA VAL A 46 -7.50 -52.36 -12.53
C VAL A 46 -6.73 -51.43 -11.61
N GLN A 47 -7.24 -51.19 -10.40
CA GLN A 47 -6.53 -50.34 -9.46
C GLN A 47 -5.23 -50.98 -9.01
N LEU A 48 -5.30 -52.24 -8.57
CA LEU A 48 -4.09 -52.95 -8.17
C LEU A 48 -3.14 -53.14 -9.34
N ARG A 49 -3.68 -53.39 -10.54
CA ARG A 49 -2.82 -53.48 -11.71
C ARG A 49 -2.09 -52.17 -11.97
N ARG A 50 -2.80 -51.05 -11.90
CA ARG A 50 -2.16 -49.76 -12.17
C ARG A 50 -1.13 -49.43 -11.12
N LYS A 51 -1.37 -49.82 -9.87
CA LYS A 51 -0.35 -49.58 -8.84
C LYS A 51 0.87 -50.49 -8.99
N PHE A 52 0.66 -51.75 -9.39
CA PHE A 52 1.80 -52.64 -9.60
C PHE A 52 2.56 -52.28 -10.88
N GLU A 53 1.86 -52.04 -11.99
CA GLU A 53 2.51 -51.74 -13.26
C GLU A 53 3.27 -50.43 -13.27
N LEU A 54 3.31 -49.71 -12.14
CA LEU A 54 4.15 -48.54 -12.05
C LEU A 54 5.64 -48.90 -11.98
N PHE A 55 5.96 -50.15 -11.67
CA PHE A 55 7.32 -50.65 -11.65
C PHE A 55 7.44 -51.80 -12.64
N THR A 56 8.68 -52.23 -12.91
CA THR A 56 8.91 -53.31 -13.86
C THR A 56 9.10 -54.65 -13.17
N TYR A 57 9.98 -54.72 -12.18
CA TYR A 57 10.26 -55.95 -11.46
C TYR A 57 9.82 -55.82 -10.01
N LEU A 58 9.17 -56.87 -9.51
CA LEU A 58 8.67 -56.91 -8.14
C LEU A 58 9.04 -58.24 -7.52
N ARG A 59 9.26 -58.22 -6.21
CA ARG A 59 9.62 -59.43 -5.47
C ARG A 59 8.95 -59.35 -4.11
N PHE A 60 8.00 -60.25 -3.85
CA PHE A 60 7.17 -60.17 -2.65
C PHE A 60 6.63 -61.54 -2.29
N ASP A 61 6.22 -61.68 -1.03
CA ASP A 61 5.49 -62.85 -0.56
C ASP A 61 4.00 -62.64 -0.84
N MET A 62 3.15 -63.52 -0.32
CA MET A 62 1.71 -63.38 -0.55
C MET A 62 1.00 -63.72 0.76
N GLU A 63 0.21 -62.78 1.27
CA GLU A 63 -0.68 -63.07 2.39
C GLU A 63 -2.11 -63.01 1.88
N ILE A 64 -2.82 -64.13 2.00
CA ILE A 64 -4.16 -64.29 1.46
C ILE A 64 -5.12 -64.56 2.61
N THR A 65 -6.27 -63.88 2.57
CA THR A 65 -7.31 -64.02 3.58
C THR A 65 -8.62 -64.37 2.91
N PHE A 66 -9.33 -65.37 3.42
CA PHE A 66 -10.59 -65.80 2.87
C PHE A 66 -11.72 -65.46 3.83
N VAL A 67 -12.75 -64.80 3.32
CA VAL A 67 -13.95 -64.48 4.10
C VAL A 67 -15.12 -65.21 3.48
N ILE A 68 -15.77 -66.07 4.26
CA ILE A 68 -16.83 -66.93 3.77
C ILE A 68 -18.09 -66.67 4.58
N THR A 69 -19.19 -66.37 3.89
CA THR A 69 -20.49 -66.19 4.50
C THR A 69 -21.49 -67.06 3.75
N SER A 70 -22.29 -67.82 4.49
CA SER A 70 -23.18 -68.79 3.88
C SER A 70 -24.57 -68.66 4.48
N THR A 71 -25.57 -69.03 3.68
CA THR A 71 -26.96 -68.96 4.09
C THR A 71 -27.69 -70.26 3.75
N GLN A 72 -29.00 -70.28 3.93
CA GLN A 72 -29.84 -71.40 3.54
C GLN A 72 -30.77 -70.92 2.44
N ASP A 73 -30.76 -71.62 1.31
CA ASP A 73 -31.50 -71.13 0.15
C ASP A 73 -32.99 -71.46 0.29
N PRO A 74 -33.86 -70.70 -0.36
CA PRO A 74 -35.29 -71.00 -0.29
C PRO A 74 -35.63 -72.28 -1.02
N GLY A 75 -36.70 -72.93 -0.60
CA GLY A 75 -37.16 -74.14 -1.26
C GLY A 75 -38.06 -74.94 -0.35
N THR A 76 -38.34 -76.17 -0.79
CA THR A 76 -39.12 -77.13 -0.03
C THR A 76 -38.21 -78.23 0.48
N GLN A 77 -38.73 -79.01 1.43
CA GLN A 77 -37.94 -80.02 2.14
C GLN A 77 -36.68 -79.40 2.74
N LEU A 78 -36.84 -78.19 3.28
CA LEU A 78 -35.70 -77.42 3.74
C LEU A 78 -35.13 -78.03 5.02
N ALA A 79 -33.84 -77.82 5.23
CA ALA A 79 -33.18 -78.36 6.42
C ALA A 79 -33.65 -77.62 7.67
N GLN A 80 -33.52 -78.31 8.81
CA GLN A 80 -33.96 -77.72 10.07
C GLN A 80 -32.93 -77.88 11.19
N ASP A 81 -31.99 -78.82 11.05
CA ASP A 81 -31.09 -79.12 12.15
C ASP A 81 -29.65 -79.39 11.72
N MET A 82 -29.18 -78.76 10.64
CA MET A 82 -27.81 -78.98 10.22
C MET A 82 -26.85 -78.33 11.21
N PRO A 83 -25.96 -79.09 11.85
CA PRO A 83 -25.16 -78.50 12.94
C PRO A 83 -24.27 -77.34 12.51
N VAL A 84 -23.32 -77.60 11.61
CA VAL A 84 -22.32 -76.60 11.21
C VAL A 84 -21.89 -76.87 9.78
N LEU A 85 -21.23 -75.90 9.16
CA LEU A 85 -20.62 -76.05 7.85
C LEU A 85 -19.11 -75.96 7.97
N THR A 86 -18.41 -76.87 7.32
CA THR A 86 -16.96 -76.88 7.27
C THR A 86 -16.51 -76.77 5.81
N HIS A 87 -15.65 -75.79 5.53
CA HIS A 87 -15.15 -75.57 4.19
C HIS A 87 -13.70 -76.03 4.09
N GLN A 88 -13.31 -76.36 2.87
CA GLN A 88 -11.93 -76.73 2.54
C GLN A 88 -11.39 -75.72 1.54
N ILE A 89 -10.23 -75.15 1.85
CA ILE A 89 -9.54 -74.19 0.99
C ILE A 89 -8.22 -74.83 0.59
N MET A 90 -7.96 -74.89 -0.71
CA MET A 90 -6.88 -75.68 -1.27
C MET A 90 -6.00 -74.77 -2.12
N TYR A 91 -4.71 -74.75 -1.81
CA TYR A 91 -3.74 -74.00 -2.59
C TYR A 91 -3.01 -74.97 -3.52
N ILE A 92 -3.06 -74.72 -4.82
CA ILE A 92 -2.44 -75.57 -5.82
C ILE A 92 -1.21 -74.83 -6.35
N PRO A 93 0.00 -75.27 -5.99
CA PRO A 93 1.21 -74.63 -6.53
C PRO A 93 1.33 -74.88 -8.02
N PRO A 94 2.18 -74.12 -8.72
CA PRO A 94 2.38 -74.40 -10.15
C PRO A 94 2.91 -75.80 -10.36
N GLY A 95 2.45 -76.42 -11.44
CA GLY A 95 2.81 -77.79 -11.73
C GLY A 95 2.27 -78.78 -10.70
N GLY A 96 1.00 -78.62 -10.34
CA GLY A 96 0.36 -79.52 -9.41
C GLY A 96 -0.98 -80.00 -9.92
N PRO A 97 -1.47 -81.12 -9.38
CA PRO A 97 -2.77 -81.64 -9.81
C PRO A 97 -3.89 -80.65 -9.48
N VAL A 98 -4.86 -80.57 -10.38
CA VAL A 98 -5.98 -79.65 -10.26
C VAL A 98 -7.27 -80.45 -10.38
N PRO A 99 -8.18 -80.38 -9.42
CA PRO A 99 -9.47 -81.06 -9.57
C PRO A 99 -10.29 -80.46 -10.70
N ASN A 100 -11.06 -81.33 -11.37
CA ASN A 100 -11.98 -80.88 -12.41
C ASN A 100 -13.44 -80.94 -11.98
N SER A 101 -13.71 -81.32 -10.74
CA SER A 101 -15.07 -81.39 -10.22
C SER A 101 -15.01 -81.60 -8.71
N ALA A 102 -16.15 -81.48 -8.07
CA ALA A 102 -16.25 -81.82 -6.66
C ALA A 102 -16.14 -83.34 -6.50
N THR A 103 -15.74 -83.77 -5.30
CA THR A 103 -15.50 -85.17 -4.94
C THR A 103 -14.44 -85.82 -5.81
N ASP A 104 -13.65 -85.04 -6.54
CA ASP A 104 -12.57 -85.59 -7.33
C ASP A 104 -11.43 -86.06 -6.43
N PHE A 105 -10.61 -86.96 -6.96
CA PHE A 105 -9.48 -87.49 -6.19
C PHE A 105 -8.47 -86.40 -5.87
N ALA A 106 -8.31 -85.41 -6.76
CA ALA A 106 -7.26 -84.42 -6.60
C ALA A 106 -7.42 -83.60 -5.32
N TRP A 107 -8.63 -83.57 -4.73
CA TRP A 107 -8.83 -82.85 -3.49
C TRP A 107 -8.08 -83.48 -2.32
N GLN A 108 -7.60 -84.71 -2.47
CA GLN A 108 -6.99 -85.46 -1.38
C GLN A 108 -5.48 -85.63 -1.55
N SER A 109 -4.84 -84.76 -2.33
CA SER A 109 -3.42 -84.89 -2.58
C SER A 109 -2.63 -84.53 -1.33
N SER A 110 -1.38 -85.00 -1.29
CA SER A 110 -0.48 -84.75 -0.18
C SER A 110 0.54 -83.66 -0.47
N THR A 111 0.45 -83.02 -1.63
CA THR A 111 1.34 -81.92 -1.99
C THR A 111 0.66 -80.56 -1.94
N ASN A 112 -0.66 -80.53 -2.07
CA ASN A 112 -1.40 -79.28 -2.01
C ASN A 112 -1.74 -78.95 -0.57
N PRO A 113 -1.25 -77.83 -0.02
CA PRO A 113 -1.62 -77.47 1.35
C PRO A 113 -3.09 -77.06 1.43
N SER A 114 -3.79 -77.59 2.42
CA SER A 114 -5.22 -77.36 2.57
C SER A 114 -5.53 -76.86 3.97
N ILE A 115 -6.59 -76.05 4.05
CA ILE A 115 -7.09 -75.50 5.31
C ILE A 115 -8.53 -75.95 5.48
N PHE A 116 -8.83 -76.56 6.62
CA PHE A 116 -10.19 -76.95 6.97
C PHE A 116 -10.72 -75.95 7.98
N TRP A 117 -11.74 -75.20 7.58
CA TRP A 117 -12.23 -74.09 8.38
C TRP A 117 -13.68 -74.35 8.76
N THR A 118 -13.96 -74.37 10.06
CA THR A 118 -15.34 -74.41 10.54
C THR A 118 -15.88 -73.00 10.67
N GLU A 119 -17.13 -72.81 10.25
CA GLU A 119 -17.67 -71.48 10.15
C GLU A 119 -18.01 -70.93 11.54
N GLY A 120 -17.73 -69.64 11.73
CA GLY A 120 -18.01 -68.93 12.95
C GLY A 120 -16.80 -68.34 13.63
N CYS A 121 -15.61 -68.88 13.38
CA CYS A 121 -14.40 -68.39 14.01
C CYS A 121 -13.80 -67.25 13.18
N ALA A 122 -12.57 -66.87 13.49
CA ALA A 122 -11.88 -65.86 12.70
C ALA A 122 -11.57 -66.40 11.30
N PRO A 123 -11.44 -65.51 10.31
CA PRO A 123 -11.20 -65.98 8.94
C PRO A 123 -9.87 -66.70 8.82
N ALA A 124 -9.81 -67.63 7.86
CA ALA A 124 -8.60 -68.39 7.62
C ALA A 124 -7.57 -67.55 6.88
N ARG A 125 -6.32 -67.65 7.31
CA ARG A 125 -5.23 -66.87 6.74
C ARG A 125 -4.17 -67.82 6.23
N MET A 126 -3.43 -67.38 5.21
CA MET A 126 -2.29 -68.18 4.75
C MET A 126 -1.27 -67.27 4.08
N SER A 127 -0.03 -67.74 4.02
CA SER A 127 1.07 -66.98 3.43
C SER A 127 1.92 -67.91 2.57
N VAL A 128 2.18 -67.48 1.34
CA VAL A 128 2.97 -68.23 0.36
C VAL A 128 4.25 -67.46 0.07
N PRO A 129 5.42 -68.12 0.05
CA PRO A 129 6.67 -67.40 -0.21
C PRO A 129 6.85 -67.04 -1.68
N PHE A 130 8.01 -66.51 -2.02
CA PHE A 130 8.29 -66.12 -3.41
C PHE A 130 8.55 -67.39 -4.22
N ILE A 131 7.50 -67.93 -4.83
CA ILE A 131 7.57 -69.16 -5.59
C ILE A 131 7.80 -68.81 -7.05
N SER A 132 9.04 -68.94 -7.50
CA SER A 132 9.39 -68.66 -8.89
C SER A 132 10.72 -69.34 -9.21
N ILE A 133 10.95 -69.52 -10.51
CA ILE A 133 12.24 -70.05 -10.95
C ILE A 133 13.24 -68.92 -11.17
N GLY A 134 12.77 -67.80 -11.72
CA GLY A 134 13.61 -66.63 -11.88
C GLY A 134 13.91 -65.95 -10.56
N ASN A 135 14.37 -64.70 -10.61
CA ASN A 135 14.75 -63.98 -9.40
C ASN A 135 13.82 -62.81 -9.10
N ALA A 136 12.82 -62.56 -9.95
CA ALA A 136 11.88 -61.47 -9.73
C ALA A 136 10.73 -61.59 -10.71
N TYR A 137 9.53 -61.26 -10.27
CA TYR A 137 8.40 -61.18 -11.18
C TYR A 137 8.58 -60.01 -12.13
N SER A 138 8.21 -60.19 -13.38
CA SER A 138 8.28 -59.14 -14.38
C SER A 138 6.89 -58.82 -14.88
N ASN A 139 6.46 -57.57 -14.68
CA ASN A 139 5.16 -57.15 -15.17
C ASN A 139 5.14 -57.09 -16.68
N PHE A 140 6.17 -56.50 -17.28
CA PHE A 140 6.27 -56.35 -18.74
C PHE A 140 7.36 -57.26 -19.25
N TYR A 141 7.04 -58.06 -20.27
CA TYR A 141 7.98 -58.97 -20.89
C TYR A 141 7.91 -58.77 -22.41
N ASP A 142 9.00 -58.28 -22.99
CA ASP A 142 9.06 -58.00 -24.43
C ASP A 142 9.75 -59.17 -25.12
N GLY A 143 8.96 -60.11 -25.62
CA GLY A 143 9.52 -61.25 -26.31
C GLY A 143 8.50 -62.38 -26.39
N TRP A 144 9.02 -63.56 -26.70
CA TRP A 144 8.21 -64.77 -26.83
C TRP A 144 8.79 -65.86 -25.95
N SER A 145 7.96 -66.87 -25.68
CA SER A 145 8.42 -67.99 -24.86
C SER A 145 9.36 -68.91 -25.65
N HIS A 146 9.06 -69.12 -26.94
CA HIS A 146 9.85 -70.00 -27.76
C HIS A 146 10.96 -69.23 -28.48
N PHE A 147 12.10 -69.92 -28.68
CA PHE A 147 13.28 -69.29 -29.27
C PHE A 147 13.15 -69.07 -30.77
N THR A 148 12.15 -69.64 -31.42
CA THR A 148 11.97 -69.50 -32.86
C THR A 148 11.10 -68.29 -33.23
N GLN A 149 10.99 -67.30 -32.35
CA GLN A 149 10.21 -66.09 -32.60
C GLN A 149 8.77 -66.42 -33.00
N GLU A 150 8.16 -67.37 -32.30
CA GLU A 150 6.77 -67.71 -32.56
C GLU A 150 6.15 -68.24 -31.28
N GLY A 151 4.88 -67.92 -31.07
CA GLY A 151 4.18 -68.25 -29.85
C GLY A 151 3.20 -67.17 -29.46
N VAL A 152 3.07 -66.91 -28.17
CA VAL A 152 2.19 -65.87 -27.67
C VAL A 152 3.03 -64.76 -27.07
N TYR A 153 2.68 -63.52 -27.41
CA TYR A 153 3.49 -62.36 -27.09
C TYR A 153 3.31 -61.95 -25.63
N GLY A 154 4.39 -62.00 -24.86
CA GLY A 154 4.37 -61.57 -23.47
C GLY A 154 3.42 -62.36 -22.59
N PHE A 155 3.48 -63.69 -22.67
CA PHE A 155 2.50 -64.53 -22.00
C PHE A 155 3.12 -65.90 -21.74
N ASN A 156 2.52 -66.63 -20.81
CA ASN A 156 2.97 -67.97 -20.41
C ASN A 156 4.42 -67.94 -19.94
N SER A 157 4.80 -66.90 -19.22
CA SER A 157 6.16 -66.73 -18.73
C SER A 157 6.29 -67.41 -17.38
N LEU A 158 7.39 -67.17 -16.67
CA LEU A 158 7.63 -67.76 -15.36
C LEU A 158 6.75 -67.17 -14.27
N ASN A 159 5.99 -66.11 -14.56
CA ASN A 159 5.16 -65.45 -13.55
C ASN A 159 3.89 -66.27 -13.31
N ASN A 160 4.10 -67.42 -12.66
CA ASN A 160 3.01 -68.31 -12.26
C ASN A 160 3.08 -68.47 -10.74
N MET A 161 1.93 -68.36 -10.09
CA MET A 161 1.88 -68.41 -8.63
C MET A 161 1.04 -69.58 -8.11
N GLY A 162 -0.07 -69.90 -8.76
CA GLY A 162 -0.86 -71.05 -8.37
C GLY A 162 -2.34 -70.74 -8.43
N HIS A 163 -3.12 -71.74 -8.02
CA HIS A 163 -4.57 -71.65 -8.01
C HIS A 163 -5.09 -71.80 -6.58
N ILE A 164 -6.32 -71.37 -6.36
CA ILE A 164 -6.99 -71.52 -5.09
C ILE A 164 -8.39 -72.07 -5.34
N TYR A 165 -8.73 -73.17 -4.65
CA TYR A 165 -10.00 -73.86 -4.83
C TYR A 165 -10.69 -74.03 -3.50
N VAL A 166 -11.97 -73.65 -3.43
CA VAL A 166 -12.73 -73.71 -2.19
C VAL A 166 -13.96 -74.59 -2.43
N ARG A 167 -14.25 -75.46 -1.45
CA ARG A 167 -15.36 -76.39 -1.59
C ARG A 167 -15.96 -76.66 -0.22
N HIS A 168 -17.15 -77.24 -0.23
CA HIS A 168 -17.80 -77.71 1.00
C HIS A 168 -17.29 -79.10 1.36
N VAL A 169 -17.27 -79.39 2.66
CA VAL A 169 -16.85 -80.70 3.14
C VAL A 169 -18.05 -81.52 3.61
N ASN A 170 -19.01 -80.89 4.27
CA ASN A 170 -20.20 -81.58 4.76
C ASN A 170 -21.05 -82.05 3.58
N GLU A 171 -21.35 -83.34 3.54
CA GLU A 171 -22.33 -83.84 2.59
C GLU A 171 -23.72 -83.55 3.11
N GLN A 172 -24.52 -82.85 2.30
CA GLN A 172 -25.85 -82.38 2.72
C GLN A 172 -26.91 -83.22 2.05
N SER A 173 -27.68 -83.94 2.86
CA SER A 173 -28.81 -84.71 2.33
C SER A 173 -30.07 -83.86 2.23
N LEU A 174 -30.32 -83.03 3.24
CA LEU A 174 -31.48 -82.14 3.27
C LEU A 174 -31.03 -80.71 3.05
N GLY A 175 -31.64 -80.06 2.07
CA GLY A 175 -31.40 -78.64 1.83
C GLY A 175 -30.10 -78.39 1.09
N VAL A 176 -29.95 -77.15 0.62
CA VAL A 176 -28.76 -76.68 -0.06
C VAL A 176 -28.28 -75.42 0.64
N SER A 177 -26.98 -75.33 0.88
CA SER A 177 -26.39 -74.20 1.61
C SER A 177 -25.50 -73.42 0.66
N THR A 178 -26.01 -72.33 0.12
CA THR A 178 -25.23 -71.46 -0.74
C THR A 178 -24.21 -70.67 0.08
N SER A 179 -23.01 -70.51 -0.49
CA SER A 179 -21.93 -69.83 0.20
C SER A 179 -21.25 -68.83 -0.74
N THR A 180 -20.64 -67.80 -0.14
CA THR A 180 -19.96 -66.75 -0.88
C THR A 180 -18.54 -66.60 -0.35
N LEU A 181 -17.59 -66.46 -1.25
CA LEU A 181 -16.18 -66.35 -0.91
C LEU A 181 -15.61 -65.02 -1.37
N ARG A 182 -14.90 -64.33 -0.46
CA ARG A 182 -14.22 -63.08 -0.76
C ARG A 182 -12.74 -63.27 -0.46
N VAL A 183 -11.90 -62.92 -1.43
CA VAL A 183 -10.45 -63.09 -1.32
C VAL A 183 -9.82 -61.74 -1.07
N TYR A 184 -8.90 -61.67 -0.11
CA TYR A 184 -8.15 -60.46 0.22
C TYR A 184 -6.67 -60.77 0.04
N PHE A 185 -6.00 -60.03 -0.83
CA PHE A 185 -4.64 -60.34 -1.25
C PHE A 185 -3.71 -59.19 -0.88
N LYS A 186 -2.60 -59.50 -0.22
CA LYS A 186 -1.64 -58.47 0.14
C LYS A 186 -0.22 -58.98 -0.09
N PRO A 187 0.70 -58.12 -0.54
CA PRO A 187 2.11 -58.51 -0.57
C PRO A 187 2.81 -58.14 0.72
N LYS A 188 3.88 -58.87 1.04
CA LYS A 188 4.72 -58.55 2.17
C LYS A 188 6.19 -58.53 1.75
N HIS A 189 6.97 -57.66 2.38
CA HIS A 189 8.39 -57.50 2.09
C HIS A 189 8.63 -57.30 0.60
N VAL A 190 7.96 -56.29 0.04
CA VAL A 190 8.00 -56.06 -1.40
C VAL A 190 9.26 -55.29 -1.76
N ARG A 191 9.89 -55.67 -2.88
CA ARG A 191 11.01 -54.95 -3.45
C ARG A 191 10.69 -54.64 -4.91
N ALA A 192 10.93 -53.40 -5.32
CA ALA A 192 10.54 -52.92 -6.64
C ALA A 192 11.73 -52.32 -7.37
N TRP A 193 11.76 -52.52 -8.69
CA TRP A 193 12.86 -52.06 -9.53
C TRP A 193 12.31 -51.36 -10.77
N VAL A 194 13.14 -50.51 -11.35
CA VAL A 194 12.90 -49.92 -12.68
C VAL A 194 11.54 -49.25 -12.77
N PRO A 195 11.37 -48.06 -12.20
CA PRO A 195 10.06 -47.40 -12.26
C PRO A 195 9.69 -47.01 -13.69
N ARG A 196 8.39 -46.92 -13.93
CA ARG A 196 7.82 -46.66 -15.24
C ARG A 196 6.78 -45.56 -15.14
N PRO A 197 6.51 -44.85 -16.23
CA PRO A 197 5.45 -43.85 -16.23
C PRO A 197 4.09 -44.49 -16.04
N PRO A 198 3.20 -43.87 -15.28
CA PRO A 198 1.85 -44.41 -15.12
C PRO A 198 1.09 -44.39 -16.42
N ARG A 199 0.17 -45.34 -16.57
CA ARG A 199 -0.57 -45.50 -17.81
C ARG A 199 -1.56 -44.35 -18.00
N LEU A 200 -1.96 -44.15 -19.26
CA LEU A 200 -2.87 -43.07 -19.64
C LEU A 200 -4.18 -43.55 -20.22
N SER A 201 -4.14 -44.49 -21.18
CA SER A 201 -5.33 -45.05 -21.81
C SER A 201 -5.92 -46.15 -20.96
N PRO A 202 -7.24 -46.32 -20.98
CA PRO A 202 -7.87 -47.37 -20.17
C PRO A 202 -7.49 -48.75 -20.66
N TYR A 203 -7.43 -49.69 -19.72
CA TYR A 203 -7.13 -51.08 -20.06
C TYR A 203 -8.26 -51.68 -20.86
N VAL A 204 -7.92 -52.53 -21.83
CA VAL A 204 -8.94 -53.14 -22.69
C VAL A 204 -8.88 -54.66 -22.58
N LYS A 205 -7.71 -55.20 -22.27
CA LYS A 205 -7.54 -56.65 -22.21
C LYS A 205 -6.84 -57.03 -20.91
N SER A 206 -7.19 -58.21 -20.40
CA SER A 206 -6.63 -58.72 -19.15
C SER A 206 -5.30 -59.43 -19.34
N SER A 207 -4.81 -59.55 -20.57
CA SER A 207 -3.54 -60.21 -20.83
C SER A 207 -2.58 -59.39 -21.69
N ASN A 208 -3.06 -58.45 -22.50
CA ASN A 208 -2.23 -57.65 -23.37
C ASN A 208 -1.95 -56.29 -22.73
N VAL A 209 -1.33 -55.42 -23.52
CA VAL A 209 -1.07 -54.05 -23.11
C VAL A 209 -1.72 -53.14 -24.15
N ASN A 210 -2.63 -53.70 -24.94
CA ASN A 210 -3.27 -52.97 -26.02
C ASN A 210 -4.03 -51.76 -25.48
N PHE A 211 -4.28 -50.81 -26.38
CA PHE A 211 -4.88 -49.55 -25.98
C PHE A 211 -5.40 -48.82 -27.20
N LYS A 212 -6.24 -47.82 -26.95
CA LYS A 212 -6.75 -46.86 -27.91
C LYS A 212 -5.99 -45.53 -27.80
N PRO A 213 -5.82 -44.80 -28.90
CA PRO A 213 -5.15 -43.50 -28.80
C PRO A 213 -5.95 -42.50 -27.99
N THR A 214 -5.38 -42.04 -26.88
CA THR A 214 -6.07 -41.14 -25.97
C THR A 214 -5.31 -39.82 -25.86
N ALA A 215 -6.07 -38.73 -25.68
CA ALA A 215 -5.49 -37.40 -25.56
C ALA A 215 -4.66 -37.31 -24.29
N VAL A 216 -3.63 -36.46 -24.34
CA VAL A 216 -2.65 -36.39 -23.25
C VAL A 216 -3.21 -35.77 -21.97
N THR A 217 -4.20 -34.90 -22.06
CA THR A 217 -4.75 -34.22 -20.89
C THR A 217 -6.11 -33.64 -21.26
N THR A 218 -6.69 -32.88 -20.35
CA THR A 218 -8.03 -32.32 -20.53
C THR A 218 -7.95 -30.94 -21.17
N GLU A 219 -9.06 -30.54 -21.80
CA GLU A 219 -9.14 -29.32 -22.59
C GLU A 219 -8.90 -28.09 -21.72
N ARG A 220 -8.72 -26.95 -22.39
CA ARG A 220 -8.64 -25.64 -21.74
C ARG A 220 -9.16 -24.61 -22.74
N LYS A 221 -9.61 -23.47 -22.21
CA LYS A 221 -10.20 -22.46 -23.07
C LYS A 221 -9.16 -21.74 -23.93
N ASP A 222 -8.04 -21.36 -23.33
CA ASP A 222 -7.03 -20.56 -24.04
C ASP A 222 -5.66 -20.89 -23.50
N ILE A 223 -4.63 -20.56 -24.28
CA ILE A 223 -3.26 -20.83 -23.86
C ILE A 223 -2.87 -19.94 -22.68
N ASN A 224 -3.16 -18.65 -22.76
CA ASN A 224 -2.90 -17.73 -21.66
C ASN A 224 -4.18 -17.48 -20.85
N ASP A 225 -4.68 -18.55 -20.23
CA ASP A 225 -5.97 -18.53 -19.54
C ASP A 225 -5.79 -19.02 -18.11
N VAL A 226 -6.25 -18.22 -17.16
CA VAL A 226 -6.35 -18.60 -15.76
C VAL A 226 -7.81 -18.46 -15.36
N GLY A 227 -8.13 -18.64 -14.09
CA GLY A 227 -9.51 -18.55 -13.66
C GLY A 227 -10.13 -17.19 -13.93
N THR A 228 -9.83 -16.17 -13.12
CA THR A 228 -10.38 -14.78 -13.30
C THR A 228 -11.39 -14.66 -14.46
N LEU A 229 -12.69 -14.81 -14.19
CA LEU A 229 -13.76 -14.80 -15.24
C LEU A 229 -14.21 -13.39 -15.66
N ARG A 230 -14.94 -13.28 -16.78
CA ARG A 230 -15.51 -11.98 -17.24
C ARG A 230 -17.04 -12.11 -17.22
N PRO A 231 -17.81 -11.13 -16.69
CA PRO A 231 -19.27 -11.29 -16.50
C PRO A 231 -20.30 -10.93 -17.59
N VAL A 232 -19.86 -10.35 -18.72
CA VAL A 232 -20.81 -9.89 -19.80
C VAL A 232 -21.65 -8.69 -19.31
N GLY A 233 -21.33 -7.49 -19.79
CA GLY A 233 -22.06 -6.29 -19.46
C GLY A 233 -22.29 -5.41 -20.67
N TYR A 234 -22.18 -4.09 -20.49
CA TYR A 234 -22.27 -3.19 -21.62
C TYR A 234 -21.01 -3.24 -22.47
N THR A 235 -19.95 -3.87 -21.96
CA THR A 235 -18.73 -4.06 -22.72
C THR A 235 -18.90 -5.22 -23.71
N ASN A 236 -17.86 -5.44 -24.52
CA ASN A 236 -17.88 -6.50 -25.53
C ASN A 236 -17.66 -7.84 -24.82
N HIS A 237 -18.73 -8.31 -24.17
CA HIS A 237 -18.72 -9.59 -23.45
C HIS A 237 -17.61 -9.66 -22.42
N ARG B 1 39.86 -30.55 -25.85
CA ARG B 1 39.01 -30.24 -27.00
C ARG B 1 38.65 -31.49 -27.78
N VAL B 2 39.07 -31.54 -29.04
CA VAL B 2 38.73 -32.66 -29.90
C VAL B 2 39.48 -33.91 -29.46
N ARG B 3 38.79 -35.05 -29.51
CA ARG B 3 39.36 -36.32 -29.07
C ARG B 3 39.02 -37.41 -30.08
N SER B 4 39.88 -38.42 -30.13
CA SER B 4 39.70 -39.56 -31.03
C SER B 4 39.71 -40.84 -30.21
N ILE B 5 38.81 -41.76 -30.56
CA ILE B 5 38.64 -43.02 -29.85
C ILE B 5 38.79 -44.15 -30.87
N THR B 6 39.66 -45.11 -30.56
CA THR B 6 39.99 -46.24 -31.44
C THR B 6 39.81 -47.54 -30.66
N LEU B 7 38.61 -48.09 -30.71
CA LEU B 7 38.36 -49.38 -30.07
C LEU B 7 38.48 -50.51 -31.09
N GLY B 8 39.12 -51.60 -30.67
CA GLY B 8 39.24 -52.78 -31.50
C GLY B 8 40.28 -52.64 -32.59
N ASN B 9 41.00 -51.52 -32.59
CA ASN B 9 42.10 -51.25 -33.52
C ASN B 9 41.61 -51.27 -34.97
N SER B 10 40.30 -51.31 -35.17
CA SER B 10 39.71 -51.31 -36.50
C SER B 10 38.62 -50.26 -36.65
N THR B 11 38.52 -49.31 -35.72
CA THR B 11 37.49 -48.29 -35.75
C THR B 11 38.09 -46.94 -35.39
N ILE B 12 37.41 -45.88 -35.80
CA ILE B 12 37.78 -44.51 -35.50
C ILE B 12 36.51 -43.75 -35.14
N THR B 13 36.59 -42.90 -34.12
CA THR B 13 35.48 -42.02 -33.77
C THR B 13 36.02 -40.71 -33.25
N THR B 14 35.50 -39.59 -33.75
CA THR B 14 35.95 -38.27 -33.35
C THR B 14 34.85 -37.56 -32.59
N GLN B 15 35.15 -37.10 -31.37
CA GLN B 15 34.19 -36.37 -30.57
C GLN B 15 34.93 -35.44 -29.62
N GLU B 16 34.33 -34.29 -29.35
CA GLU B 16 35.01 -33.26 -28.56
C GLU B 16 34.65 -33.33 -27.08
N CYS B 17 33.35 -33.22 -26.74
CA CYS B 17 32.89 -33.26 -25.37
C CYS B 17 31.43 -33.70 -25.35
N ALA B 18 31.13 -34.77 -24.62
CA ALA B 18 29.79 -35.31 -24.52
C ALA B 18 29.47 -35.64 -23.08
N ASN B 19 28.36 -35.09 -22.58
CA ASN B 19 27.90 -35.43 -21.24
C ASN B 19 27.37 -36.86 -21.24
N VAL B 20 27.80 -37.64 -20.26
CA VAL B 20 27.52 -39.07 -20.20
C VAL B 20 26.56 -39.33 -19.05
N VAL B 21 25.48 -40.05 -19.34
CA VAL B 21 24.57 -40.54 -18.31
C VAL B 21 24.71 -42.06 -18.27
N VAL B 22 25.18 -42.56 -17.13
CA VAL B 22 25.52 -43.98 -17.00
C VAL B 22 24.32 -44.75 -16.47
N GLY B 23 23.41 -45.16 -17.36
CA GLY B 23 22.31 -46.02 -16.97
C GLY B 23 21.59 -45.51 -15.74
N TYR B 24 21.47 -46.38 -14.74
CA TYR B 24 20.92 -46.02 -13.44
C TYR B 24 22.00 -45.77 -12.40
N GLY B 25 23.27 -45.69 -12.81
CA GLY B 25 24.37 -45.41 -11.91
C GLY B 25 25.43 -46.49 -11.87
N VAL B 26 25.18 -47.65 -12.49
CA VAL B 26 26.12 -48.77 -12.46
C VAL B 26 26.71 -48.96 -13.86
N TRP B 27 28.01 -49.17 -13.91
CA TRP B 27 28.69 -49.45 -15.15
C TRP B 27 28.53 -50.92 -15.52
N PRO B 28 28.62 -51.25 -16.82
CA PRO B 28 28.58 -52.67 -17.21
C PRO B 28 29.74 -53.43 -16.57
N SER B 29 29.44 -54.64 -16.11
CA SER B 29 30.42 -55.41 -15.36
C SER B 29 30.25 -56.88 -15.68
N TYR B 30 31.37 -57.61 -15.65
CA TYR B 30 31.33 -59.04 -15.85
C TYR B 30 30.57 -59.73 -14.71
N LEU B 31 29.85 -60.78 -15.05
CA LEU B 31 29.07 -61.51 -14.06
C LEU B 31 30.00 -62.13 -13.03
N GLN B 32 29.68 -61.95 -11.75
CA GLN B 32 30.55 -62.36 -10.66
C GLN B 32 30.13 -63.74 -10.13
N ASP B 33 30.92 -64.29 -9.22
CA ASP B 33 30.71 -65.66 -8.77
C ASP B 33 29.48 -65.77 -7.86
N ASN B 34 28.94 -64.64 -7.40
CA ASN B 34 27.80 -64.69 -6.51
C ASN B 34 26.55 -65.26 -7.19
N GLU B 35 26.32 -64.88 -8.45
CA GLU B 35 25.09 -65.22 -9.15
C GLU B 35 25.28 -66.24 -10.26
N ALA B 36 26.33 -67.06 -10.19
CA ALA B 36 26.60 -68.08 -11.22
C ALA B 36 26.40 -69.46 -10.62
N THR B 37 25.35 -70.16 -11.07
CA THR B 37 25.08 -71.52 -10.62
C THR B 37 24.61 -72.41 -11.77
N ALA B 38 24.90 -72.05 -13.02
CA ALA B 38 24.35 -72.76 -14.16
C ALA B 38 25.16 -74.02 -14.45
N GLU B 39 24.89 -74.60 -15.63
CA GLU B 39 25.53 -75.86 -16.02
C GLU B 39 27.05 -75.71 -16.11
N ASP B 40 27.52 -74.62 -16.72
CA ASP B 40 28.95 -74.41 -16.91
C ASP B 40 29.29 -72.94 -16.70
N GLN B 41 30.60 -72.65 -16.77
CA GLN B 41 31.14 -71.32 -16.54
C GLN B 41 30.95 -70.45 -17.78
N PRO B 42 30.88 -69.13 -17.61
CA PRO B 42 30.81 -68.24 -18.77
C PRO B 42 32.15 -68.09 -19.46
N THR B 43 32.11 -67.54 -20.67
CA THR B 43 33.30 -67.21 -21.44
C THR B 43 33.20 -65.76 -21.90
N GLN B 44 34.33 -65.14 -22.16
CA GLN B 44 34.34 -63.71 -22.49
C GLN B 44 35.11 -63.42 -23.78
N PRO B 45 34.59 -63.79 -24.95
CA PRO B 45 35.28 -63.44 -26.20
C PRO B 45 35.03 -62.00 -26.60
N ASP B 46 36.06 -61.17 -26.51
CA ASP B 46 35.94 -59.74 -26.79
C ASP B 46 36.83 -59.26 -27.93
N VAL B 47 37.32 -60.17 -28.77
CA VAL B 47 38.27 -59.82 -29.83
C VAL B 47 37.68 -58.76 -30.75
N ALA B 48 36.58 -59.08 -31.42
CA ALA B 48 35.94 -58.15 -32.34
C ALA B 48 34.56 -57.71 -31.87
N THR B 49 34.11 -58.16 -30.71
CA THR B 49 32.82 -57.72 -30.21
C THR B 49 32.89 -56.29 -29.68
N CYS B 50 34.07 -55.86 -29.25
CA CYS B 50 34.26 -54.51 -28.70
C CYS B 50 34.84 -53.62 -29.79
N ARG B 51 33.93 -53.01 -30.58
CA ARG B 51 34.31 -52.01 -31.58
C ARG B 51 33.05 -51.23 -31.93
N PHE B 52 33.23 -50.17 -32.70
CA PHE B 52 32.15 -49.22 -33.00
C PHE B 52 31.44 -49.65 -34.28
N TYR B 53 30.19 -50.05 -34.15
CA TYR B 53 29.34 -50.35 -35.29
C TYR B 53 28.51 -49.11 -35.60
N THR B 54 28.69 -48.57 -36.80
CA THR B 54 28.02 -47.34 -37.21
C THR B 54 26.75 -47.71 -37.97
N LEU B 55 25.60 -47.50 -37.35
CA LEU B 55 24.33 -47.74 -38.01
C LEU B 55 24.13 -46.73 -39.12
N ASP B 56 23.15 -46.97 -39.99
CA ASP B 56 22.92 -46.08 -41.13
C ASP B 56 22.43 -44.74 -40.62
N SER B 57 22.51 -43.70 -41.47
CA SER B 57 22.17 -42.33 -41.07
C SER B 57 20.72 -42.06 -41.44
N ILE B 58 20.01 -41.39 -40.54
CA ILE B 58 18.60 -41.06 -40.73
C ILE B 58 18.49 -39.56 -40.97
N GLN B 59 17.49 -39.16 -41.75
CA GLN B 59 17.31 -37.77 -42.14
C GLN B 59 16.17 -37.15 -41.35
N TRP B 60 16.49 -36.24 -40.44
CA TRP B 60 15.49 -35.48 -39.72
C TRP B 60 14.96 -34.37 -40.62
N GLN B 61 13.67 -34.42 -40.92
CA GLN B 61 13.04 -33.47 -41.83
C GLN B 61 12.01 -32.64 -41.07
N LYS B 62 11.31 -31.77 -41.80
CA LYS B 62 10.32 -30.91 -41.16
C LYS B 62 9.10 -31.70 -40.71
N GLU B 63 8.79 -32.79 -41.41
CA GLU B 63 7.58 -33.55 -41.09
C GLU B 63 7.89 -34.98 -40.70
N SER B 64 8.88 -35.17 -39.83
CA SER B 64 9.19 -36.47 -39.26
C SER B 64 8.69 -36.53 -37.82
N ASP B 65 8.45 -37.76 -37.35
CA ASP B 65 7.82 -37.94 -36.05
C ASP B 65 8.72 -38.60 -35.03
N GLY B 66 9.35 -39.71 -35.39
CA GLY B 66 10.23 -40.38 -34.46
C GLY B 66 10.85 -41.62 -35.08
N TRP B 67 11.80 -42.19 -34.36
CA TRP B 67 12.49 -43.40 -34.78
C TRP B 67 12.79 -44.24 -33.55
N TRP B 68 12.91 -45.55 -33.76
CA TRP B 68 12.92 -46.49 -32.64
C TRP B 68 13.45 -47.85 -33.07
N TRP B 69 14.53 -48.27 -32.43
CA TRP B 69 15.20 -49.55 -32.66
C TRP B 69 15.01 -50.47 -31.47
N LYS B 70 15.15 -51.77 -31.70
CA LYS B 70 15.10 -52.77 -30.64
C LYS B 70 16.43 -53.49 -30.53
N PHE B 71 17.04 -53.43 -29.33
CA PHE B 71 18.30 -54.12 -29.12
C PHE B 71 18.07 -55.43 -28.37
N PRO B 72 18.90 -56.45 -28.59
CA PRO B 72 20.10 -56.52 -29.44
C PRO B 72 19.80 -56.91 -30.89
N GLU B 73 18.53 -56.95 -31.26
CA GLU B 73 18.16 -57.34 -32.62
C GLU B 73 18.72 -56.38 -33.67
N ALA B 74 19.03 -55.15 -33.29
CA ALA B 74 19.54 -54.18 -34.27
C ALA B 74 20.93 -54.53 -34.78
N LEU B 75 21.64 -55.44 -34.11
CA LEU B 75 22.96 -55.90 -34.53
C LEU B 75 22.94 -57.39 -34.87
N LYS B 76 21.84 -57.85 -35.46
CA LYS B 76 21.69 -59.27 -35.75
C LYS B 76 22.71 -59.76 -36.77
N ASN B 77 23.00 -58.95 -37.79
CA ASN B 77 23.82 -59.37 -38.91
C ASN B 77 25.05 -58.47 -39.08
N MET B 78 25.76 -58.18 -38.00
CA MET B 78 26.93 -57.32 -38.05
C MET B 78 28.10 -57.99 -37.35
N GLY B 79 28.99 -58.60 -38.13
CA GLY B 79 30.30 -59.04 -37.68
C GLY B 79 30.30 -60.15 -36.63
N LEU B 80 31.35 -60.12 -35.82
CA LEU B 80 31.55 -61.17 -34.82
C LEU B 80 30.44 -61.17 -33.78
N PHE B 81 29.87 -60.01 -33.50
CA PHE B 81 28.72 -59.97 -32.60
C PHE B 81 27.57 -60.78 -33.16
N GLY B 82 27.26 -60.59 -34.45
CA GLY B 82 26.21 -61.39 -35.07
C GLY B 82 26.56 -62.86 -35.12
N GLN B 83 27.83 -63.18 -35.36
CA GLN B 83 28.25 -64.58 -35.38
C GLN B 83 28.03 -65.24 -34.02
N ASN B 84 28.50 -64.60 -32.95
CA ASN B 84 28.35 -65.16 -31.61
C ASN B 84 26.89 -65.21 -31.19
N MET B 85 26.08 -64.24 -31.67
CA MET B 85 24.65 -64.29 -31.40
C MET B 85 24.03 -65.55 -31.99
N GLU B 86 24.43 -65.92 -33.19
CA GLU B 86 23.90 -67.10 -33.85
C GLU B 86 24.41 -68.38 -33.18
N TYR B 87 25.70 -68.43 -32.88
CA TYR B 87 26.30 -69.66 -32.36
C TYR B 87 25.91 -69.95 -30.92
N HIS B 88 26.26 -69.06 -30.00
CA HIS B 88 26.04 -69.33 -28.59
C HIS B 88 24.56 -69.28 -28.24
N TYR B 89 24.14 -70.16 -27.34
CA TYR B 89 22.74 -70.23 -26.96
C TYR B 89 22.35 -69.09 -26.04
N LEU B 90 23.20 -68.76 -25.06
CA LEU B 90 22.90 -67.73 -24.07
C LEU B 90 23.73 -66.48 -24.35
N GLY B 91 23.46 -65.43 -23.57
CA GLY B 91 24.17 -64.19 -23.79
C GLY B 91 23.97 -63.19 -22.67
N ARG B 92 24.83 -62.17 -22.69
CA ARG B 92 24.77 -61.05 -21.75
C ARG B 92 25.70 -59.96 -22.25
N SER B 93 25.25 -58.71 -22.20
CA SER B 93 26.09 -57.60 -22.63
C SER B 93 25.47 -56.28 -22.18
N GLY B 94 26.31 -55.26 -22.12
CA GLY B 94 25.88 -53.89 -21.99
C GLY B 94 26.21 -53.11 -23.26
N TYR B 95 25.71 -51.88 -23.31
CA TYR B 95 25.84 -51.11 -24.53
C TYR B 95 26.23 -49.67 -24.23
N THR B 96 26.82 -49.02 -25.23
CA THR B 96 27.10 -47.59 -25.20
C THR B 96 26.62 -47.00 -26.52
N ILE B 97 25.73 -46.02 -26.45
CA ILE B 97 25.09 -45.45 -27.62
C ILE B 97 25.51 -44.00 -27.76
N HIS B 98 26.05 -43.65 -28.94
CA HIS B 98 26.40 -42.29 -29.31
C HIS B 98 25.44 -41.85 -30.40
N VAL B 99 24.72 -40.76 -30.16
CA VAL B 99 23.84 -40.17 -31.16
C VAL B 99 24.40 -38.80 -31.50
N GLN B 100 24.65 -38.56 -32.79
CA GLN B 100 25.26 -37.32 -33.24
C GLN B 100 24.44 -36.72 -34.37
N CYS B 101 24.13 -35.44 -34.25
CA CYS B 101 23.44 -34.68 -35.28
C CYS B 101 24.44 -33.80 -36.02
N ASN B 102 24.14 -33.54 -37.29
CA ASN B 102 24.97 -32.67 -38.13
C ASN B 102 24.13 -31.48 -38.60
N ALA B 103 24.12 -30.43 -37.80
CA ALA B 103 23.34 -29.23 -38.08
C ALA B 103 24.20 -27.98 -37.94
N SER B 104 23.87 -26.97 -38.74
CA SER B 104 24.60 -25.71 -38.75
C SER B 104 24.01 -24.79 -37.68
N LYS B 105 24.38 -23.51 -37.70
CA LYS B 105 23.92 -22.54 -36.74
C LYS B 105 22.64 -21.82 -37.19
N PHE B 106 22.11 -22.15 -38.35
CA PHE B 106 20.87 -21.57 -38.85
C PHE B 106 19.71 -22.53 -38.81
N HIS B 107 19.90 -23.73 -38.24
CA HIS B 107 18.84 -24.71 -38.05
C HIS B 107 18.43 -24.72 -36.59
N GLN B 108 17.17 -25.09 -36.35
CA GLN B 108 16.64 -25.14 -35.00
C GLN B 108 15.85 -26.42 -34.80
N GLY B 109 15.80 -26.88 -33.56
CA GLY B 109 15.07 -28.10 -33.25
C GLY B 109 15.44 -28.59 -31.86
N CYS B 110 14.90 -29.77 -31.54
CA CYS B 110 15.15 -30.39 -30.25
C CYS B 110 14.78 -31.87 -30.35
N LEU B 111 15.49 -32.70 -29.58
CA LEU B 111 15.34 -34.14 -29.66
C LEU B 111 15.44 -34.73 -28.26
N LEU B 112 14.62 -35.73 -27.98
CA LEU B 112 14.75 -36.54 -26.78
C LEU B 112 15.15 -37.95 -27.20
N VAL B 113 16.22 -38.46 -26.63
CA VAL B 113 16.70 -39.81 -26.91
C VAL B 113 16.58 -40.61 -25.62
N VAL B 114 15.80 -41.69 -25.65
CA VAL B 114 15.50 -42.48 -24.46
C VAL B 114 15.83 -43.94 -24.71
N CYS B 115 16.19 -44.65 -23.65
CA CYS B 115 16.43 -46.09 -23.68
C CYS B 115 15.44 -46.75 -22.73
N VAL B 116 14.40 -47.37 -23.28
CA VAL B 116 13.28 -47.92 -22.53
C VAL B 116 13.51 -49.41 -22.34
N PRO B 117 13.71 -49.89 -21.11
CA PRO B 117 13.83 -51.34 -20.90
C PRO B 117 12.49 -52.02 -20.97
N GLU B 118 12.42 -53.09 -21.79
CA GLU B 118 11.23 -53.91 -21.93
C GLU B 118 10.01 -53.07 -22.31
N ALA B 119 10.07 -52.50 -23.51
CA ALA B 119 9.01 -51.65 -24.02
C ALA B 119 7.99 -52.51 -24.75
N GLU B 120 7.11 -53.14 -23.96
CA GLU B 120 6.03 -53.94 -24.53
C GLU B 120 5.04 -53.01 -25.24
N MET B 121 4.72 -53.33 -26.49
CA MET B 121 3.93 -52.45 -27.33
C MET B 121 2.54 -53.02 -27.58
N GLY B 122 1.68 -52.20 -28.16
CA GLY B 122 0.30 -52.57 -28.38
C GLY B 122 -0.04 -52.60 -29.86
N CYS B 123 -1.03 -53.41 -30.21
CA CYS B 123 -1.43 -53.59 -31.59
C CYS B 123 -2.42 -52.51 -32.03
N SER B 124 -2.54 -52.35 -33.35
CA SER B 124 -3.46 -51.38 -33.90
C SER B 124 -4.91 -51.80 -33.67
N ASP B 125 -5.23 -53.06 -33.96
CA ASP B 125 -6.54 -53.62 -33.67
C ASP B 125 -6.49 -54.23 -32.28
N VAL B 126 -7.31 -53.71 -31.37
CA VAL B 126 -7.19 -54.05 -29.95
C VAL B 126 -7.40 -55.54 -29.73
N GLU B 127 -8.25 -56.17 -30.54
CA GLU B 127 -8.55 -57.59 -30.33
C GLU B 127 -7.39 -58.48 -30.75
N ARG B 128 -6.67 -58.10 -31.80
CA ARG B 128 -5.64 -58.96 -32.35
C ARG B 128 -4.27 -58.58 -31.79
N GLU B 129 -3.27 -59.38 -32.15
CA GLU B 129 -1.92 -59.26 -31.61
C GLU B 129 -0.93 -58.86 -32.69
N VAL B 130 0.32 -58.66 -32.27
CA VAL B 130 1.37 -58.15 -33.14
C VAL B 130 2.21 -59.29 -33.69
N VAL B 131 3.03 -59.00 -34.69
CA VAL B 131 3.87 -59.98 -35.36
C VAL B 131 5.31 -59.48 -35.33
N ALA B 132 6.25 -60.42 -35.47
CA ALA B 132 7.66 -60.10 -35.29
C ALA B 132 8.14 -59.10 -36.34
N ALA B 133 7.55 -59.11 -37.53
CA ALA B 133 7.97 -58.18 -38.57
C ALA B 133 7.73 -56.74 -38.17
N SER B 134 6.57 -56.45 -37.60
CA SER B 134 6.25 -55.08 -37.20
C SER B 134 7.04 -54.67 -35.96
N LEU B 135 7.36 -55.63 -35.08
CA LEU B 135 8.01 -55.30 -33.81
C LEU B 135 9.43 -54.81 -34.03
N SER B 136 10.09 -55.25 -35.11
CA SER B 136 11.46 -54.83 -35.35
C SER B 136 11.88 -55.23 -36.76
N SER B 137 12.47 -54.28 -37.48
CA SER B 137 13.15 -54.58 -38.72
C SER B 137 14.54 -55.11 -38.41
N GLU B 138 15.29 -55.46 -39.46
CA GLU B 138 16.61 -56.04 -39.27
C GLU B 138 17.54 -55.09 -38.51
N ASP B 139 17.87 -53.95 -39.13
CA ASP B 139 18.62 -52.91 -38.44
C ASP B 139 18.19 -51.50 -38.83
N THR B 140 17.08 -51.37 -39.55
CA THR B 140 16.57 -50.06 -39.93
C THR B 140 15.60 -49.57 -38.86
N ALA B 141 15.26 -48.29 -38.95
CA ALA B 141 14.46 -47.62 -37.93
C ALA B 141 13.00 -47.57 -38.37
N LYS B 142 12.14 -48.26 -37.63
CA LYS B 142 10.72 -48.04 -37.79
C LYS B 142 10.35 -46.65 -37.27
N SER B 143 9.33 -46.06 -37.88
CA SER B 143 8.98 -44.67 -37.59
C SER B 143 7.55 -44.60 -37.06
N PHE B 144 7.33 -43.67 -36.14
CA PHE B 144 5.99 -43.43 -35.61
C PHE B 144 5.12 -42.76 -36.67
N SER B 145 3.88 -42.50 -36.30
CA SER B 145 2.92 -41.84 -37.18
C SER B 145 2.23 -40.71 -36.44
N ARG B 146 1.86 -39.67 -37.20
CA ARG B 146 1.17 -38.54 -36.61
C ARG B 146 -0.30 -38.84 -36.32
N THR B 147 -0.92 -39.66 -37.16
CA THR B 147 -2.30 -40.08 -36.96
C THR B 147 -2.34 -41.56 -36.58
N GLU B 148 -3.54 -42.09 -36.45
CA GLU B 148 -3.72 -43.47 -36.04
C GLU B 148 -3.26 -44.43 -37.14
N SER B 149 -2.99 -45.67 -36.74
CA SER B 149 -2.62 -46.74 -37.67
C SER B 149 -3.81 -47.68 -37.83
N ASN B 150 -4.01 -48.17 -39.05
CA ASN B 150 -5.19 -48.95 -39.39
C ASN B 150 -4.89 -50.40 -39.72
N GLY B 151 -3.68 -50.87 -39.47
CA GLY B 151 -3.33 -52.25 -39.77
C GLY B 151 -4.02 -53.22 -38.83
N GLN B 152 -3.84 -54.51 -39.14
CA GLN B 152 -4.39 -55.57 -38.30
C GLN B 152 -3.36 -56.13 -37.33
N HIS B 153 -2.15 -56.43 -37.81
CA HIS B 153 -1.07 -56.96 -37.00
C HIS B 153 0.09 -55.98 -36.91
N THR B 154 -0.21 -54.69 -36.93
CA THR B 154 0.81 -53.65 -36.91
C THR B 154 0.74 -52.91 -35.58
N VAL B 155 1.92 -52.58 -35.04
CA VAL B 155 2.00 -51.85 -33.79
C VAL B 155 1.32 -50.50 -33.93
N GLN B 156 0.66 -50.05 -32.86
CA GLN B 156 0.15 -48.70 -32.82
C GLN B 156 1.32 -47.73 -32.88
N THR B 157 1.21 -46.71 -33.74
CA THR B 157 2.34 -45.83 -34.03
C THR B 157 2.01 -44.36 -33.82
N VAL B 158 0.98 -44.05 -33.02
CA VAL B 158 0.74 -42.65 -32.66
C VAL B 158 1.88 -42.19 -31.77
N VAL B 159 2.40 -40.99 -32.06
CA VAL B 159 3.63 -40.54 -31.42
C VAL B 159 3.38 -40.05 -30.00
N TYR B 160 2.21 -39.51 -29.70
CA TYR B 160 1.95 -38.94 -28.39
C TYR B 160 1.51 -39.97 -27.36
N ASN B 161 1.40 -41.24 -27.74
CA ASN B 161 1.28 -42.32 -26.79
C ASN B 161 2.49 -43.24 -26.79
N ALA B 162 3.49 -42.96 -27.61
CA ALA B 162 4.76 -43.67 -27.68
C ALA B 162 4.61 -45.11 -28.15
N GLY B 163 3.41 -45.55 -28.50
CA GLY B 163 3.20 -46.91 -28.94
C GLY B 163 3.16 -47.89 -27.78
N MET B 164 3.20 -47.36 -26.57
CA MET B 164 3.24 -48.16 -25.35
C MET B 164 1.99 -48.00 -24.49
N GLY B 165 1.24 -46.91 -24.67
CA GLY B 165 0.08 -46.65 -23.85
C GLY B 165 0.28 -45.60 -22.77
N VAL B 166 1.46 -45.01 -22.67
CA VAL B 166 1.76 -44.01 -21.65
C VAL B 166 1.98 -42.67 -22.34
N GLY B 167 1.89 -41.59 -21.55
CA GLY B 167 2.10 -40.26 -22.10
C GLY B 167 3.53 -40.11 -22.59
N VAL B 168 3.69 -39.40 -23.70
CA VAL B 168 5.00 -39.23 -24.31
C VAL B 168 5.80 -38.21 -23.51
N GLY B 169 5.10 -37.40 -22.71
CA GLY B 169 5.77 -36.40 -21.90
C GLY B 169 6.40 -36.97 -20.65
N ASN B 170 6.01 -38.20 -20.29
CA ASN B 170 6.53 -38.86 -19.10
C ASN B 170 7.53 -39.95 -19.42
N LEU B 171 8.22 -39.85 -20.56
CA LEU B 171 9.26 -40.81 -20.92
C LEU B 171 10.62 -40.42 -20.39
N THR B 172 10.71 -39.32 -19.62
CA THR B 172 11.98 -38.89 -19.06
C THR B 172 12.36 -39.65 -17.80
N ILE B 173 11.48 -40.50 -17.28
CA ILE B 173 11.81 -41.35 -16.14
C ILE B 173 12.85 -42.42 -16.50
N PHE B 174 12.99 -42.74 -17.77
CA PHE B 174 13.98 -43.68 -18.27
C PHE B 174 15.30 -42.97 -18.53
N PRO B 175 16.39 -43.71 -18.71
CA PRO B 175 17.64 -43.07 -19.14
C PRO B 175 17.43 -42.33 -20.45
N HIS B 176 17.91 -41.09 -20.50
CA HIS B 176 17.55 -40.20 -21.58
C HIS B 176 18.58 -39.09 -21.72
N GLN B 177 18.47 -38.37 -22.83
CA GLN B 177 19.32 -37.20 -23.06
C GLN B 177 18.59 -36.26 -24.02
N TRP B 178 18.81 -34.96 -23.82
CA TRP B 178 18.23 -33.95 -24.70
C TRP B 178 19.29 -33.40 -25.64
N ILE B 179 18.95 -33.34 -26.92
CA ILE B 179 19.81 -32.76 -27.94
C ILE B 179 19.15 -31.50 -28.45
N ASN B 180 19.77 -30.35 -28.21
CA ASN B 180 19.24 -29.06 -28.62
C ASN B 180 20.23 -28.43 -29.58
N LEU B 181 19.79 -28.23 -30.83
CA LEU B 181 20.69 -27.74 -31.87
C LEU B 181 21.23 -26.35 -31.55
N ARG B 182 20.60 -25.62 -30.64
CA ARG B 182 21.11 -24.31 -30.26
C ARG B 182 22.38 -24.42 -29.45
N THR B 183 22.47 -25.41 -28.56
CA THR B 183 23.59 -25.49 -27.64
C THR B 183 24.32 -26.83 -27.70
N ASN B 184 23.61 -27.93 -27.91
CA ASN B 184 24.18 -29.25 -27.81
C ASN B 184 24.18 -29.95 -29.17
N ASN B 185 25.04 -30.96 -29.31
CA ASN B 185 25.21 -31.64 -30.59
C ASN B 185 25.28 -33.15 -30.49
N SER B 186 25.47 -33.73 -29.31
CA SER B 186 25.67 -35.17 -29.22
C SER B 186 25.14 -35.69 -27.89
N ALA B 187 24.81 -36.98 -27.89
CA ALA B 187 24.31 -37.66 -26.69
C ALA B 187 25.02 -38.99 -26.55
N THR B 188 25.34 -39.35 -25.30
CA THR B 188 25.99 -40.62 -24.99
C THR B 188 25.26 -41.27 -23.83
N ILE B 189 24.77 -42.48 -24.05
CA ILE B 189 23.98 -43.21 -23.05
C ILE B 189 24.60 -44.58 -22.86
N VAL B 190 24.98 -44.90 -21.63
CA VAL B 190 25.56 -46.20 -21.32
C VAL B 190 24.50 -47.03 -20.60
N MET B 191 24.12 -48.15 -21.22
CA MET B 191 23.05 -49.00 -20.70
C MET B 191 23.62 -50.30 -20.17
N PRO B 192 23.50 -50.58 -18.87
CA PRO B 192 23.92 -51.88 -18.34
C PRO B 192 22.94 -52.99 -18.72
N TYR B 193 23.15 -54.19 -18.19
CA TYR B 193 22.27 -55.32 -18.45
C TYR B 193 21.15 -55.31 -17.42
N ILE B 194 19.91 -55.16 -17.88
CA ILE B 194 18.75 -55.09 -17.00
C ILE B 194 17.82 -56.25 -17.37
N ASN B 195 17.76 -57.26 -16.50
CA ASN B 195 16.89 -58.40 -16.71
C ASN B 195 16.75 -59.13 -15.39
N SER B 196 15.72 -59.98 -15.31
CA SER B 196 15.41 -60.71 -14.08
C SER B 196 16.21 -61.99 -13.92
N VAL B 197 16.97 -62.40 -14.93
CA VAL B 197 17.78 -63.61 -14.85
C VAL B 197 19.21 -63.28 -15.26
N PRO B 198 20.22 -63.97 -14.73
CA PRO B 198 21.61 -63.61 -15.08
C PRO B 198 21.91 -63.71 -16.57
N MET B 199 21.36 -64.70 -17.26
CA MET B 199 21.56 -64.83 -18.70
C MET B 199 20.26 -65.25 -19.37
N ASP B 200 20.09 -64.85 -20.62
CA ASP B 200 18.89 -65.17 -21.37
C ASP B 200 19.22 -65.16 -22.86
N ASN B 201 18.37 -65.79 -23.64
CA ASN B 201 18.54 -65.87 -25.08
C ASN B 201 18.35 -64.50 -25.72
N MET B 202 19.26 -64.12 -26.63
CA MET B 202 19.17 -62.82 -27.27
C MET B 202 18.08 -62.79 -28.34
N PHE B 203 17.90 -63.89 -29.06
CA PHE B 203 17.03 -63.88 -30.23
C PHE B 203 15.57 -63.62 -29.85
N ARG B 204 15.07 -64.33 -28.85
CA ARG B 204 13.65 -64.23 -28.51
C ARG B 204 13.34 -62.99 -27.69
N HIS B 205 14.30 -62.53 -26.88
CA HIS B 205 14.05 -61.45 -25.94
C HIS B 205 14.58 -60.12 -26.47
N TYR B 206 13.78 -59.08 -26.30
CA TYR B 206 14.12 -57.71 -26.70
C TYR B 206 14.48 -56.96 -25.42
N ASN B 207 15.78 -56.82 -25.16
CA ASN B 207 16.23 -56.27 -23.89
C ASN B 207 15.71 -54.86 -23.67
N PHE B 208 15.86 -53.99 -24.67
CA PHE B 208 15.36 -52.62 -24.56
C PHE B 208 15.18 -52.00 -25.93
N THR B 209 14.66 -50.78 -25.92
CA THR B 209 14.29 -50.05 -27.12
C THR B 209 14.92 -48.66 -27.08
N LEU B 210 15.44 -48.22 -28.21
CA LEU B 210 16.02 -46.89 -28.34
C LEU B 210 15.06 -46.01 -29.14
N MET B 211 14.60 -44.93 -28.52
CA MET B 211 13.61 -44.04 -29.15
C MET B 211 14.19 -42.64 -29.28
N ILE B 212 13.96 -42.03 -30.44
CA ILE B 212 14.39 -40.66 -30.72
C ILE B 212 13.19 -39.84 -31.18
N ILE B 213 12.70 -38.96 -30.32
CA ILE B 213 11.46 -38.24 -30.58
C ILE B 213 11.78 -36.74 -30.62
N PRO B 214 11.53 -36.06 -31.74
CA PRO B 214 11.67 -34.59 -31.76
C PRO B 214 10.45 -33.88 -31.19
N PHE B 215 10.62 -33.21 -30.04
CA PHE B 215 9.52 -32.43 -29.48
C PHE B 215 9.33 -31.13 -30.23
N ALA B 216 10.44 -30.49 -30.62
CA ALA B 216 10.40 -29.25 -31.39
C ALA B 216 10.75 -29.56 -32.84
N LYS B 217 9.89 -29.14 -33.76
CA LYS B 217 10.06 -29.45 -35.16
C LYS B 217 11.29 -28.72 -35.73
N LEU B 218 11.83 -29.28 -36.80
CA LEU B 218 12.97 -28.67 -37.49
C LEU B 218 12.44 -27.57 -38.41
N GLU B 219 13.00 -26.38 -38.29
CA GLU B 219 12.60 -25.23 -39.10
C GLU B 219 13.84 -24.59 -39.71
N TYR B 220 13.73 -24.16 -40.96
CA TYR B 220 14.85 -23.56 -41.68
C TYR B 220 14.32 -22.64 -42.76
N THR B 221 15.21 -21.78 -43.25
CA THR B 221 14.89 -20.92 -44.37
C THR B 221 14.96 -21.70 -45.68
N GLU B 222 14.47 -21.10 -46.75
CA GLU B 222 14.37 -21.81 -48.03
C GLU B 222 15.73 -22.27 -48.53
N GLN B 223 16.76 -21.45 -48.33
CA GLN B 223 18.09 -21.78 -48.84
C GLN B 223 18.96 -22.44 -47.78
N ALA B 224 18.76 -23.73 -47.55
CA ALA B 224 19.55 -24.50 -46.62
C ALA B 224 19.34 -25.98 -46.92
N SER B 225 19.96 -26.84 -46.13
CA SER B 225 19.74 -28.27 -46.27
C SER B 225 18.35 -28.63 -45.76
N ASN B 226 17.60 -29.36 -46.57
CA ASN B 226 16.23 -29.71 -46.22
C ASN B 226 16.16 -30.95 -45.33
N TYR B 227 17.28 -31.28 -44.68
CA TYR B 227 17.31 -32.38 -43.72
C TYR B 227 18.50 -32.16 -42.79
N VAL B 228 18.48 -32.83 -41.64
CA VAL B 228 19.62 -32.85 -40.73
C VAL B 228 20.00 -34.31 -40.50
N PRO B 229 21.26 -34.69 -40.74
CA PRO B 229 21.63 -36.09 -40.54
C PRO B 229 21.79 -36.43 -39.07
N ILE B 230 21.31 -37.62 -38.71
CA ILE B 230 21.48 -38.19 -37.39
C ILE B 230 22.16 -39.55 -37.55
N THR B 231 23.19 -39.79 -36.73
CA THR B 231 24.01 -40.98 -36.82
C THR B 231 24.08 -41.64 -35.45
N VAL B 232 24.00 -42.97 -35.43
CA VAL B 232 23.98 -43.76 -34.20
C VAL B 232 25.15 -44.73 -34.23
N THR B 233 25.88 -44.81 -33.13
CA THR B 233 27.04 -45.69 -32.99
C THR B 233 26.91 -46.47 -31.69
N VAL B 234 27.07 -47.79 -31.76
CA VAL B 234 26.98 -48.65 -30.60
C VAL B 234 28.34 -49.30 -30.33
N ALA B 235 28.53 -49.78 -29.11
CA ALA B 235 29.78 -50.42 -28.72
C ALA B 235 29.56 -51.35 -27.54
N PRO B 236 29.34 -52.64 -27.76
CA PRO B 236 29.07 -53.56 -26.66
C PRO B 236 30.25 -53.67 -25.71
N MET B 237 29.96 -53.91 -24.43
CA MET B 237 30.98 -54.14 -23.43
C MET B 237 30.58 -55.31 -22.54
N CYS B 238 31.57 -56.03 -22.03
CA CYS B 238 31.37 -57.12 -21.09
C CYS B 238 30.41 -58.18 -21.64
N ALA B 239 30.73 -58.65 -22.85
CA ALA B 239 29.89 -59.62 -23.54
C ALA B 239 30.29 -61.03 -23.12
N GLU B 240 29.33 -61.79 -22.61
CA GLU B 240 29.56 -63.14 -22.13
C GLU B 240 28.73 -64.14 -22.93
N TYR B 241 29.13 -65.41 -22.87
CA TYR B 241 28.42 -66.49 -23.53
C TYR B 241 28.61 -67.77 -22.74
N ASN B 242 27.72 -68.73 -22.97
CA ASN B 242 27.80 -70.00 -22.27
C ASN B 242 28.99 -70.81 -22.76
N GLY B 243 29.53 -71.66 -21.88
CA GLY B 243 30.62 -72.54 -22.27
C GLY B 243 30.09 -73.76 -23.03
N LEU B 244 30.92 -74.28 -23.93
CA LEU B 244 30.53 -75.38 -24.81
C LEU B 244 31.50 -76.54 -24.71
N ARG B 245 32.10 -76.74 -23.54
CA ARG B 245 33.07 -77.81 -23.32
C ARG B 245 32.64 -78.64 -22.12
N LEU B 246 33.12 -79.89 -22.11
CA LEU B 246 32.73 -80.82 -21.06
C LEU B 246 33.29 -80.39 -19.70
N ALA B 247 32.48 -80.58 -18.66
CA ALA B 247 32.88 -80.22 -17.31
C ALA B 247 33.94 -81.17 -16.77
N MET C 1 -10.39 -61.12 30.06
CA MET C 1 -9.43 -61.75 29.15
C MET C 1 -9.65 -61.29 27.71
N LEU C 2 -10.72 -61.77 27.08
CA LEU C 2 -10.99 -61.51 25.67
C LEU C 2 -12.27 -60.72 25.52
N THR C 3 -12.18 -59.60 24.81
CA THR C 3 -13.36 -58.90 24.33
C THR C 3 -13.85 -59.55 23.04
N PRO C 4 -15.13 -59.39 22.69
CA PRO C 4 -15.59 -59.88 21.38
C PRO C 4 -14.85 -59.25 20.22
N GLY C 5 -14.26 -58.07 20.41
CA GLY C 5 -13.45 -57.44 19.38
C GLY C 5 -12.05 -58.00 19.26
N SER C 6 -11.69 -59.00 20.07
CA SER C 6 -10.39 -59.64 19.92
C SER C 6 -10.38 -60.58 18.72
N ASN C 7 -11.49 -61.26 18.46
CA ASN C 7 -11.63 -62.11 17.27
C ASN C 7 -12.40 -61.33 16.20
N GLN C 8 -11.64 -60.65 15.36
CA GLN C 8 -12.21 -59.84 14.29
C GLN C 8 -11.18 -59.72 13.18
N PHE C 9 -11.64 -59.30 12.01
CA PHE C 9 -10.77 -59.07 10.86
C PHE C 9 -10.76 -57.57 10.56
N LEU C 10 -9.64 -56.93 10.84
CA LEU C 10 -9.43 -55.52 10.53
C LEU C 10 -8.49 -55.43 9.32
N THR C 11 -8.95 -54.74 8.27
CA THR C 11 -8.26 -54.81 6.99
C THR C 11 -7.11 -53.82 6.91
N SER C 12 -6.64 -53.33 8.05
CA SER C 12 -5.50 -52.42 8.11
C SER C 12 -4.58 -52.79 9.25
N ASP C 13 -4.29 -54.08 9.41
CA ASP C 13 -3.47 -54.57 10.51
C ASP C 13 -2.36 -55.47 9.98
N ASP C 14 -1.29 -55.58 10.76
CA ASP C 14 -0.15 -56.40 10.39
C ASP C 14 -0.04 -57.53 11.41
N PHE C 15 -0.27 -58.76 10.95
CA PHE C 15 -0.13 -59.95 11.79
C PHE C 15 0.59 -61.03 11.00
N GLN C 16 1.57 -61.67 11.64
CA GLN C 16 2.27 -62.76 11.00
C GLN C 16 1.30 -63.91 10.72
N SER C 17 1.37 -64.44 9.50
CA SER C 17 0.44 -65.48 9.09
C SER C 17 1.15 -66.82 9.02
N PRO C 18 0.43 -67.92 9.26
CA PRO C 18 1.05 -69.24 9.13
C PRO C 18 1.54 -69.47 7.71
N SER C 19 2.73 -70.04 7.60
CA SER C 19 3.36 -70.23 6.30
C SER C 19 2.76 -71.45 5.61
N ALA C 20 2.30 -71.27 4.37
CA ALA C 20 1.64 -72.36 3.67
C ALA C 20 2.61 -73.47 3.28
N MET C 21 3.78 -73.10 2.76
CA MET C 21 4.74 -74.05 2.21
C MET C 21 6.11 -73.84 2.82
N PRO C 22 6.33 -74.36 4.03
CA PRO C 22 7.70 -74.39 4.57
C PRO C 22 8.54 -75.42 3.84
N GLN C 23 9.81 -75.50 4.23
CA GLN C 23 10.79 -76.39 3.61
C GLN C 23 11.08 -75.98 2.16
N PHE C 24 10.54 -74.84 1.75
CA PHE C 24 10.75 -74.32 0.40
C PHE C 24 11.89 -73.30 0.45
N ASP C 25 12.89 -73.48 -0.42
CA ASP C 25 14.07 -72.63 -0.41
C ASP C 25 13.98 -71.68 -1.60
N VAL C 26 13.75 -70.39 -1.30
CA VAL C 26 13.50 -69.41 -2.34
C VAL C 26 14.75 -69.18 -3.17
N THR C 27 14.57 -68.62 -4.36
CA THR C 27 15.69 -68.32 -5.22
C THR C 27 16.48 -67.14 -4.66
N PRO C 28 17.81 -67.22 -4.59
CA PRO C 28 18.59 -66.12 -4.02
C PRO C 28 18.45 -64.84 -4.83
N GLU C 29 18.51 -63.72 -4.14
CA GLU C 29 18.40 -62.41 -4.78
C GLU C 29 19.61 -62.13 -5.65
N MET C 30 19.42 -61.25 -6.63
CA MET C 30 20.49 -60.82 -7.51
C MET C 30 20.45 -59.31 -7.64
N LYS C 31 21.48 -58.75 -8.28
CA LYS C 31 21.65 -57.30 -8.36
C LYS C 31 21.00 -56.78 -9.63
N ILE C 32 19.79 -56.28 -9.52
CA ILE C 32 19.08 -55.62 -10.62
C ILE C 32 19.25 -54.12 -10.44
N PRO C 33 19.88 -53.42 -11.39
CA PRO C 33 20.11 -51.98 -11.20
C PRO C 33 18.81 -51.19 -11.20
N GLY C 34 18.82 -50.08 -10.48
CA GLY C 34 17.70 -49.17 -10.49
C GLY C 34 16.57 -49.54 -9.55
N GLU C 35 16.88 -49.68 -8.27
CA GLU C 35 15.90 -50.04 -7.26
C GLU C 35 15.29 -48.78 -6.67
N VAL C 36 14.00 -48.83 -6.38
CA VAL C 36 13.28 -47.69 -5.81
C VAL C 36 12.91 -48.03 -4.36
N HIS C 37 13.21 -47.12 -3.45
CA HIS C 37 12.86 -47.28 -2.05
C HIS C 37 11.71 -46.38 -1.61
N ASN C 38 11.53 -45.23 -2.26
CA ASN C 38 10.46 -44.30 -1.92
C ASN C 38 9.93 -43.67 -3.21
N LEU C 39 8.66 -43.30 -3.19
CA LEU C 39 8.02 -42.78 -4.40
C LEU C 39 8.35 -41.33 -4.69
N MET C 40 8.97 -40.61 -3.75
CA MET C 40 9.33 -39.22 -4.02
C MET C 40 10.42 -39.12 -5.06
N GLU C 41 11.28 -40.13 -5.16
CA GLU C 41 12.30 -40.12 -6.21
C GLU C 41 11.67 -40.18 -7.59
N ILE C 42 10.46 -40.71 -7.70
CA ILE C 42 9.74 -40.71 -8.97
C ILE C 42 9.25 -39.30 -9.30
N ALA C 43 8.78 -38.57 -8.29
CA ALA C 43 8.29 -37.22 -8.52
C ALA C 43 9.43 -36.25 -8.81
N GLU C 44 10.60 -36.48 -8.19
CA GLU C 44 11.68 -35.50 -8.27
C GLU C 44 12.28 -35.38 -9.68
N VAL C 45 11.96 -36.29 -10.59
CA VAL C 45 12.51 -36.20 -11.94
C VAL C 45 11.70 -35.19 -12.76
N ASP C 46 12.29 -34.72 -13.86
CA ASP C 46 11.71 -33.67 -14.67
C ASP C 46 10.86 -34.25 -15.79
N SER C 47 9.67 -33.69 -15.97
CA SER C 47 8.76 -34.11 -17.02
C SER C 47 8.17 -32.90 -17.72
N VAL C 48 7.76 -33.09 -18.97
CA VAL C 48 7.27 -31.99 -19.79
C VAL C 48 5.82 -31.69 -19.43
N VAL C 49 5.45 -30.41 -19.52
CA VAL C 49 4.13 -29.93 -19.15
C VAL C 49 3.40 -29.51 -20.42
N PRO C 50 2.24 -30.08 -20.72
CA PRO C 50 1.45 -29.65 -21.90
C PRO C 50 0.73 -28.32 -21.66
N VAL C 51 1.48 -27.23 -21.79
CA VAL C 51 0.93 -25.91 -21.51
C VAL C 51 -0.13 -25.54 -22.56
N ASN C 52 0.17 -25.78 -23.82
CA ASN C 52 -0.65 -25.29 -24.93
C ASN C 52 -1.70 -26.34 -25.30
N ASN C 53 -2.71 -26.47 -24.44
CA ASN C 53 -3.83 -27.36 -24.68
C ASN C 53 -5.08 -26.51 -24.92
N THR C 54 -5.57 -26.51 -26.17
CA THR C 54 -6.69 -25.66 -26.55
C THR C 54 -7.74 -26.41 -27.36
N LYS C 55 -8.13 -27.61 -26.93
CA LYS C 55 -9.20 -28.41 -27.54
C LYS C 55 -8.80 -28.92 -28.92
N GLU C 56 -7.65 -28.54 -29.43
CA GLU C 56 -7.21 -29.00 -30.74
C GLU C 56 -5.78 -29.52 -30.72
N ASN C 57 -5.07 -29.41 -29.60
CA ASN C 57 -3.69 -29.87 -29.51
C ASN C 57 -3.49 -31.05 -28.57
N ILE C 58 -4.47 -31.34 -27.70
CA ILE C 58 -4.35 -32.46 -26.78
C ILE C 58 -4.27 -33.80 -27.49
N ASN C 59 -4.64 -33.85 -28.77
CA ASN C 59 -4.53 -35.06 -29.58
C ASN C 59 -3.34 -35.00 -30.52
N SER C 60 -2.32 -34.23 -30.13
CA SER C 60 -1.10 -34.09 -30.90
C SER C 60 0.02 -33.68 -29.97
N MET C 61 1.23 -33.59 -30.52
CA MET C 61 2.38 -33.15 -29.74
C MET C 61 2.57 -31.64 -29.79
N GLU C 62 1.65 -30.91 -30.42
CA GLU C 62 1.65 -29.46 -30.33
C GLU C 62 1.25 -28.96 -28.95
N ALA C 63 0.75 -29.86 -28.09
CA ALA C 63 0.33 -29.45 -26.76
C ALA C 63 1.52 -28.98 -25.92
N TYR C 64 2.66 -29.65 -26.06
CA TYR C 64 3.83 -29.30 -25.25
C TYR C 64 4.48 -28.01 -25.71
N ARG C 65 4.43 -27.69 -26.99
CA ARG C 65 5.16 -26.56 -27.54
C ARG C 65 4.44 -25.25 -27.23
N ILE C 66 5.19 -24.28 -26.71
CA ILE C 66 4.66 -22.95 -26.42
C ILE C 66 5.12 -22.02 -27.54
N PRO C 67 4.22 -21.57 -28.43
CA PRO C 67 4.65 -20.72 -29.53
C PRO C 67 5.17 -19.37 -29.03
N VAL C 68 6.20 -18.88 -29.71
CA VAL C 68 6.72 -17.54 -29.46
C VAL C 68 6.83 -16.80 -30.80
N THR C 69 5.80 -16.03 -31.14
CA THR C 69 5.75 -15.37 -32.43
C THR C 69 6.79 -14.26 -32.52
N GLY C 70 7.46 -14.21 -33.67
CA GLY C 70 8.43 -13.17 -33.93
C GLY C 70 7.80 -12.03 -34.71
N GLY C 71 8.31 -10.84 -34.47
CA GLY C 71 7.79 -9.63 -35.05
C GLY C 71 7.62 -8.57 -33.98
N ASP C 72 6.83 -7.55 -34.31
CA ASP C 72 6.60 -6.43 -33.38
C ASP C 72 5.41 -6.75 -32.48
N GLN C 73 5.60 -7.76 -31.63
CA GLN C 73 4.63 -8.05 -30.59
C GLN C 73 4.83 -7.05 -29.46
N LEU C 74 3.88 -6.12 -29.32
CA LEU C 74 4.13 -4.94 -28.50
C LEU C 74 4.37 -5.31 -27.04
N HIS C 75 3.34 -5.75 -26.34
CA HIS C 75 3.49 -6.25 -24.97
C HIS C 75 2.57 -7.42 -24.68
N THR C 76 2.41 -8.32 -25.65
CA THR C 76 1.47 -9.41 -25.50
C THR C 76 1.96 -10.42 -24.47
N GLN C 77 1.12 -11.42 -24.20
CA GLN C 77 1.42 -12.43 -23.18
C GLN C 77 1.84 -13.72 -23.88
N VAL C 78 3.03 -14.23 -23.51
CA VAL C 78 3.48 -15.51 -24.05
C VAL C 78 2.61 -16.64 -23.53
N PHE C 79 2.41 -16.68 -22.22
CA PHE C 79 1.57 -17.70 -21.58
C PHE C 79 1.31 -17.28 -20.14
N GLY C 80 0.46 -18.04 -19.48
CA GLY C 80 0.17 -17.82 -18.07
C GLY C 80 -0.71 -18.91 -17.50
N PHE C 81 -0.40 -19.38 -16.29
CA PHE C 81 -1.20 -20.43 -15.69
C PHE C 81 -1.18 -20.33 -14.17
N GLN C 82 -1.96 -21.22 -13.56
CA GLN C 82 -2.23 -21.22 -12.13
C GLN C 82 -1.59 -22.44 -11.48
N MET C 83 -0.91 -22.23 -10.35
CA MET C 83 -0.12 -23.28 -9.72
C MET C 83 -0.88 -24.00 -8.62
N GLN C 84 -1.79 -24.89 -9.01
CA GLN C 84 -2.39 -25.81 -8.06
C GLN C 84 -2.20 -27.24 -8.56
N PRO C 85 -1.05 -27.86 -8.25
CA PRO C 85 -0.77 -29.20 -8.79
C PRO C 85 -1.80 -30.22 -8.33
N GLY C 86 -2.06 -31.20 -9.19
CA GLY C 86 -2.99 -32.26 -8.91
C GLY C 86 -4.42 -31.95 -9.32
N LEU C 87 -4.75 -30.68 -9.57
CA LEU C 87 -6.09 -30.31 -9.96
C LEU C 87 -6.11 -29.50 -11.25
N ASN C 88 -5.09 -28.66 -11.44
CA ASN C 88 -5.03 -27.83 -12.63
C ASN C 88 -4.84 -28.72 -13.86
N SER C 89 -5.44 -28.30 -14.98
CA SER C 89 -5.51 -29.16 -16.15
C SER C 89 -4.12 -29.48 -16.71
N VAL C 90 -3.15 -28.61 -16.49
CA VAL C 90 -1.83 -28.82 -17.09
C VAL C 90 -0.98 -29.73 -16.20
N PHE C 91 -1.14 -29.63 -14.88
CA PHE C 91 -0.30 -30.34 -13.93
C PHE C 91 -0.86 -31.70 -13.53
N LYS C 92 -2.03 -32.08 -14.05
CA LYS C 92 -2.69 -33.29 -13.56
C LYS C 92 -2.38 -34.53 -14.40
N ARG C 93 -1.30 -34.53 -15.17
CA ARG C 93 -0.91 -35.70 -15.94
C ARG C 93 0.57 -36.03 -15.85
N THR C 94 1.42 -35.09 -15.45
CA THR C 94 2.84 -35.38 -15.31
C THR C 94 3.06 -36.35 -14.15
N LEU C 95 4.33 -36.73 -13.97
CA LEU C 95 4.67 -37.67 -12.90
C LEU C 95 4.32 -37.10 -11.54
N LEU C 96 4.68 -35.83 -11.31
CA LEU C 96 4.33 -35.15 -10.07
C LEU C 96 2.81 -35.13 -9.90
N GLY C 97 2.09 -34.88 -10.99
CA GLY C 97 0.64 -34.83 -10.91
C GLY C 97 0.03 -36.16 -10.49
N GLU C 98 0.50 -37.26 -11.08
CA GLU C 98 -0.06 -38.57 -10.72
C GLU C 98 0.29 -38.93 -9.28
N ILE C 99 1.55 -38.71 -8.87
CA ILE C 99 1.94 -39.03 -7.50
C ILE C 99 1.12 -38.22 -6.51
N LEU C 100 0.89 -36.94 -6.79
CA LEU C 100 0.05 -36.12 -5.94
C LEU C 100 -1.40 -36.62 -5.94
N ASN C 101 -1.88 -37.04 -7.11
CA ASN C 101 -3.28 -37.43 -7.23
C ASN C 101 -3.56 -38.76 -6.53
N TYR C 102 -2.53 -39.55 -6.27
CA TYR C 102 -2.73 -40.76 -5.47
C TYR C 102 -3.02 -40.42 -4.02
N TYR C 103 -2.43 -39.34 -3.51
CA TYR C 103 -2.56 -39.03 -2.10
C TYR C 103 -3.57 -37.91 -1.86
N ALA C 104 -3.65 -37.47 -0.61
CA ALA C 104 -4.68 -36.52 -0.18
C ALA C 104 -4.13 -35.19 0.35
N HIS C 105 -2.93 -35.19 0.92
CA HIS C 105 -2.31 -33.96 1.42
C HIS C 105 -0.90 -33.85 0.89
N TRP C 106 -0.49 -32.64 0.52
CA TRP C 106 0.82 -32.39 -0.03
C TRP C 106 1.37 -31.09 0.54
N SER C 107 2.71 -30.98 0.56
CA SER C 107 3.36 -29.79 1.08
C SER C 107 4.80 -29.76 0.53
N GLY C 108 5.11 -28.73 -0.25
CA GLY C 108 6.47 -28.59 -0.74
C GLY C 108 6.53 -27.52 -1.82
N SER C 109 7.68 -27.52 -2.51
CA SER C 109 7.96 -26.56 -3.56
C SER C 109 7.96 -27.25 -4.93
N VAL C 110 7.55 -26.51 -5.95
CA VAL C 110 7.49 -26.99 -7.32
C VAL C 110 8.48 -26.18 -8.16
N LYS C 111 9.38 -26.88 -8.84
CA LYS C 111 10.44 -26.27 -9.63
C LYS C 111 10.04 -26.31 -11.10
N LEU C 112 10.09 -25.15 -11.75
CA LEU C 112 9.76 -25.02 -13.17
C LEU C 112 11.03 -24.65 -13.92
N THR C 113 11.26 -25.32 -15.05
CA THR C 113 12.41 -25.05 -15.90
C THR C 113 11.94 -24.77 -17.31
N PHE C 114 12.33 -23.63 -17.85
CA PHE C 114 11.97 -23.24 -19.21
C PHE C 114 13.21 -23.31 -20.09
N VAL C 115 13.10 -24.09 -21.17
CA VAL C 115 14.18 -24.19 -22.15
C VAL C 115 13.69 -23.61 -23.46
N PHE C 116 14.61 -22.99 -24.19
CA PHE C 116 14.29 -22.23 -25.40
C PHE C 116 14.78 -23.01 -26.62
N CYS C 117 13.90 -23.82 -27.21
CA CYS C 117 14.22 -24.55 -28.44
C CYS C 117 14.05 -23.58 -29.60
N GLY C 118 15.14 -22.98 -30.03
CA GLY C 118 15.13 -22.02 -31.12
C GLY C 118 16.47 -22.01 -31.82
N SER C 119 16.66 -20.99 -32.65
CA SER C 119 17.92 -20.85 -33.38
C SER C 119 19.03 -20.38 -32.45
N ALA C 120 20.26 -20.45 -32.95
CA ALA C 120 21.42 -19.98 -32.20
C ALA C 120 21.76 -18.53 -32.49
N MET C 121 21.06 -17.88 -33.41
CA MET C 121 21.28 -16.49 -33.74
C MET C 121 20.12 -15.59 -33.34
N ALA C 122 19.14 -16.12 -32.61
CA ALA C 122 17.99 -15.36 -32.16
C ALA C 122 18.28 -14.75 -30.80
N THR C 123 18.00 -13.47 -30.66
CA THR C 123 18.26 -12.74 -29.42
C THR C 123 17.01 -11.99 -29.00
N GLY C 124 16.73 -12.01 -27.70
CA GLY C 124 15.56 -11.33 -27.16
C GLY C 124 15.51 -11.50 -25.67
N LYS C 125 14.49 -10.87 -25.07
CA LYS C 125 14.31 -10.91 -23.62
C LYS C 125 12.87 -11.30 -23.33
N PHE C 126 12.66 -12.01 -22.22
CA PHE C 126 11.33 -12.36 -21.75
C PHE C 126 11.22 -12.01 -20.27
N LEU C 127 9.99 -11.75 -19.82
CA LEU C 127 9.74 -11.37 -18.45
C LEU C 127 8.89 -12.45 -17.80
N LEU C 128 9.47 -13.20 -16.86
CA LEU C 128 8.77 -14.24 -16.14
C LEU C 128 8.37 -13.72 -14.77
N ALA C 129 7.06 -13.67 -14.50
CA ALA C 129 6.55 -13.04 -13.29
C ALA C 129 5.70 -14.01 -12.50
N TYR C 130 5.79 -13.88 -11.18
CA TYR C 130 5.10 -14.74 -10.24
C TYR C 130 4.26 -13.89 -9.30
N SER C 131 2.99 -14.24 -9.13
CA SER C 131 2.10 -13.53 -8.24
C SER C 131 1.67 -14.47 -7.11
N PRO C 132 1.82 -14.06 -5.85
CA PRO C 132 1.52 -14.95 -4.73
C PRO C 132 0.05 -15.35 -4.71
N PRO C 133 -0.32 -16.32 -3.87
CA PRO C 133 -1.72 -16.76 -3.84
C PRO C 133 -2.73 -15.66 -3.57
N GLY C 134 -2.42 -14.72 -2.69
CA GLY C 134 -3.38 -13.70 -2.33
C GLY C 134 -3.31 -12.44 -3.14
N ALA C 135 -3.27 -12.57 -4.47
CA ALA C 135 -3.23 -11.40 -5.34
C ALA C 135 -3.75 -11.76 -6.72
N SER C 136 -4.20 -10.74 -7.44
CA SER C 136 -4.70 -10.94 -8.79
C SER C 136 -3.54 -10.96 -9.78
N PRO C 137 -3.68 -11.67 -10.90
CA PRO C 137 -2.60 -11.74 -11.89
C PRO C 137 -2.44 -10.41 -12.60
N PRO C 138 -1.21 -10.05 -12.96
CA PRO C 138 -1.01 -8.83 -13.75
C PRO C 138 -1.67 -8.93 -15.12
N GLN C 139 -2.11 -7.77 -15.62
CA GLN C 139 -2.78 -7.69 -16.91
C GLN C 139 -1.95 -7.01 -17.98
N ASN C 140 -0.79 -6.46 -17.62
CA ASN C 140 0.09 -5.81 -18.58
C ASN C 140 1.51 -5.87 -18.04
N ARG C 141 2.47 -5.61 -18.93
CA ARG C 141 3.88 -5.80 -18.58
C ARG C 141 4.29 -4.95 -17.39
N LYS C 142 3.67 -3.78 -17.23
CA LYS C 142 4.05 -2.89 -16.13
C LYS C 142 3.78 -3.54 -14.78
N GLN C 143 2.58 -4.10 -14.59
CA GLN C 143 2.25 -4.73 -13.32
C GLN C 143 3.12 -5.96 -13.08
N ALA C 144 3.49 -6.67 -14.15
CA ALA C 144 4.42 -7.79 -13.99
C ALA C 144 5.79 -7.31 -13.53
N MET C 145 6.24 -6.17 -14.06
CA MET C 145 7.51 -5.61 -13.62
C MET C 145 7.46 -5.19 -12.16
N LEU C 146 6.34 -4.59 -11.73
CA LEU C 146 6.24 -4.11 -10.35
C LEU C 146 6.27 -5.24 -9.33
N GLY C 147 5.98 -6.47 -9.73
CA GLY C 147 5.96 -7.58 -8.80
C GLY C 147 7.23 -8.39 -8.79
N THR C 148 7.13 -9.68 -8.48
CA THR C 148 8.29 -10.57 -8.49
C THR C 148 8.50 -11.10 -9.90
N HIS C 149 9.70 -10.89 -10.43
CA HIS C 149 9.96 -11.20 -11.83
C HIS C 149 11.44 -11.50 -12.05
N VAL C 150 11.72 -12.20 -13.14
CA VAL C 150 13.07 -12.42 -13.64
C VAL C 150 13.08 -12.11 -15.13
N ILE C 151 14.13 -11.42 -15.58
CA ILE C 151 14.29 -11.10 -16.98
C ILE C 151 15.20 -12.15 -17.59
N TRP C 152 14.61 -13.06 -18.36
CA TRP C 152 15.33 -14.17 -18.96
C TRP C 152 15.79 -13.75 -20.35
N ASP C 153 17.10 -13.67 -20.54
CA ASP C 153 17.70 -13.28 -21.81
C ASP C 153 18.08 -14.53 -22.57
N VAL C 154 17.37 -14.82 -23.67
CA VAL C 154 17.61 -16.05 -24.41
C VAL C 154 18.99 -16.03 -25.06
N GLY C 155 19.51 -14.84 -25.35
CA GLY C 155 20.83 -14.76 -25.97
C GLY C 155 21.93 -15.23 -25.05
N LEU C 156 21.88 -14.84 -23.78
CA LEU C 156 22.94 -15.19 -22.85
C LEU C 156 22.73 -16.58 -22.26
N GLN C 157 21.54 -16.84 -21.73
CA GLN C 157 21.23 -18.10 -21.08
C GLN C 157 20.05 -18.76 -21.79
N SER C 158 20.20 -20.05 -22.08
CA SER C 158 19.18 -20.81 -22.80
C SER C 158 18.24 -21.57 -21.89
N SER C 159 18.35 -21.40 -20.57
CA SER C 159 17.50 -22.12 -19.62
C SER C 159 17.23 -21.24 -18.43
N CYS C 160 15.99 -21.27 -17.93
CA CYS C 160 15.59 -20.48 -16.78
C CYS C 160 14.93 -21.40 -15.76
N VAL C 161 15.09 -21.09 -14.48
CA VAL C 161 14.55 -21.90 -13.39
C VAL C 161 13.80 -20.99 -12.43
N LEU C 162 12.62 -21.44 -12.00
CA LEU C 162 11.80 -20.75 -11.02
C LEU C 162 11.40 -21.76 -9.94
N CYS C 163 11.71 -21.47 -8.70
CA CYS C 163 11.38 -22.35 -7.58
C CYS C 163 10.25 -21.71 -6.79
N ILE C 164 9.03 -22.18 -7.02
CA ILE C 164 7.86 -21.62 -6.34
C ILE C 164 7.96 -21.91 -4.84
N PRO C 165 7.66 -20.95 -3.97
CA PRO C 165 7.76 -21.21 -2.53
C PRO C 165 6.51 -21.89 -1.99
N TRP C 166 6.52 -22.13 -0.68
CA TRP C 166 5.42 -22.78 0.02
C TRP C 166 4.80 -21.78 0.97
N ILE C 167 3.62 -21.27 0.63
CA ILE C 167 2.89 -20.31 1.45
C ILE C 167 1.53 -20.92 1.78
N SER C 168 1.30 -21.20 3.06
CA SER C 168 0.03 -21.72 3.51
C SER C 168 -0.06 -21.54 5.02
N GLN C 169 -1.29 -21.46 5.53
CA GLN C 169 -1.48 -21.29 6.97
C GLN C 169 -1.20 -22.59 7.71
N THR C 170 -1.56 -23.73 7.12
CA THR C 170 -1.46 -25.02 7.78
C THR C 170 -0.36 -25.87 7.14
N HIS C 171 -0.03 -26.97 7.82
CA HIS C 171 1.07 -27.82 7.38
C HIS C 171 0.79 -28.46 6.03
N TYR C 172 -0.42 -28.97 5.83
CA TYR C 172 -0.78 -29.68 4.61
C TYR C 172 -2.00 -29.04 3.98
N ARG C 173 -1.96 -28.91 2.66
CA ARG C 173 -3.11 -28.44 1.88
C ARG C 173 -3.72 -29.61 1.13
N LEU C 174 -5.05 -29.67 1.12
CA LEU C 174 -5.73 -30.76 0.44
C LEU C 174 -5.39 -30.76 -1.05
N VAL C 175 -5.16 -31.95 -1.59
CA VAL C 175 -4.75 -32.07 -2.99
C VAL C 175 -5.87 -31.60 -3.93
N GLN C 176 -7.10 -32.02 -3.67
CA GLN C 176 -8.21 -31.80 -4.60
C GLN C 176 -9.31 -30.99 -3.92
N GLN C 177 -9.13 -29.67 -3.88
CA GLN C 177 -10.20 -28.76 -3.53
C GLN C 177 -9.91 -27.43 -4.21
N ASP C 178 -10.96 -26.78 -4.68
CA ASP C 178 -10.81 -25.59 -5.51
C ASP C 178 -10.52 -24.38 -4.65
N GLU C 179 -9.40 -23.70 -4.92
CA GLU C 179 -9.04 -22.45 -4.27
C GLU C 179 -8.67 -21.42 -5.34
N TYR C 180 -9.68 -20.72 -5.86
CA TYR C 180 -9.40 -19.57 -6.71
C TYR C 180 -8.95 -18.39 -5.86
N THR C 181 -8.12 -17.52 -6.44
CA THR C 181 -7.49 -16.40 -5.77
C THR C 181 -6.70 -16.84 -4.54
N SER C 182 -6.31 -18.12 -4.48
CA SER C 182 -5.53 -18.64 -3.37
C SER C 182 -4.49 -19.65 -3.83
N ALA C 183 -4.13 -19.64 -5.12
CA ALA C 183 -3.23 -20.63 -5.70
C ALA C 183 -1.90 -20.04 -6.13
N GLY C 184 -1.90 -18.84 -6.68
CA GLY C 184 -0.70 -18.25 -7.21
C GLY C 184 -0.62 -18.40 -8.72
N TYR C 185 -0.03 -17.41 -9.38
CA TYR C 185 -0.06 -17.36 -10.83
C TYR C 185 1.34 -17.16 -11.37
N VAL C 186 1.59 -17.67 -12.58
CA VAL C 186 2.84 -17.43 -13.30
C VAL C 186 2.51 -16.96 -14.70
N THR C 187 3.15 -15.88 -15.13
CA THR C 187 2.86 -15.28 -16.43
C THR C 187 4.16 -14.88 -17.12
N CYS C 188 4.19 -14.99 -18.44
CA CYS C 188 5.35 -14.59 -19.23
C CYS C 188 4.96 -13.50 -20.21
N TRP C 189 5.84 -12.50 -20.35
CA TRP C 189 5.57 -11.33 -21.16
C TRP C 189 6.73 -11.05 -22.11
N TYR C 190 6.40 -10.46 -23.26
CA TYR C 190 7.40 -10.05 -24.24
C TYR C 190 8.10 -8.79 -23.73
N GLN C 191 9.41 -8.87 -23.54
CA GLN C 191 10.16 -7.67 -23.16
C GLN C 191 10.51 -6.83 -24.38
N THR C 192 11.28 -7.40 -25.31
CA THR C 192 11.64 -6.68 -26.53
C THR C 192 11.08 -7.38 -27.76
N GLY C 193 11.40 -8.66 -27.93
CA GLY C 193 11.02 -9.39 -29.13
C GLY C 193 12.21 -10.17 -29.62
N LEU C 194 11.95 -10.99 -30.65
CA LEU C 194 13.00 -11.83 -31.23
C LEU C 194 13.58 -11.13 -32.45
N ILE C 195 14.89 -10.91 -32.42
CA ILE C 195 15.59 -10.29 -33.55
C ILE C 195 16.49 -11.34 -34.19
N VAL C 196 16.38 -11.48 -35.50
CA VAL C 196 17.11 -12.54 -36.20
C VAL C 196 17.91 -11.95 -37.35
N PRO C 197 19.05 -12.55 -37.71
CA PRO C 197 19.77 -12.12 -38.90
C PRO C 197 19.12 -12.69 -40.15
N PRO C 198 19.48 -12.19 -41.33
CA PRO C 198 18.91 -12.76 -42.56
C PRO C 198 19.38 -14.19 -42.75
N GLY C 199 18.43 -15.13 -42.77
CA GLY C 199 18.68 -16.54 -42.90
C GLY C 199 18.13 -17.39 -41.77
N ALA C 200 18.04 -16.83 -40.58
CA ALA C 200 17.48 -17.60 -39.46
C ALA C 200 15.96 -17.57 -39.51
N PRO C 201 15.30 -18.60 -38.99
CA PRO C 201 13.84 -18.58 -38.95
C PRO C 201 13.36 -17.51 -38.00
N PRO C 202 12.16 -16.98 -38.22
CA PRO C 202 11.65 -15.89 -37.37
C PRO C 202 10.81 -16.34 -36.18
N SER C 203 10.59 -17.63 -35.99
CA SER C 203 9.81 -18.12 -34.86
C SER C 203 10.59 -19.22 -34.15
N CYS C 204 10.20 -19.49 -32.91
CA CYS C 204 10.92 -20.45 -32.07
C CYS C 204 9.91 -21.20 -31.21
N THR C 205 10.39 -21.91 -30.20
CA THR C 205 9.52 -22.70 -29.34
C THR C 205 10.12 -22.71 -27.94
N ILE C 206 9.26 -22.77 -26.92
CA ILE C 206 9.67 -22.83 -25.53
C ILE C 206 9.05 -24.09 -24.92
N LEU C 207 9.88 -24.89 -24.25
CA LEU C 207 9.41 -26.07 -23.53
C LEU C 207 9.53 -25.84 -22.03
N CYS C 208 8.65 -26.48 -21.27
CA CYS C 208 8.57 -26.29 -19.83
C CYS C 208 8.55 -27.64 -19.12
N PHE C 209 9.39 -27.77 -18.10
CA PHE C 209 9.44 -28.93 -17.23
C PHE C 209 9.03 -28.52 -15.82
N ALA C 210 8.36 -29.43 -15.12
CA ALA C 210 7.92 -29.17 -13.76
C ALA C 210 8.22 -30.40 -12.92
N SER C 211 8.87 -30.21 -11.77
CA SER C 211 9.24 -31.32 -10.91
C SER C 211 9.21 -30.90 -9.46
N ALA C 212 9.01 -31.87 -8.57
CA ALA C 212 9.10 -31.58 -7.14
C ALA C 212 10.54 -31.30 -6.74
N CYS C 213 10.69 -30.50 -5.68
CA CYS C 213 12.01 -30.18 -5.16
C CYS C 213 12.39 -31.18 -4.08
N ASN C 214 13.46 -30.91 -3.35
CA ASN C 214 13.91 -31.83 -2.31
C ASN C 214 12.93 -31.86 -1.13
N ASP C 215 12.39 -30.70 -0.76
CA ASP C 215 11.46 -30.62 0.37
C ASP C 215 10.05 -30.84 -0.15
N PHE C 216 9.60 -32.09 -0.12
CA PHE C 216 8.27 -32.45 -0.59
C PHE C 216 7.80 -33.66 0.21
N SER C 217 6.50 -33.75 0.44
CA SER C 217 5.96 -34.85 1.22
C SER C 217 4.47 -34.98 0.96
N VAL C 218 3.96 -36.20 1.16
CA VAL C 218 2.56 -36.53 0.93
C VAL C 218 2.07 -37.40 2.07
N ARG C 219 0.74 -37.46 2.22
CA ARG C 219 0.12 -38.17 3.34
C ARG C 219 -1.26 -38.65 2.93
N ASN C 220 -1.79 -39.62 3.69
CA ASN C 220 -3.15 -40.11 3.53
C ASN C 220 -3.42 -40.71 2.16
N LEU C 221 -2.79 -41.85 1.87
CA LEU C 221 -3.01 -42.56 0.61
C LEU C 221 -4.48 -42.89 0.40
N ARG C 222 -4.92 -42.71 -0.84
CA ARG C 222 -6.27 -43.10 -1.25
C ARG C 222 -6.21 -43.52 -2.72
N ASP C 223 -7.38 -43.66 -3.33
CA ASP C 223 -7.45 -44.14 -4.72
C ASP C 223 -7.53 -42.97 -5.69
N THR C 224 -6.95 -43.18 -6.88
CA THR C 224 -6.86 -42.10 -7.86
C THR C 224 -8.21 -41.89 -8.53
N PRO C 225 -8.50 -40.67 -8.99
CA PRO C 225 -9.77 -40.44 -9.71
C PRO C 225 -9.68 -40.80 -11.19
N PHE C 226 -8.48 -40.82 -11.76
CA PHE C 226 -8.35 -41.02 -13.21
C PHE C 226 -8.86 -42.38 -13.64
N ILE C 227 -8.54 -43.43 -12.89
CA ILE C 227 -9.05 -44.76 -13.23
C ILE C 227 -10.54 -44.81 -12.93
N GLU C 228 -11.28 -45.52 -13.78
CA GLU C 228 -12.74 -45.46 -13.73
C GLU C 228 -13.41 -46.83 -13.68
N GLN C 229 -12.81 -47.85 -14.30
CA GLN C 229 -13.47 -49.14 -14.46
C GLN C 229 -13.76 -49.78 -13.11
N THR C 230 -14.88 -50.50 -13.05
CA THR C 230 -15.33 -51.20 -11.86
C THR C 230 -15.47 -52.70 -12.07
N GLN C 231 -15.48 -53.15 -13.33
CA GLN C 231 -15.55 -54.57 -13.61
C GLN C 231 -14.15 -55.17 -13.73
N LEU C 232 -14.01 -56.41 -13.31
CA LEU C 232 -12.78 -57.16 -13.55
C LEU C 232 -12.64 -57.44 -15.03
N LEU C 233 -11.44 -57.27 -15.57
CA LEU C 233 -11.23 -57.42 -16.99
C LEU C 233 -11.42 -58.87 -17.42
N GLN C 234 -12.29 -59.07 -18.42
CA GLN C 234 -12.57 -60.39 -18.99
C GLN C 234 -12.93 -61.43 -17.92
N TYR D 1 25.70 23.05 13.47
CA TYR D 1 26.43 24.03 14.28
C TYR D 1 26.45 25.39 13.61
N HIS D 2 25.67 26.33 14.15
CA HIS D 2 25.54 27.66 13.60
C HIS D 2 26.14 28.67 14.58
N SER D 3 26.93 29.60 14.06
CA SER D 3 27.63 30.57 14.87
C SER D 3 26.68 31.65 15.39
N ARG D 4 27.05 32.23 16.53
CA ARG D 4 26.25 33.28 17.15
C ARG D 4 27.08 34.53 17.35
N THR D 5 27.87 34.91 16.35
CA THR D 5 28.81 36.02 16.50
C THR D 5 28.34 37.31 15.86
N GLU D 6 27.25 37.29 15.08
CA GLU D 6 26.75 38.51 14.49
C GLU D 6 25.67 39.16 15.34
N SER D 7 25.15 38.45 16.33
CA SER D 7 24.09 38.97 17.18
C SER D 7 24.58 39.52 18.52
N SER D 8 25.89 39.62 18.71
CA SER D 8 26.41 40.17 19.95
C SER D 8 26.06 41.65 20.07
N ILE D 9 26.31 42.22 21.24
CA ILE D 9 25.98 43.63 21.47
C ILE D 9 26.83 44.52 20.56
N GLU D 10 28.12 44.23 20.46
CA GLU D 10 29.00 45.04 19.63
C GLU D 10 28.56 45.01 18.17
N ASN D 11 28.37 43.83 17.61
CA ASN D 11 27.97 43.72 16.20
C ASN D 11 26.56 44.22 15.96
N PHE D 12 25.77 44.45 17.01
CA PHE D 12 24.40 44.94 16.87
C PHE D 12 24.29 46.45 16.98
N LEU D 13 25.11 47.08 17.82
CA LEU D 13 24.98 48.50 18.08
C LEU D 13 26.11 49.36 17.51
N CYS D 14 27.06 48.77 16.81
CA CYS D 14 28.22 49.51 16.28
C CYS D 14 28.05 49.83 14.81
N ARG D 15 26.84 50.16 14.37
CA ARG D 15 26.58 50.54 12.99
C ARG D 15 26.47 52.06 12.89
N ALA D 16 27.16 52.64 11.93
CA ALA D 16 27.13 54.08 11.75
C ALA D 16 25.78 54.52 11.19
N ALA D 17 25.19 55.56 11.78
CA ALA D 17 23.88 56.03 11.38
C ALA D 17 23.90 57.54 11.24
N CYS D 18 23.37 58.05 10.13
CA CYS D 18 23.31 59.48 9.90
C CYS D 18 22.24 60.10 10.80
N VAL D 19 22.67 60.82 11.83
CA VAL D 19 21.78 61.29 12.88
C VAL D 19 21.46 62.77 12.76
N TYR D 20 22.16 63.51 11.92
CA TYR D 20 21.88 64.94 11.80
C TYR D 20 22.35 65.44 10.44
N ILE D 21 21.50 66.23 9.78
CA ILE D 21 21.80 66.85 8.50
C ILE D 21 21.42 68.32 8.61
N ALA D 22 22.38 69.21 8.33
CA ALA D 22 22.15 70.64 8.49
C ALA D 22 22.83 71.40 7.36
N THR D 23 22.48 72.67 7.24
CA THR D 23 23.08 73.56 6.24
C THR D 23 23.39 74.90 6.87
N TYR D 24 24.47 75.53 6.40
CA TYR D 24 24.89 76.82 6.92
C TYR D 24 25.63 77.58 5.83
N ALA D 25 25.37 78.88 5.73
CA ALA D 25 26.01 79.72 4.73
C ALA D 25 27.35 80.23 5.26
N SER D 26 28.00 81.06 4.45
CA SER D 26 29.32 81.61 4.77
C SER D 26 29.36 83.13 4.81
N ALA D 27 28.69 83.80 3.89
CA ALA D 27 28.75 85.24 3.80
C ALA D 27 27.62 85.86 4.63
N GLY D 28 27.38 87.15 4.47
CA GLY D 28 26.49 87.86 5.38
C GLY D 28 25.08 87.31 5.34
N GLY D 29 24.41 87.39 6.48
CA GLY D 29 23.06 86.90 6.63
C GLY D 29 22.64 86.98 8.08
N THR D 30 21.46 86.45 8.36
CA THR D 30 21.01 86.35 9.74
C THR D 30 22.00 85.49 10.54
N PRO D 31 22.43 85.96 11.71
CA PRO D 31 23.52 85.26 12.43
C PRO D 31 23.22 83.80 12.70
N THR D 32 21.98 83.46 13.04
CA THR D 32 21.64 82.07 13.35
C THR D 32 21.77 81.17 12.13
N GLU D 33 21.91 81.75 10.94
CA GLU D 33 22.12 80.98 9.72
C GLU D 33 23.60 80.74 9.41
N ARG D 34 24.52 81.24 10.23
CA ARG D 34 25.93 81.20 9.90
C ARG D 34 26.71 80.17 10.70
N TYR D 35 26.04 79.27 11.42
CA TYR D 35 26.73 78.18 12.08
C TYR D 35 25.77 77.02 12.26
N ALA D 36 26.33 75.83 12.45
CA ALA D 36 25.53 74.62 12.64
C ALA D 36 25.76 74.09 14.03
N SER D 37 24.68 73.76 14.73
CA SER D 37 24.76 73.31 16.11
C SER D 37 23.92 72.05 16.29
N TRP D 38 24.45 71.09 17.04
CA TRP D 38 23.72 69.86 17.33
C TRP D 38 24.02 69.43 18.75
N ARG D 39 22.97 69.18 19.53
CA ARG D 39 23.14 68.61 20.87
C ARG D 39 23.15 67.10 20.76
N ILE D 40 24.15 66.46 21.35
CA ILE D 40 24.31 65.02 21.19
C ILE D 40 23.28 64.30 22.06
N ASN D 41 22.47 63.47 21.43
CA ASN D 41 21.47 62.67 22.12
C ASN D 41 20.95 61.59 21.17
N THR D 42 20.84 60.38 21.68
CA THR D 42 20.27 59.27 20.92
C THR D 42 18.78 59.12 21.20
N ARG D 43 18.03 60.22 21.05
CA ARG D 43 16.61 60.19 21.35
C ARG D 43 15.78 60.87 20.26
N GLN D 44 16.37 61.19 19.11
CA GLN D 44 15.63 61.76 18.00
C GLN D 44 15.62 60.88 16.75
N MET D 45 16.56 59.95 16.61
CA MET D 45 16.56 59.01 15.50
C MET D 45 15.77 57.78 15.95
N VAL D 46 14.54 57.65 15.45
CA VAL D 46 13.61 56.67 16.00
C VAL D 46 14.13 55.25 15.87
N GLN D 47 14.78 54.91 14.75
CA GLN D 47 15.34 53.57 14.61
C GLN D 47 16.45 53.33 15.62
N LEU D 48 17.42 54.25 15.68
CA LEU D 48 18.50 54.13 16.66
C LEU D 48 17.94 54.23 18.08
N ARG D 49 16.89 55.04 18.27
CA ARG D 49 16.30 55.14 19.60
C ARG D 49 15.69 53.81 20.03
N ARG D 50 15.00 53.13 19.13
CA ARG D 50 14.40 51.85 19.49
C ARG D 50 15.47 50.77 19.68
N LYS D 51 16.56 50.85 18.93
CA LYS D 51 17.67 49.94 19.16
C LYS D 51 18.30 50.18 20.54
N PHE D 52 18.47 51.44 20.92
CA PHE D 52 19.10 51.77 22.19
C PHE D 52 18.20 51.47 23.39
N GLU D 53 16.91 51.76 23.27
CA GLU D 53 15.95 51.60 24.35
C GLU D 53 15.58 50.15 24.61
N LEU D 54 16.27 49.20 23.98
CA LEU D 54 16.08 47.80 24.27
C LEU D 54 16.78 47.36 25.54
N PHE D 55 17.67 48.21 26.08
CA PHE D 55 18.39 47.94 27.32
C PHE D 55 18.24 49.14 28.25
N THR D 56 18.53 48.92 29.53
CA THR D 56 18.34 49.98 30.52
C THR D 56 19.59 50.83 30.69
N TYR D 57 20.75 50.19 30.82
CA TYR D 57 22.01 50.89 31.04
C TYR D 57 22.98 50.59 29.90
N LEU D 58 23.69 51.63 29.45
CA LEU D 58 24.62 51.53 28.34
C LEU D 58 25.90 52.25 28.68
N ARG D 59 27.03 51.73 28.19
CA ARG D 59 28.34 52.34 28.40
C ARG D 59 29.16 52.16 27.13
N PHE D 60 29.65 53.28 26.58
CA PHE D 60 30.32 53.22 25.29
C PHE D 60 31.14 54.48 25.07
N ASP D 61 32.09 54.37 24.14
CA ASP D 61 32.81 55.51 23.61
C ASP D 61 32.14 55.95 22.31
N MET D 62 32.31 57.20 21.90
CA MET D 62 31.59 57.73 20.75
C MET D 62 32.58 58.05 19.65
N GLU D 63 32.31 57.60 18.43
CA GLU D 63 33.06 57.98 17.25
C GLU D 63 32.14 58.77 16.34
N ILE D 64 32.54 60.00 16.01
CA ILE D 64 31.74 60.92 15.21
C ILE D 64 32.53 61.27 13.97
N THR D 65 31.91 61.11 12.80
CA THR D 65 32.51 61.46 11.53
C THR D 65 31.63 62.48 10.82
N PHE D 66 32.24 63.57 10.36
CA PHE D 66 31.51 64.66 9.73
C PHE D 66 31.77 64.65 8.23
N VAL D 67 30.69 64.80 7.45
CA VAL D 67 30.78 64.86 6.00
C VAL D 67 30.27 66.25 5.59
N ILE D 68 31.13 67.02 4.93
CA ILE D 68 30.84 68.39 4.54
C ILE D 68 30.91 68.50 3.03
N THR D 69 29.83 69.02 2.43
CA THR D 69 29.77 69.21 0.98
C THR D 69 29.22 70.60 0.71
N SER D 70 30.01 71.45 0.07
CA SER D 70 29.63 72.83 -0.18
C SER D 70 29.68 73.16 -1.66
N THR D 71 28.76 74.01 -2.09
CA THR D 71 28.71 74.51 -3.46
C THR D 71 28.42 76.00 -3.43
N GLN D 72 28.72 76.65 -4.55
CA GLN D 72 28.39 78.06 -4.72
C GLN D 72 26.88 78.25 -4.71
N ASP D 73 26.46 79.46 -4.35
CA ASP D 73 25.05 79.79 -4.31
C ASP D 73 24.73 80.81 -5.39
N PRO D 74 23.63 80.63 -6.12
CA PRO D 74 23.33 81.55 -7.23
C PRO D 74 23.07 82.96 -6.72
N GLY D 75 23.50 83.94 -7.50
CA GLY D 75 23.32 85.33 -7.14
C GLY D 75 24.20 86.21 -7.98
N THR D 76 24.14 87.50 -7.67
CA THR D 76 24.97 88.50 -8.33
C THR D 76 26.23 88.77 -7.50
N GLN D 77 27.22 89.40 -8.14
CA GLN D 77 28.58 89.52 -7.61
C GLN D 77 29.13 88.15 -7.21
N LEU D 78 29.29 87.28 -8.19
CA LEU D 78 29.89 85.98 -7.95
C LEU D 78 31.42 86.09 -7.92
N ALA D 79 32.04 85.03 -7.40
CA ALA D 79 33.50 84.98 -7.32
C ALA D 79 34.05 84.05 -8.41
N GLN D 80 35.27 84.36 -8.85
CA GLN D 80 35.91 83.52 -9.87
C GLN D 80 37.25 82.96 -9.40
N ASP D 81 37.68 83.22 -8.17
CA ASP D 81 39.04 82.87 -7.77
C ASP D 81 39.12 82.32 -6.35
N MET D 82 38.00 81.82 -5.82
CA MET D 82 37.94 81.34 -4.44
C MET D 82 39.00 80.27 -4.19
N PRO D 83 40.03 80.58 -3.40
CA PRO D 83 41.17 79.66 -3.26
C PRO D 83 40.79 78.30 -2.69
N VAL D 84 40.29 78.29 -1.46
CA VAL D 84 39.91 77.05 -0.78
C VAL D 84 39.12 77.43 0.46
N LEU D 85 38.24 76.54 0.89
CA LEU D 85 37.44 76.76 2.10
C LEU D 85 38.01 75.96 3.26
N THR D 86 37.84 76.49 4.46
CA THR D 86 38.25 75.82 5.69
C THR D 86 37.11 75.88 6.70
N HIS D 87 36.83 74.75 7.33
CA HIS D 87 35.76 74.65 8.32
C HIS D 87 36.35 74.37 9.70
N GLN D 88 35.69 74.90 10.73
CA GLN D 88 36.06 74.67 12.11
C GLN D 88 34.96 73.88 12.79
N ILE D 89 35.33 72.76 13.40
CA ILE D 89 34.40 71.85 14.07
C ILE D 89 34.80 71.80 15.55
N MET D 90 33.84 72.03 16.42
CA MET D 90 34.08 72.30 17.84
C MET D 90 33.21 71.38 18.67
N TYR D 91 33.83 70.68 19.63
CA TYR D 91 33.10 69.84 20.57
C TYR D 91 33.08 70.49 21.93
N ILE D 92 31.88 70.79 22.44
CA ILE D 92 31.70 71.51 23.68
C ILE D 92 31.31 70.51 24.76
N PRO D 93 32.14 70.26 25.75
CA PRO D 93 31.76 69.37 26.85
C PRO D 93 30.64 69.97 27.67
N PRO D 94 29.93 69.17 28.46
CA PRO D 94 28.87 69.73 29.30
C PRO D 94 29.42 70.72 30.30
N GLY D 95 28.84 71.92 30.30
CA GLY D 95 29.27 72.99 31.19
C GLY D 95 30.31 73.92 30.61
N GLY D 96 30.75 73.70 29.38
CA GLY D 96 31.70 74.59 28.74
C GLY D 96 31.01 75.76 28.07
N PRO D 97 31.80 76.75 27.64
CA PRO D 97 31.21 77.90 26.95
C PRO D 97 30.59 77.50 25.62
N VAL D 98 29.50 78.15 25.27
CA VAL D 98 28.74 77.84 24.05
C VAL D 98 28.56 79.12 23.26
N PRO D 99 29.01 79.17 22.00
CA PRO D 99 28.82 80.39 21.20
C PRO D 99 27.34 80.68 20.96
N ASN D 100 27.02 81.96 20.88
CA ASN D 100 25.66 82.38 20.52
C ASN D 100 25.55 82.88 19.09
N SER D 101 26.69 83.09 18.42
CA SER D 101 26.69 83.55 17.03
C SER D 101 28.07 83.31 16.45
N ALA D 102 28.18 83.51 15.14
CA ALA D 102 29.50 83.45 14.51
C ALA D 102 30.33 84.65 14.92
N THR D 103 31.65 84.53 14.74
CA THR D 103 32.61 85.56 15.13
C THR D 103 32.48 85.91 16.60
N ASP D 104 32.22 84.90 17.42
CA ASP D 104 32.16 85.07 18.87
C ASP D 104 33.49 84.70 19.51
N PHE D 105 33.64 85.08 20.77
CA PHE D 105 34.87 84.75 21.49
C PHE D 105 34.96 83.28 21.88
N ALA D 106 33.82 82.62 22.10
CA ALA D 106 33.82 81.24 22.56
C ALA D 106 34.48 80.29 21.57
N TRP D 107 34.63 80.69 20.31
CA TRP D 107 35.31 79.85 19.33
C TRP D 107 36.82 79.78 19.56
N GLN D 108 37.35 80.61 20.45
CA GLN D 108 38.79 80.65 20.70
C GLN D 108 39.16 80.07 22.06
N SER D 109 38.20 79.48 22.77
CA SER D 109 38.49 78.90 24.07
C SER D 109 39.40 77.69 23.92
N SER D 110 40.38 77.59 24.83
CA SER D 110 41.36 76.51 24.78
C SER D 110 40.85 75.21 25.37
N THR D 111 39.71 75.23 26.06
CA THR D 111 39.15 74.02 26.66
C THR D 111 38.29 73.22 25.72
N ASN D 112 37.80 73.83 24.64
CA ASN D 112 36.95 73.12 23.70
C ASN D 112 37.77 72.64 22.51
N PRO D 113 37.94 71.33 22.35
CA PRO D 113 38.79 70.82 21.25
C PRO D 113 38.20 71.18 19.90
N SER D 114 39.07 71.56 18.97
CA SER D 114 38.66 71.98 17.63
C SER D 114 39.41 71.21 16.56
N ILE D 115 38.74 71.09 15.41
CA ILE D 115 39.33 70.49 14.21
C ILE D 115 39.19 71.50 13.08
N PHE D 116 40.31 71.82 12.44
CA PHE D 116 40.33 72.70 11.28
C PHE D 116 40.51 71.84 10.04
N TRP D 117 39.48 71.78 9.20
CA TRP D 117 39.44 70.83 8.10
C TRP D 117 39.33 71.60 6.78
N THR D 118 40.22 71.31 5.84
CA THR D 118 40.23 71.95 4.55
C THR D 118 39.67 70.99 3.50
N GLU D 119 38.82 71.50 2.62
CA GLU D 119 38.12 70.65 1.66
C GLU D 119 39.10 69.94 0.74
N GLY D 120 38.78 68.69 0.41
CA GLY D 120 39.58 67.87 -0.46
C GLY D 120 40.16 66.63 0.21
N CYS D 121 40.30 66.64 1.53
CA CYS D 121 40.90 65.52 2.24
C CYS D 121 39.80 64.54 2.65
N ALA D 122 40.16 63.58 3.50
CA ALA D 122 39.21 62.62 4.05
C ALA D 122 38.33 63.30 5.10
N PRO D 123 37.12 62.77 5.33
CA PRO D 123 36.22 63.39 6.32
C PRO D 123 36.83 63.40 7.71
N ALA D 124 36.47 64.42 8.48
CA ALA D 124 36.99 64.59 9.82
C ALA D 124 36.34 63.61 10.78
N ARG D 125 37.13 63.09 11.72
CA ARG D 125 36.66 62.13 12.71
C ARG D 125 37.19 62.51 14.08
N MET D 126 36.39 62.22 15.11
CA MET D 126 36.86 62.33 16.49
C MET D 126 36.24 61.21 17.31
N SER D 127 36.85 60.95 18.47
CA SER D 127 36.37 59.92 19.39
C SER D 127 36.34 60.50 20.80
N VAL D 128 35.14 60.64 21.34
CA VAL D 128 34.91 61.10 22.70
C VAL D 128 34.90 59.90 23.64
N PRO D 129 35.57 59.97 24.80
CA PRO D 129 35.50 58.86 25.76
C PRO D 129 34.25 58.93 26.60
N PHE D 130 34.09 57.99 27.55
CA PHE D 130 32.92 57.95 28.40
C PHE D 130 33.04 59.04 29.45
N ILE D 131 32.35 60.15 29.22
CA ILE D 131 32.36 61.27 30.15
C ILE D 131 31.01 61.29 30.87
N SER D 132 31.06 61.20 32.20
CA SER D 132 29.87 61.21 33.03
C SER D 132 30.30 61.21 34.49
N ILE D 133 29.51 61.86 35.34
CA ILE D 133 29.72 61.74 36.78
C ILE D 133 29.32 60.35 37.26
N GLY D 134 28.22 59.82 36.74
CA GLY D 134 27.76 58.50 37.13
C GLY D 134 28.60 57.39 36.54
N ASN D 135 28.14 56.16 36.73
CA ASN D 135 28.88 54.98 36.29
C ASN D 135 28.28 54.33 35.05
N ALA D 136 27.22 54.88 34.48
CA ALA D 136 26.60 54.35 33.27
C ALA D 136 25.52 55.31 32.81
N TYR D 137 25.16 55.20 31.52
CA TYR D 137 24.05 55.94 30.95
C TYR D 137 22.76 55.19 31.23
N SER D 138 21.67 55.94 31.43
CA SER D 138 20.36 55.35 31.72
C SER D 138 19.37 55.81 30.65
N ASN D 139 18.91 54.86 29.84
CA ASN D 139 17.87 55.19 28.85
C ASN D 139 16.58 55.59 29.53
N PHE D 140 16.20 54.87 30.59
CA PHE D 140 14.98 55.14 31.33
C PHE D 140 15.35 55.62 32.72
N TYR D 141 14.65 56.65 33.20
CA TYR D 141 14.84 57.18 34.54
C TYR D 141 13.46 57.43 35.13
N ASP D 142 13.13 56.73 36.21
CA ASP D 142 11.86 56.90 36.90
C ASP D 142 12.09 57.72 38.15
N GLY D 143 11.96 59.04 38.03
CA GLY D 143 12.20 59.92 39.15
C GLY D 143 12.19 61.36 38.70
N TRP D 144 12.72 62.22 39.56
CA TRP D 144 12.76 63.64 39.33
C TRP D 144 14.20 64.14 39.44
N SER D 145 14.45 65.33 38.88
CA SER D 145 15.79 65.90 38.95
C SER D 145 16.10 66.37 40.37
N HIS D 146 15.13 66.98 41.04
CA HIS D 146 15.27 67.41 42.42
C HIS D 146 14.52 66.45 43.35
N PHE D 147 15.07 66.27 44.55
CA PHE D 147 14.61 65.26 45.48
C PHE D 147 13.35 65.68 46.25
N THR D 148 12.64 66.71 45.80
CA THR D 148 11.43 67.17 46.46
C THR D 148 10.21 67.06 45.56
N GLN D 149 10.17 66.07 44.67
CA GLN D 149 9.05 65.85 43.75
C GLN D 149 8.72 67.11 42.95
N GLU D 150 9.76 67.78 42.45
CA GLU D 150 9.59 68.94 41.60
C GLU D 150 10.64 68.91 40.50
N GLY D 151 10.30 69.49 39.36
CA GLY D 151 11.15 69.44 38.18
C GLY D 151 10.63 68.48 37.14
N VAL D 152 11.41 68.35 36.06
CA VAL D 152 10.99 67.50 34.96
C VAL D 152 11.09 66.03 35.36
N TYR D 153 10.01 65.30 35.10
CA TYR D 153 9.90 63.89 35.46
C TYR D 153 10.59 63.03 34.41
N GLY D 154 11.54 62.21 34.85
CA GLY D 154 12.27 61.36 33.94
C GLY D 154 13.52 61.98 33.35
N PHE D 155 14.01 63.07 33.91
CA PHE D 155 15.21 63.74 33.40
C PHE D 155 16.34 63.53 34.40
N ASN D 156 17.40 62.86 33.96
CA ASN D 156 18.57 62.61 34.79
C ASN D 156 19.69 63.55 34.38
N SER D 157 20.22 64.31 35.35
CA SER D 157 21.22 65.31 35.03
C SER D 157 22.59 64.67 34.77
N LEU D 158 22.79 63.43 35.19
CA LEU D 158 24.11 62.82 35.11
C LEU D 158 24.57 62.64 33.67
N ASN D 159 23.68 62.19 32.79
CA ASN D 159 24.06 61.91 31.42
C ASN D 159 23.94 63.15 30.55
N ASN D 160 25.06 63.61 30.02
CA ASN D 160 25.11 64.73 29.09
C ASN D 160 26.34 64.52 28.21
N MET D 161 26.17 64.66 26.90
CA MET D 161 27.25 64.36 25.96
C MET D 161 27.84 65.59 25.29
N GLY D 162 27.32 66.78 25.54
CA GLY D 162 27.91 68.00 25.01
C GLY D 162 27.16 68.55 23.82
N HIS D 163 27.91 69.30 22.99
CA HIS D 163 27.38 69.88 21.77
C HIS D 163 28.44 69.83 20.69
N ILE D 164 28.01 69.95 19.44
CA ILE D 164 28.90 70.02 18.29
C ILE D 164 28.53 71.25 17.48
N TYR D 165 29.52 72.09 17.17
CA TYR D 165 29.32 73.33 16.43
C TYR D 165 30.25 73.35 15.22
N VAL D 166 29.77 73.91 14.11
CA VAL D 166 30.53 73.99 12.88
C VAL D 166 30.37 75.39 12.30
N ARG D 167 31.49 75.96 11.82
CA ARG D 167 31.41 77.26 11.16
C ARG D 167 32.49 77.34 10.08
N HIS D 168 32.37 78.35 9.23
CA HIS D 168 33.34 78.67 8.19
C HIS D 168 34.41 79.58 8.78
N VAL D 169 35.66 79.14 8.72
CA VAL D 169 36.76 80.01 9.13
C VAL D 169 36.93 81.15 8.14
N ASN D 170 36.87 80.86 6.85
CA ASN D 170 37.07 81.86 5.82
C ASN D 170 36.07 83.00 5.96
N GLU D 171 36.58 84.23 5.95
CA GLU D 171 35.75 85.42 5.90
C GLU D 171 35.69 85.88 4.45
N GLN D 172 34.66 85.43 3.74
CA GLN D 172 34.58 85.56 2.29
C GLN D 172 33.99 86.92 1.94
N SER D 173 34.75 87.73 1.21
CA SER D 173 34.35 89.09 0.92
C SER D 173 33.23 89.14 -0.11
N LEU D 174 33.32 88.33 -1.16
CA LEU D 174 32.36 88.34 -2.25
C LEU D 174 31.79 86.95 -2.43
N GLY D 175 30.46 86.84 -2.51
CA GLY D 175 29.82 85.57 -2.78
C GLY D 175 29.42 84.78 -1.54
N VAL D 176 28.17 84.35 -1.49
CA VAL D 176 27.71 83.48 -0.44
C VAL D 176 28.04 82.03 -0.79
N SER D 177 28.44 81.25 0.21
CA SER D 177 28.86 79.86 0.01
C SER D 177 28.10 78.98 1.01
N THR D 178 27.18 78.17 0.49
CA THR D 178 26.38 77.30 1.34
C THR D 178 27.07 75.95 1.53
N SER D 179 27.03 75.43 2.75
CA SER D 179 27.65 74.16 3.09
C SER D 179 26.63 73.26 3.79
N THR D 180 26.84 71.96 3.64
CA THR D 180 25.95 70.95 4.20
C THR D 180 26.74 69.98 5.05
N LEU D 181 26.25 69.72 6.26
CA LEU D 181 26.89 68.84 7.21
C LEU D 181 26.04 67.61 7.47
N ARG D 182 26.66 66.44 7.39
CA ARG D 182 26.04 65.17 7.76
C ARG D 182 26.88 64.53 8.85
N VAL D 183 26.24 64.20 9.97
CA VAL D 183 26.94 63.65 11.13
C VAL D 183 26.71 62.15 11.17
N TYR D 184 27.77 61.39 11.41
CA TYR D 184 27.71 59.93 11.51
C TYR D 184 28.20 59.55 12.90
N PHE D 185 27.31 58.94 13.69
CA PHE D 185 27.58 58.62 15.09
C PHE D 185 27.66 57.11 15.27
N LYS D 186 28.66 56.66 16.03
CA LYS D 186 28.81 55.22 16.23
C LYS D 186 29.42 54.90 17.59
N PRO D 187 28.75 54.12 18.42
CA PRO D 187 29.36 53.69 19.69
C PRO D 187 30.39 52.60 19.45
N LYS D 188 31.38 52.57 20.34
CA LYS D 188 32.37 51.50 20.38
C LYS D 188 32.61 51.07 21.82
N HIS D 189 33.07 49.83 22.00
CA HIS D 189 33.22 49.21 23.32
C HIS D 189 31.91 49.31 24.11
N VAL D 190 30.87 48.69 23.55
CA VAL D 190 29.52 48.87 24.06
C VAL D 190 29.24 47.80 25.11
N ARG D 191 28.72 48.24 26.25
CA ARG D 191 28.28 47.35 27.32
C ARG D 191 26.84 47.70 27.67
N ALA D 192 25.98 46.68 27.78
CA ALA D 192 24.56 46.89 27.99
C ALA D 192 24.07 46.02 29.14
N TRP D 193 23.15 46.57 29.93
CA TRP D 193 22.63 45.89 31.12
C TRP D 193 21.11 45.89 31.10
N VAL D 194 20.53 44.94 31.82
CA VAL D 194 19.10 44.90 32.13
C VAL D 194 18.25 45.01 30.87
N PRO D 195 18.14 43.96 30.07
CA PRO D 195 17.33 44.02 28.85
C PRO D 195 15.87 44.32 29.17
N ARG D 196 15.22 45.00 28.23
CA ARG D 196 13.83 45.42 28.36
C ARG D 196 13.05 45.04 27.12
N PRO D 197 11.74 44.86 27.22
CA PRO D 197 10.95 44.50 26.05
C PRO D 197 10.85 45.66 25.08
N PRO D 198 10.96 45.40 23.79
CA PRO D 198 10.94 46.49 22.81
C PRO D 198 9.56 47.11 22.69
N ARG D 199 9.54 48.38 22.27
CA ARG D 199 8.33 49.18 22.32
C ARG D 199 7.30 48.71 21.30
N LEU D 200 6.04 49.05 21.56
CA LEU D 200 4.91 48.66 20.73
C LEU D 200 4.20 49.82 20.06
N SER D 201 4.01 50.91 20.76
CA SER D 201 3.30 52.07 20.27
C SER D 201 4.27 53.11 19.72
N PRO D 202 3.86 53.85 18.69
CA PRO D 202 4.78 54.80 18.05
C PRO D 202 5.19 55.93 18.99
N TYR D 203 6.42 56.42 18.80
CA TYR D 203 6.93 57.51 19.60
C TYR D 203 6.23 58.82 19.24
N VAL D 204 5.99 59.66 20.24
CA VAL D 204 5.30 60.93 20.01
C VAL D 204 6.17 62.10 20.44
N LYS D 205 7.05 61.87 21.40
CA LYS D 205 7.88 62.94 21.97
C LYS D 205 9.32 62.48 22.04
N SER D 206 10.24 63.45 21.95
CA SER D 206 11.67 63.17 22.05
C SER D 206 12.20 63.29 23.47
N SER D 207 11.36 63.57 24.44
CA SER D 207 11.78 63.69 25.83
C SER D 207 10.99 62.83 26.80
N ASN D 208 9.86 62.28 26.40
CA ASN D 208 9.01 61.47 27.25
C ASN D 208 8.92 60.04 26.71
N VAL D 209 8.12 59.23 27.40
CA VAL D 209 7.70 57.94 26.90
C VAL D 209 6.20 57.91 26.64
N ASN D 210 5.57 59.08 26.50
CA ASN D 210 4.14 59.16 26.30
C ASN D 210 3.72 58.40 25.05
N PHE D 211 2.48 57.95 25.03
CA PHE D 211 2.01 57.09 23.95
C PHE D 211 0.49 57.13 23.89
N LYS D 212 -0.06 56.49 22.86
CA LYS D 212 -1.43 56.17 22.52
C LYS D 212 -1.65 54.67 22.61
N PRO D 213 -2.77 54.21 23.17
CA PRO D 213 -2.98 52.77 23.30
C PRO D 213 -3.22 52.10 21.96
N THR D 214 -2.26 51.32 21.49
CA THR D 214 -2.38 50.61 20.22
C THR D 214 -2.63 49.12 20.47
N ALA D 215 -3.05 48.43 19.41
CA ALA D 215 -3.37 47.02 19.51
C ALA D 215 -2.10 46.20 19.77
N VAL D 216 -2.31 44.95 20.17
CA VAL D 216 -1.18 44.09 20.51
C VAL D 216 -0.59 43.36 19.31
N THR D 217 -1.35 43.19 18.24
CA THR D 217 -0.88 42.49 17.04
C THR D 217 -1.87 42.76 15.91
N THR D 218 -1.66 42.11 14.77
CA THR D 218 -2.52 42.28 13.61
C THR D 218 -3.65 41.26 13.65
N GLU D 219 -4.81 41.69 13.15
CA GLU D 219 -6.03 40.90 13.28
C GLU D 219 -5.94 39.62 12.46
N ARG D 220 -6.83 38.68 12.79
CA ARG D 220 -6.95 37.40 12.10
C ARG D 220 -8.43 37.12 11.86
N LYS D 221 -8.71 36.30 10.84
CA LYS D 221 -10.09 36.08 10.45
C LYS D 221 -10.83 35.19 11.43
N ASP D 222 -10.15 34.19 11.98
CA ASP D 222 -10.76 33.27 12.93
C ASP D 222 -9.65 32.65 13.78
N ILE D 223 -10.04 32.02 14.88
CA ILE D 223 -9.06 31.43 15.78
C ILE D 223 -8.35 30.25 15.11
N ASN D 224 -9.09 29.39 14.43
CA ASN D 224 -8.50 28.27 13.69
C ASN D 224 -8.37 28.61 12.21
N ASP D 225 -7.51 29.57 11.92
CA ASP D 225 -7.33 30.09 10.56
C ASP D 225 -5.92 29.81 10.08
N VAL D 226 -5.80 29.04 9.00
CA VAL D 226 -4.56 28.88 8.25
C VAL D 226 -4.89 29.08 6.77
N GLY D 227 -4.63 30.27 6.24
CA GLY D 227 -5.01 30.59 4.85
C GLY D 227 -4.18 29.89 3.77
N THR D 228 -4.27 30.36 2.51
CA THR D 228 -3.54 29.78 1.34
C THR D 228 -4.16 28.44 0.91
N LEU D 229 -4.14 27.41 1.77
CA LEU D 229 -4.78 26.09 1.47
C LEU D 229 -4.10 25.41 0.28
N ARG D 230 -4.77 24.44 -0.35
CA ARG D 230 -4.22 23.77 -1.57
C ARG D 230 -5.35 23.45 -2.53
N PRO D 231 -5.22 23.69 -3.85
CA PRO D 231 -6.25 23.32 -4.84
C PRO D 231 -6.11 21.85 -5.26
N VAL D 232 -7.18 21.25 -5.77
CA VAL D 232 -7.14 19.80 -6.15
C VAL D 232 -6.14 19.62 -7.29
N GLY D 233 -5.36 18.54 -7.26
CA GLY D 233 -4.33 18.30 -8.30
C GLY D 233 -3.64 16.96 -8.11
N TYR D 234 -2.38 16.85 -8.53
CA TYR D 234 -1.62 15.61 -8.38
C TYR D 234 -1.44 15.24 -6.91
N THR D 235 -1.42 16.24 -6.02
CA THR D 235 -1.19 16.01 -4.61
C THR D 235 -2.46 16.13 -3.78
N ASN D 236 -3.15 17.28 -3.87
CA ASN D 236 -4.35 17.47 -3.06
C ASN D 236 -5.47 16.54 -3.50
N HIS D 237 -5.67 16.40 -4.81
CA HIS D 237 -6.74 15.56 -5.36
C HIS D 237 -8.10 15.94 -4.80
N ARG E 1 6.86 19.64 56.12
CA ARG E 1 5.77 20.25 55.36
C ARG E 1 5.78 21.77 55.53
N VAL E 2 5.38 22.24 56.70
CA VAL E 2 5.29 23.67 56.98
C VAL E 2 6.58 24.12 57.64
N ARG E 3 6.83 25.43 57.59
CA ARG E 3 8.05 26.02 58.13
C ARG E 3 7.75 27.44 58.60
N SER E 4 8.53 27.92 59.55
CA SER E 4 8.34 29.26 60.13
C SER E 4 9.59 30.10 59.91
N ILE E 5 9.40 31.39 59.68
CA ILE E 5 10.49 32.33 59.45
C ILE E 5 10.32 33.50 60.40
N THR E 6 11.12 33.53 61.46
CA THR E 6 11.03 34.53 62.52
C THR E 6 12.11 35.60 62.30
N LEU E 7 11.89 36.47 61.31
CA LEU E 7 12.81 37.59 61.13
C LEU E 7 12.47 38.72 62.09
N GLY E 8 13.50 39.39 62.60
CA GLY E 8 13.32 40.51 63.49
C GLY E 8 12.82 40.14 64.87
N ASN E 9 12.48 38.86 65.05
CA ASN E 9 12.02 38.31 66.33
C ASN E 9 10.64 38.86 66.68
N SER E 10 10.12 39.76 65.86
CA SER E 10 8.81 40.37 66.08
C SER E 10 7.80 40.01 65.02
N THR E 11 8.20 39.26 63.99
CA THR E 11 7.30 38.83 62.93
C THR E 11 7.53 37.36 62.64
N ILE E 12 6.44 36.63 62.44
CA ILE E 12 6.49 35.21 62.14
C ILE E 12 5.57 34.94 60.96
N THR E 13 6.06 34.17 59.98
CA THR E 13 5.29 33.81 58.81
C THR E 13 5.41 32.31 58.60
N THR E 14 4.33 31.70 58.12
CA THR E 14 4.29 30.27 57.85
C THR E 14 4.07 30.06 56.36
N GLN E 15 4.99 29.35 55.71
CA GLN E 15 4.89 29.02 54.31
C GLN E 15 5.38 27.60 54.09
N GLU E 16 4.90 26.96 53.02
CA GLU E 16 5.39 25.65 52.65
C GLU E 16 6.64 25.76 51.79
N CYS E 17 7.43 24.69 51.76
CA CYS E 17 8.67 24.67 51.00
C CYS E 17 8.36 24.73 49.51
N ALA E 18 8.85 25.77 48.83
CA ALA E 18 8.53 25.98 47.42
C ALA E 18 9.70 26.63 46.69
N ASN E 19 9.44 27.13 45.48
CA ASN E 19 10.47 27.66 44.60
C ASN E 19 10.58 29.17 44.76
N VAL E 20 11.81 29.68 44.63
CA VAL E 20 12.12 31.08 44.81
C VAL E 20 12.87 31.55 43.57
N VAL E 21 12.50 32.73 43.07
CA VAL E 21 13.17 33.33 41.91
C VAL E 21 14.13 34.39 42.43
N VAL E 22 15.43 34.11 42.37
CA VAL E 22 16.43 35.01 42.94
C VAL E 22 16.90 36.02 41.89
N GLY E 23 16.13 37.10 41.74
CA GLY E 23 16.54 38.25 40.94
C GLY E 23 17.17 37.90 39.62
N TYR E 24 18.24 38.63 39.29
CA TYR E 24 19.00 38.41 38.06
C TYR E 24 20.11 37.40 38.24
N GLY E 25 20.13 36.67 39.35
CA GLY E 25 21.14 35.67 39.62
C GLY E 25 22.05 36.00 40.78
N VAL E 26 21.99 37.21 41.31
CA VAL E 26 22.87 37.65 42.38
C VAL E 26 22.05 37.89 43.64
N TRP E 27 22.49 37.28 44.74
CA TRP E 27 21.87 37.55 46.03
C TRP E 27 22.23 38.95 46.50
N PRO E 28 21.35 39.62 47.24
CA PRO E 28 21.70 40.93 47.80
C PRO E 28 22.90 40.82 48.72
N SER E 29 23.78 41.82 48.65
CA SER E 29 25.02 41.80 49.40
C SER E 29 25.44 43.22 49.75
N TYR E 30 26.32 43.32 50.74
CA TYR E 30 26.79 44.62 51.21
C TYR E 30 27.71 45.26 50.18
N LEU E 31 27.66 46.59 50.12
CA LEU E 31 28.56 47.35 49.26
C LEU E 31 29.94 47.41 49.89
N GLN E 32 30.96 47.07 49.09
CA GLN E 32 32.32 46.99 49.60
C GLN E 32 33.09 48.28 49.32
N ASP E 33 34.31 48.35 49.87
CA ASP E 33 35.11 49.56 49.75
C ASP E 33 35.56 49.79 48.31
N ASN E 34 35.58 48.73 47.50
CA ASN E 34 35.99 48.87 46.11
C ASN E 34 34.97 49.67 45.30
N GLU E 35 33.67 49.41 45.52
CA GLU E 35 32.64 50.05 44.72
C GLU E 35 32.36 51.47 45.18
N ALA E 36 32.76 51.82 46.40
CA ALA E 36 32.42 53.12 46.97
C ALA E 36 33.46 54.16 46.56
N THR E 37 33.00 55.25 45.94
CA THR E 37 33.88 56.38 45.70
C THR E 37 34.07 57.20 46.97
N ALA E 38 33.07 57.22 47.84
CA ALA E 38 33.17 57.91 49.12
C ALA E 38 33.88 57.02 50.14
N GLU E 39 34.88 57.58 50.80
CA GLU E 39 35.63 56.81 51.79
C GLU E 39 34.85 56.68 53.10
N ASP E 40 33.83 57.51 53.31
CA ASP E 40 33.07 57.46 54.54
C ASP E 40 32.38 56.11 54.71
N GLN E 41 32.51 55.53 55.89
CA GLN E 41 31.93 54.23 56.16
C GLN E 41 30.41 54.35 56.23
N PRO E 42 29.66 53.58 55.44
CA PRO E 42 28.20 53.57 55.60
C PRO E 42 27.76 52.85 56.85
N THR E 43 26.79 53.42 57.57
CA THR E 43 26.25 52.75 58.74
C THR E 43 25.17 51.76 58.32
N GLN E 44 25.02 50.68 59.08
CA GLN E 44 24.14 49.60 58.71
C GLN E 44 23.02 49.44 59.74
N PRO E 45 21.85 50.05 59.52
CA PRO E 45 20.71 49.78 60.42
C PRO E 45 20.02 48.47 60.07
N ASP E 46 20.18 47.46 60.92
CA ASP E 46 19.63 46.14 60.68
C ASP E 46 18.73 45.65 61.79
N VAL E 47 18.53 46.43 62.84
CA VAL E 47 17.76 45.97 63.99
C VAL E 47 16.30 45.76 63.61
N ALA E 48 15.71 46.75 62.93
CA ALA E 48 14.29 46.71 62.63
C ALA E 48 13.98 46.75 61.13
N THR E 49 14.96 46.99 60.28
CA THR E 49 14.73 46.92 58.84
C THR E 49 14.72 45.49 58.32
N CYS E 50 15.20 44.53 59.12
CA CYS E 50 15.16 43.13 58.72
C CYS E 50 13.98 42.42 59.37
N ARG E 51 12.76 42.80 59.01
CA ARG E 51 11.56 42.16 59.52
C ARG E 51 10.49 42.20 58.44
N PHE E 52 9.41 41.44 58.66
CA PHE E 52 8.37 41.26 57.67
C PHE E 52 7.35 42.39 57.78
N TYR E 53 7.14 43.10 56.67
CA TYR E 53 6.21 44.22 56.62
C TYR E 53 5.01 43.79 55.78
N THR E 54 4.01 43.22 56.43
CA THR E 54 2.82 42.75 55.72
C THR E 54 1.93 43.93 55.35
N LEU E 55 1.78 44.16 54.04
CA LEU E 55 0.91 45.23 53.57
C LEU E 55 -0.55 44.81 53.67
N ASP E 56 -1.45 45.72 53.28
CA ASP E 56 -2.86 45.42 53.29
C ASP E 56 -3.19 44.33 52.27
N SER E 57 -4.22 43.55 52.58
CA SER E 57 -4.68 42.51 51.68
C SER E 57 -5.63 43.10 50.64
N ILE E 58 -5.55 42.60 49.41
CA ILE E 58 -6.32 43.14 48.31
C ILE E 58 -7.26 42.06 47.79
N GLN E 59 -8.40 42.50 47.25
CA GLN E 59 -9.46 41.59 46.84
C GLN E 59 -9.42 41.41 45.32
N TRP E 60 -9.17 40.17 44.88
CA TRP E 60 -9.21 39.83 43.47
C TRP E 60 -10.64 39.41 43.16
N GLN E 61 -11.35 40.24 42.41
CA GLN E 61 -12.71 39.97 41.99
C GLN E 61 -12.73 39.51 40.53
N LYS E 62 -13.93 39.35 39.99
CA LYS E 62 -14.08 38.84 38.64
C LYS E 62 -13.71 39.89 37.60
N GLU E 63 -13.91 41.17 37.92
CA GLU E 63 -13.70 42.26 36.97
C GLU E 63 -12.53 43.16 37.35
N SER E 64 -11.46 42.59 37.91
CA SER E 64 -10.26 43.34 38.21
C SER E 64 -9.28 43.24 37.04
N ASP E 65 -8.33 44.16 37.01
CA ASP E 65 -7.41 44.24 35.88
C ASP E 65 -5.94 44.14 36.25
N GLY E 66 -5.52 44.77 37.35
CA GLY E 66 -4.13 44.69 37.73
C GLY E 66 -3.84 45.64 38.88
N TRP E 67 -2.59 45.58 39.36
CA TRP E 67 -2.16 46.45 40.45
C TRP E 67 -0.66 46.69 40.34
N TRP E 68 -0.22 47.89 40.76
CA TRP E 68 1.22 48.13 40.88
C TRP E 68 1.51 48.82 42.21
N TRP E 69 2.63 48.47 42.83
CA TRP E 69 3.23 49.23 43.92
C TRP E 69 4.56 49.79 43.44
N LYS E 70 4.95 50.95 43.96
CA LYS E 70 6.22 51.58 43.60
C LYS E 70 7.17 51.50 44.78
N PHE E 71 8.35 50.90 44.56
CA PHE E 71 9.35 50.75 45.59
C PHE E 71 10.54 51.64 45.27
N PRO E 72 11.22 52.19 46.28
CA PRO E 72 11.04 51.91 47.71
C PRO E 72 10.10 52.84 48.46
N GLU E 73 9.04 53.32 47.82
CA GLU E 73 8.10 54.22 48.49
C GLU E 73 6.97 53.49 49.21
N ALA E 74 6.85 52.18 49.00
CA ALA E 74 5.74 51.43 49.61
C ALA E 74 5.89 51.30 51.11
N LEU E 75 7.09 51.52 51.66
CA LEU E 75 7.36 51.39 53.08
C LEU E 75 7.64 52.76 53.72
N LYS E 76 6.89 53.78 53.31
CA LYS E 76 7.17 55.13 53.79
C LYS E 76 6.77 55.29 55.26
N ASN E 77 5.75 54.57 55.71
CA ASN E 77 5.29 54.63 57.09
C ASN E 77 5.53 53.34 57.87
N MET E 78 6.28 52.40 57.30
CA MET E 78 6.39 51.05 57.89
C MET E 78 7.64 50.96 58.77
N GLY E 79 7.45 51.26 60.05
CA GLY E 79 8.46 50.95 61.04
C GLY E 79 9.69 51.84 60.97
N LEU E 80 10.82 51.30 61.41
CA LEU E 80 12.07 52.06 61.41
C LEU E 80 12.50 52.43 60.00
N PHE E 81 12.04 51.67 59.00
CA PHE E 81 12.38 52.00 57.62
C PHE E 81 11.84 53.37 57.23
N GLY E 82 10.61 53.68 57.65
CA GLY E 82 10.05 54.99 57.37
C GLY E 82 10.78 56.14 58.04
N GLN E 83 11.30 55.92 59.25
CA GLN E 83 12.09 56.94 59.93
C GLN E 83 13.44 57.13 59.24
N ASN E 84 14.07 56.02 58.86
CA ASN E 84 15.42 56.11 58.28
C ASN E 84 15.40 56.57 56.83
N MET E 85 14.26 56.46 56.13
CA MET E 85 14.18 57.08 54.81
C MET E 85 14.18 58.61 54.90
N GLU E 86 13.72 59.14 56.03
CA GLU E 86 13.63 60.58 56.21
C GLU E 86 14.88 61.17 56.88
N TYR E 87 15.39 60.51 57.92
CA TYR E 87 16.50 61.07 58.69
C TYR E 87 17.85 60.94 58.01
N HIS E 88 17.93 60.20 56.91
CA HIS E 88 19.17 60.03 56.18
C HIS E 88 19.07 60.71 54.82
N TYR E 89 20.12 60.59 54.02
CA TYR E 89 20.15 61.18 52.68
C TYR E 89 20.33 60.15 51.58
N LEU E 90 21.24 59.21 51.77
CA LEU E 90 21.54 58.18 50.77
C LEU E 90 21.19 56.81 51.35
N GLY E 91 20.51 56.00 50.56
CA GLY E 91 20.10 54.69 51.01
C GLY E 91 20.31 53.64 49.94
N ARG E 92 20.23 52.38 50.35
CA ARG E 92 20.47 51.24 49.47
C ARG E 92 19.99 49.97 50.15
N SER E 93 19.24 49.14 49.43
CA SER E 93 18.71 47.91 50.02
C SER E 93 18.26 46.97 48.90
N GLY E 94 18.12 45.69 49.28
CA GLY E 94 17.43 44.72 48.46
C GLY E 94 16.17 44.26 49.17
N TYR E 95 15.37 43.45 48.48
CA TYR E 95 14.07 43.07 49.02
C TYR E 95 13.75 41.60 48.79
N THR E 96 12.92 41.06 49.66
CA THR E 96 12.26 39.76 49.47
C THR E 96 10.76 40.00 49.49
N ILE E 97 10.05 39.53 48.47
CA ILE E 97 8.63 39.81 48.29
C ILE E 97 7.90 38.47 48.21
N HIS E 98 6.95 38.26 49.11
CA HIS E 98 6.05 37.13 49.08
C HIS E 98 4.67 37.61 48.61
N VAL E 99 4.04 36.85 47.72
CA VAL E 99 2.66 37.09 47.32
C VAL E 99 1.90 35.77 47.45
N GLN E 100 0.79 35.81 48.16
CA GLN E 100 -0.01 34.61 48.41
C GLN E 100 -1.47 34.87 48.10
N CYS E 101 -2.14 33.87 47.54
CA CYS E 101 -3.56 33.93 47.24
C CYS E 101 -4.28 32.85 48.03
N ASN E 102 -5.35 33.23 48.74
CA ASN E 102 -6.11 32.28 49.55
C ASN E 102 -7.36 31.87 48.78
N ALA E 103 -7.24 30.81 47.99
CA ALA E 103 -8.34 30.30 47.19
C ALA E 103 -8.52 28.81 47.41
N SER E 104 -9.75 28.33 47.27
CA SER E 104 -10.06 26.93 47.47
C SER E 104 -9.72 26.11 46.23
N LYS E 105 -10.23 24.88 46.21
CA LYS E 105 -10.01 23.99 45.07
C LYS E 105 -11.07 24.12 44.00
N PHE E 106 -11.97 25.11 44.11
CA PHE E 106 -13.02 25.31 43.13
C PHE E 106 -12.92 26.63 42.37
N HIS E 107 -11.83 27.37 42.55
CA HIS E 107 -11.65 28.63 41.83
C HIS E 107 -10.67 28.46 40.68
N GLN E 108 -10.59 29.49 39.84
CA GLN E 108 -9.72 29.50 38.67
C GLN E 108 -9.00 30.84 38.58
N GLY E 109 -7.76 30.82 38.10
CA GLY E 109 -7.04 32.07 37.89
C GLY E 109 -5.60 31.83 37.54
N CYS E 110 -4.97 32.89 37.03
CA CYS E 110 -3.54 32.84 36.67
C CYS E 110 -2.99 34.26 36.74
N LEU E 111 -2.29 34.56 37.82
CA LEU E 111 -1.64 35.85 37.99
C LEU E 111 -0.21 35.82 37.45
N LEU E 112 0.25 36.98 37.00
CA LEU E 112 1.65 37.21 36.67
C LEU E 112 2.19 38.25 37.65
N VAL E 113 3.27 37.91 38.34
CA VAL E 113 3.91 38.79 39.30
C VAL E 113 5.27 39.18 38.76
N VAL E 114 5.50 40.49 38.56
CA VAL E 114 6.73 40.96 37.97
C VAL E 114 7.32 42.08 38.82
N CYS E 115 8.64 42.22 38.72
CA CYS E 115 9.38 43.32 39.35
C CYS E 115 10.11 44.07 38.25
N VAL E 116 9.54 45.17 37.79
CA VAL E 116 10.06 45.92 36.65
C VAL E 116 11.00 47.00 37.18
N PRO E 117 12.28 46.99 36.80
CA PRO E 117 13.20 48.04 37.26
C PRO E 117 13.05 49.31 36.43
N GLU E 118 12.83 50.43 37.13
CA GLU E 118 12.70 51.75 36.52
C GLU E 118 11.65 51.75 35.42
N ALA E 119 10.41 51.49 35.83
CA ALA E 119 9.27 51.45 34.91
C ALA E 119 8.76 52.87 34.72
N GLU E 120 9.28 53.52 33.68
CA GLU E 120 8.88 54.89 33.38
C GLU E 120 7.52 54.89 32.71
N MET E 121 6.55 55.55 33.33
CA MET E 121 5.17 55.52 32.87
C MET E 121 4.79 56.85 32.20
N GLY E 122 3.90 56.74 31.22
CA GLY E 122 3.51 57.88 30.43
C GLY E 122 2.15 58.45 30.77
N CYS E 123 1.90 59.70 30.40
CA CYS E 123 0.68 60.41 30.76
C CYS E 123 -0.50 59.92 29.91
N SER E 124 -1.70 60.27 30.36
CA SER E 124 -2.93 59.96 29.61
C SER E 124 -3.08 60.96 28.47
N ASP E 125 -3.15 62.25 28.81
CA ASP E 125 -3.03 63.28 27.79
C ASP E 125 -1.61 63.28 27.25
N VAL E 126 -1.48 63.22 25.93
CA VAL E 126 -0.18 62.92 25.32
C VAL E 126 0.81 64.05 25.59
N GLU E 127 0.38 65.30 25.41
CA GLU E 127 1.33 66.40 25.41
C GLU E 127 1.79 66.76 26.81
N ARG E 128 0.92 66.65 27.80
CA ARG E 128 1.25 67.11 29.15
C ARG E 128 2.14 66.10 29.87
N GLU E 129 2.45 66.41 31.12
CA GLU E 129 3.29 65.58 31.96
C GLU E 129 2.46 64.94 33.07
N VAL E 130 3.13 64.20 33.96
CA VAL E 130 2.46 63.54 35.07
C VAL E 130 2.86 64.23 36.38
N VAL E 131 2.17 63.83 37.45
CA VAL E 131 2.47 64.35 38.79
C VAL E 131 2.89 63.18 39.68
N ALA E 132 3.41 63.50 40.87
CA ALA E 132 3.87 62.45 41.77
C ALA E 132 2.73 61.72 42.46
N ALA E 133 1.58 62.37 42.61
CA ALA E 133 0.45 61.71 43.25
C ALA E 133 -0.12 60.61 42.37
N SER E 134 -0.11 60.81 41.06
CA SER E 134 -0.68 59.83 40.15
C SER E 134 0.12 58.53 40.13
N LEU E 135 1.45 58.64 40.25
CA LEU E 135 2.29 57.47 40.06
C LEU E 135 2.11 56.45 41.17
N SER E 136 1.97 56.90 42.41
CA SER E 136 1.98 55.94 43.51
C SER E 136 1.24 56.50 44.71
N SER E 137 0.70 55.58 45.52
CA SER E 137 0.17 55.89 46.83
C SER E 137 1.09 55.27 47.88
N GLU E 138 1.05 55.82 49.09
CA GLU E 138 2.04 55.45 50.11
C GLU E 138 1.97 53.95 50.43
N ASP E 139 0.76 53.41 50.58
CA ASP E 139 0.59 51.97 50.74
C ASP E 139 -0.59 51.39 49.98
N THR E 140 -1.58 52.20 49.60
CA THR E 140 -2.68 51.72 48.79
C THR E 140 -2.18 51.38 47.39
N ALA E 141 -2.77 50.35 46.79
CA ALA E 141 -2.34 49.84 45.49
C ALA E 141 -3.15 50.49 44.38
N LYS E 142 -2.45 51.18 43.48
CA LYS E 142 -3.09 51.67 42.27
C LYS E 142 -3.40 50.51 41.33
N SER E 143 -4.34 50.73 40.42
CA SER E 143 -4.83 49.66 39.55
C SER E 143 -4.91 50.12 38.10
N PHE E 144 -4.80 49.17 37.19
CA PHE E 144 -5.03 49.41 35.78
C PHE E 144 -6.53 49.53 35.50
N SER E 145 -6.87 49.59 34.22
CA SER E 145 -8.25 49.61 33.77
C SER E 145 -8.34 48.86 32.44
N ARG E 146 -9.58 48.48 32.09
CA ARG E 146 -9.79 47.73 30.85
C ARG E 146 -9.88 48.65 29.65
N THR E 147 -10.51 49.81 29.81
CA THR E 147 -10.63 50.76 28.73
C THR E 147 -9.56 51.84 28.85
N GLU E 148 -9.51 52.70 27.84
CA GLU E 148 -8.52 53.78 27.82
C GLU E 148 -8.96 54.91 28.72
N SER E 149 -8.04 55.37 29.57
CA SER E 149 -8.30 56.51 30.44
C SER E 149 -8.12 57.81 29.68
N ASN E 150 -8.80 58.86 30.15
CA ASN E 150 -8.77 60.17 29.51
C ASN E 150 -8.49 61.28 30.52
N GLY E 151 -7.63 61.00 31.49
CA GLY E 151 -7.28 61.98 32.49
C GLY E 151 -6.33 63.03 31.93
N GLN E 152 -6.16 64.11 32.70
CA GLN E 152 -5.29 65.21 32.33
C GLN E 152 -3.86 65.00 32.82
N HIS E 153 -3.69 64.70 34.11
CA HIS E 153 -2.37 64.50 34.70
C HIS E 153 -2.25 63.12 35.32
N THR E 154 -2.90 62.12 34.72
CA THR E 154 -2.94 60.77 35.27
C THR E 154 -2.22 59.81 34.33
N VAL E 155 -1.72 58.71 34.91
CA VAL E 155 -1.03 57.70 34.13
C VAL E 155 -2.03 56.97 33.22
N GLN E 156 -1.52 56.51 32.08
CA GLN E 156 -2.32 55.71 31.15
C GLN E 156 -2.51 54.33 31.77
N THR E 157 -3.73 54.06 32.24
CA THR E 157 -4.03 52.83 32.96
C THR E 157 -4.59 51.73 32.07
N VAL E 158 -4.16 51.66 30.81
CA VAL E 158 -4.61 50.60 29.93
C VAL E 158 -3.79 49.34 30.23
N VAL E 159 -4.49 48.25 30.56
CA VAL E 159 -3.81 47.04 31.02
C VAL E 159 -3.04 46.38 29.89
N TYR E 160 -3.58 46.38 28.67
CA TYR E 160 -2.92 45.67 27.59
C TYR E 160 -1.73 46.43 27.02
N ASN E 161 -1.29 47.51 27.67
CA ASN E 161 -0.04 48.17 27.34
C ASN E 161 0.79 48.43 28.58
N ALA E 162 0.30 48.03 29.76
CA ALA E 162 0.99 48.13 31.04
C ALA E 162 1.36 49.55 31.43
N GLY E 163 0.91 50.55 30.67
CA GLY E 163 1.23 51.94 30.97
C GLY E 163 2.64 52.32 30.59
N MET E 164 3.52 51.32 30.51
CA MET E 164 4.92 51.52 30.17
C MET E 164 5.15 51.78 28.69
N GLY E 165 4.11 51.61 27.85
CA GLY E 165 4.25 51.75 26.42
C GLY E 165 4.59 50.48 25.69
N VAL E 166 4.66 49.34 26.37
CA VAL E 166 5.09 48.09 25.79
C VAL E 166 3.96 47.08 25.90
N GLY E 167 3.94 46.14 24.95
CA GLY E 167 2.98 45.05 25.03
C GLY E 167 3.15 44.25 26.30
N VAL E 168 2.02 43.95 26.94
CA VAL E 168 2.06 43.31 28.26
C VAL E 168 2.61 41.89 28.15
N GLY E 169 2.29 41.19 27.05
CA GLY E 169 2.71 39.80 26.92
C GLY E 169 4.22 39.64 26.93
N ASN E 170 4.95 40.69 26.62
CA ASN E 170 6.41 40.66 26.57
C ASN E 170 7.04 40.97 27.92
N LEU E 171 6.24 41.16 28.97
CA LEU E 171 6.77 41.55 30.27
C LEU E 171 7.55 40.44 30.96
N THR E 172 7.53 39.21 30.44
CA THR E 172 8.16 38.09 31.13
C THR E 172 9.68 38.11 31.06
N ILE E 173 10.27 39.10 30.40
CA ILE E 173 11.73 39.21 30.32
C ILE E 173 12.27 39.64 31.68
N PHE E 174 11.48 40.38 32.43
CA PHE E 174 11.83 40.86 33.75
C PHE E 174 11.72 39.75 34.78
N PRO E 175 12.32 39.93 35.97
CA PRO E 175 12.09 38.97 37.06
C PRO E 175 10.62 38.81 37.36
N HIS E 176 10.14 37.57 37.33
CA HIS E 176 8.72 37.30 37.31
C HIS E 176 8.42 35.90 37.82
N GLN E 177 7.14 35.65 38.10
CA GLN E 177 6.65 34.33 38.45
C GLN E 177 5.16 34.26 38.15
N TRP E 178 4.64 33.04 38.11
CA TRP E 178 3.24 32.79 37.74
C TRP E 178 2.52 32.14 38.90
N ILE E 179 1.32 32.64 39.20
CA ILE E 179 0.47 32.08 40.24
C ILE E 179 -0.70 31.40 39.55
N ASN E 180 -0.64 30.06 39.45
CA ASN E 180 -1.72 29.29 38.87
C ASN E 180 -2.49 28.62 40.01
N LEU E 181 -3.72 29.08 40.24
CA LEU E 181 -4.50 28.57 41.38
C LEU E 181 -4.76 27.08 41.29
N ARG E 182 -4.61 26.49 40.10
CA ARG E 182 -4.77 25.05 39.96
C ARG E 182 -3.71 24.30 40.77
N THR E 183 -2.48 24.80 40.79
CA THR E 183 -1.36 24.11 41.44
C THR E 183 -0.63 24.97 42.46
N ASN E 184 -0.53 26.27 42.24
CA ASN E 184 0.33 27.14 43.04
C ASN E 184 -0.47 28.28 43.63
N ASN E 185 -0.04 28.74 44.82
CA ASN E 185 -0.66 29.89 45.46
C ASN E 185 0.35 30.79 46.18
N SER E 186 1.61 30.74 45.79
CA SER E 186 2.64 31.54 46.44
C SER E 186 3.78 31.81 45.49
N ALA E 187 4.19 33.08 45.42
CA ALA E 187 5.34 33.51 44.62
C ALA E 187 6.29 34.27 45.51
N THR E 188 7.59 33.98 45.40
CA THR E 188 8.62 34.63 46.19
C THR E 188 9.70 35.16 45.26
N ILE E 189 10.04 36.44 45.40
CA ILE E 189 11.01 37.10 44.55
C ILE E 189 12.06 37.78 45.43
N VAL E 190 13.32 37.58 45.09
CA VAL E 190 14.43 38.23 45.79
C VAL E 190 15.06 39.23 44.83
N MET E 191 14.83 40.52 45.06
CA MET E 191 15.25 41.56 44.14
C MET E 191 16.43 42.33 44.69
N PRO E 192 17.59 42.27 44.04
CA PRO E 192 18.76 43.03 44.50
C PRO E 192 18.66 44.51 44.20
N TYR E 193 19.74 45.25 44.48
CA TYR E 193 19.79 46.69 44.24
C TYR E 193 20.32 46.94 42.84
N ILE E 194 19.46 47.47 41.97
CA ILE E 194 19.82 47.75 40.58
C ILE E 194 19.74 49.25 40.38
N ASN E 195 20.89 49.87 40.09
CA ASN E 195 20.95 51.31 39.84
C ASN E 195 22.30 51.63 39.22
N SER E 196 22.40 52.83 38.66
CA SER E 196 23.61 53.28 37.98
C SER E 196 24.60 53.97 38.90
N VAL E 197 24.25 54.19 40.16
CA VAL E 197 25.15 54.84 41.12
C VAL E 197 25.21 53.97 42.38
N PRO E 198 26.32 54.00 43.13
CA PRO E 198 26.40 53.16 44.34
C PRO E 198 25.34 53.46 45.39
N MET E 199 24.88 54.71 45.49
CA MET E 199 23.85 55.06 46.47
C MET E 199 22.96 56.15 45.87
N ASP E 200 21.66 56.06 46.11
CA ASP E 200 20.70 57.02 45.60
C ASP E 200 19.75 57.46 46.71
N ASN E 201 19.21 58.66 46.55
CA ASN E 201 18.26 59.19 47.52
C ASN E 201 16.96 58.39 47.49
N MET E 202 16.40 58.13 48.67
CA MET E 202 15.22 57.29 48.76
C MET E 202 13.97 58.00 48.25
N PHE E 203 13.77 59.26 48.64
CA PHE E 203 12.53 59.95 48.31
C PHE E 203 12.45 60.28 46.82
N ARG E 204 13.59 60.59 46.20
CA ARG E 204 13.58 61.09 44.83
C ARG E 204 13.29 59.98 43.82
N HIS E 205 13.90 58.82 43.98
CA HIS E 205 13.99 57.82 42.94
C HIS E 205 13.21 56.57 43.33
N TYR E 206 12.29 56.14 42.46
CA TYR E 206 11.59 54.88 42.62
C TYR E 206 12.45 53.78 41.99
N ASN E 207 13.00 52.90 42.83
CA ASN E 207 13.92 51.89 42.33
C ASN E 207 13.23 50.94 41.35
N PHE E 208 12.01 50.50 41.66
CA PHE E 208 11.32 49.57 40.77
C PHE E 208 9.83 49.57 41.05
N THR E 209 9.12 48.70 40.33
CA THR E 209 7.66 48.64 40.43
C THR E 209 7.24 47.18 40.46
N LEU E 210 6.48 46.81 41.48
CA LEU E 210 5.91 45.47 41.58
C LEU E 210 4.53 45.46 40.95
N MET E 211 4.33 44.61 39.95
CA MET E 211 3.05 44.56 39.25
C MET E 211 2.45 43.16 39.30
N ILE E 212 1.15 43.10 39.55
CA ILE E 212 0.38 41.85 39.55
C ILE E 212 -0.70 42.03 38.50
N ILE E 213 -0.72 41.14 37.51
CA ILE E 213 -1.68 41.23 36.40
C ILE E 213 -2.35 39.87 36.24
N PRO E 214 -3.68 39.78 36.36
CA PRO E 214 -4.36 38.50 36.08
C PRO E 214 -4.56 38.25 34.60
N PHE E 215 -3.89 37.24 34.05
CA PHE E 215 -4.07 36.91 32.64
C PHE E 215 -5.32 36.06 32.42
N ALA E 216 -5.61 35.16 33.36
CA ALA E 216 -6.82 34.36 33.32
C ALA E 216 -7.78 34.84 34.38
N LYS E 217 -9.01 35.13 33.97
CA LYS E 217 -9.97 35.76 34.88
C LYS E 217 -10.46 34.78 35.94
N LEU E 218 -10.85 35.33 37.09
CA LEU E 218 -11.40 34.51 38.15
C LEU E 218 -12.77 33.98 37.77
N GLU E 219 -13.05 32.74 38.12
CA GLU E 219 -14.33 32.10 37.84
C GLU E 219 -14.72 31.23 39.01
N TYR E 220 -15.98 31.32 39.42
CA TYR E 220 -16.51 30.51 40.51
C TYR E 220 -17.99 30.27 40.28
N THR E 221 -18.50 29.22 40.91
CA THR E 221 -19.93 28.95 40.87
C THR E 221 -20.66 29.97 41.76
N GLU E 222 -21.99 30.00 41.61
CA GLU E 222 -22.78 31.06 42.25
C GLU E 222 -22.62 31.04 43.76
N GLN E 223 -22.65 29.85 44.37
CA GLN E 223 -22.61 29.74 45.83
C GLN E 223 -21.16 29.49 46.28
N ALA E 224 -20.37 30.55 46.22
CA ALA E 224 -18.99 30.51 46.66
C ALA E 224 -18.55 31.93 47.00
N SER E 225 -17.38 32.04 47.64
CA SER E 225 -16.84 33.34 48.01
C SER E 225 -16.63 34.19 46.76
N ASN E 226 -17.09 35.44 46.82
CA ASN E 226 -17.12 36.32 45.67
C ASN E 226 -15.74 36.81 45.25
N TYR E 227 -14.71 36.62 46.06
CA TYR E 227 -13.41 37.20 45.79
C TYR E 227 -12.32 36.22 46.22
N VAL E 228 -11.07 36.63 45.97
CA VAL E 228 -9.90 35.89 46.44
C VAL E 228 -8.98 36.87 47.14
N PRO E 229 -8.60 36.63 48.40
CA PRO E 229 -7.68 37.55 49.06
C PRO E 229 -6.25 37.31 48.65
N ILE E 230 -5.55 38.39 48.35
CA ILE E 230 -4.13 38.38 48.00
C ILE E 230 -3.39 39.15 49.08
N THR E 231 -2.32 38.54 49.60
CA THR E 231 -1.51 39.09 50.68
C THR E 231 -0.09 39.28 50.18
N VAL E 232 0.49 40.44 50.47
CA VAL E 232 1.84 40.79 50.04
C VAL E 232 2.70 41.04 51.26
N THR E 233 3.93 40.55 51.22
CA THR E 233 4.87 40.70 52.33
C THR E 233 6.21 41.15 51.77
N VAL E 234 6.83 42.12 52.43
CA VAL E 234 8.10 42.70 51.99
C VAL E 234 9.08 42.63 53.15
N ALA E 235 10.31 42.20 52.85
CA ALA E 235 11.36 42.13 53.85
C ALA E 235 12.64 42.74 53.27
N PRO E 236 13.10 43.87 53.78
CA PRO E 236 14.37 44.44 53.30
C PRO E 236 15.56 43.59 53.71
N MET E 237 16.62 43.68 52.94
CA MET E 237 17.87 42.95 53.19
C MET E 237 19.05 43.83 52.83
N CYS E 238 20.09 43.79 53.66
CA CYS E 238 21.35 44.47 53.41
C CYS E 238 21.15 45.97 53.22
N ALA E 239 20.55 46.61 54.22
CA ALA E 239 20.30 48.03 54.16
C ALA E 239 21.55 48.81 54.58
N GLU E 240 21.96 49.76 53.74
CA GLU E 240 23.13 50.58 54.00
C GLU E 240 22.78 52.04 53.77
N TYR E 241 23.17 52.89 54.72
CA TYR E 241 22.84 54.30 54.70
C TYR E 241 24.12 55.12 54.85
N ASN E 242 24.00 56.42 54.63
CA ASN E 242 25.16 57.29 54.68
C ASN E 242 25.62 57.52 56.12
N GLY E 243 26.85 57.99 56.26
CA GLY E 243 27.43 58.26 57.57
C GLY E 243 27.29 59.73 57.93
N LEU E 244 27.24 60.00 59.24
CA LEU E 244 27.00 61.34 59.77
C LEU E 244 28.05 61.73 60.81
N ARG E 245 29.31 61.41 60.57
CA ARG E 245 30.38 61.71 61.52
C ARG E 245 31.54 62.39 60.80
N LEU E 246 32.30 63.17 61.56
CA LEU E 246 33.40 63.96 61.02
C LEU E 246 34.56 63.03 60.66
N ALA E 247 34.81 62.87 59.36
CA ALA E 247 35.96 62.09 58.93
C ALA E 247 37.27 62.74 59.35
N SER E 248 37.38 64.05 59.12
CA SER E 248 38.57 64.77 59.56
C SER E 248 38.62 64.80 61.08
N HIS E 249 39.84 64.70 61.64
CA HIS E 249 40.00 64.70 63.08
C HIS E 249 39.45 65.98 63.68
N GLN E 250 38.71 65.84 64.79
CA GLN E 250 38.09 66.99 65.45
C GLN E 250 38.61 67.14 66.87
N MET F 1 51.89 52.58 -5.29
CA MET F 1 51.89 52.52 -3.82
C MET F 1 50.50 52.74 -3.26
N LEU F 2 49.72 53.61 -3.89
CA LEU F 2 48.39 53.98 -3.42
C LEU F 2 47.41 54.02 -4.58
N THR F 3 46.23 53.46 -4.36
CA THR F 3 45.14 53.62 -5.31
C THR F 3 44.30 54.84 -4.91
N PRO F 4 43.63 55.48 -5.87
CA PRO F 4 42.72 56.59 -5.51
C PRO F 4 41.61 56.16 -4.57
N GLY F 5 41.22 54.89 -4.60
CA GLY F 5 40.22 54.38 -3.67
C GLY F 5 40.74 54.10 -2.28
N SER F 6 42.04 54.25 -2.05
CA SER F 6 42.58 54.07 -0.71
C SER F 6 42.13 55.18 0.23
N ASN F 7 41.90 56.38 -0.30
CA ASN F 7 41.36 57.50 0.48
C ASN F 7 39.88 57.63 0.18
N GLN F 8 39.06 57.17 1.11
CA GLN F 8 37.62 57.19 0.99
C GLN F 8 37.01 56.98 2.36
N PHE F 9 35.71 57.23 2.45
CA PHE F 9 34.95 57.00 3.68
C PHE F 9 33.97 55.86 3.39
N LEU F 10 34.26 54.69 3.94
CA LEU F 10 33.41 53.52 3.81
C LEU F 10 32.62 53.38 5.11
N THR F 11 31.29 53.34 5.00
CA THR F 11 30.45 53.36 6.19
C THR F 11 30.59 52.10 7.03
N SER F 12 31.20 51.05 6.48
CA SER F 12 31.34 49.77 7.18
C SER F 12 32.80 49.43 7.45
N ASP F 13 33.58 50.40 7.90
CA ASP F 13 34.98 50.19 8.24
C ASP F 13 35.21 50.43 9.73
N ASP F 14 36.25 49.79 10.26
CA ASP F 14 36.61 49.89 11.67
C ASP F 14 38.09 50.24 11.78
N PHE F 15 38.40 51.53 11.74
CA PHE F 15 39.74 52.04 11.98
C PHE F 15 39.73 52.93 13.20
N GLN F 16 40.71 52.74 14.08
CA GLN F 16 40.77 53.48 15.32
C GLN F 16 40.90 54.98 15.04
N SER F 17 40.09 55.77 15.74
CA SER F 17 40.06 57.21 15.57
C SER F 17 40.85 57.91 16.68
N PRO F 18 41.47 59.04 16.39
CA PRO F 18 42.24 59.75 17.43
C PRO F 18 41.31 60.25 18.53
N SER F 19 41.83 60.25 19.76
CA SER F 19 41.03 60.68 20.90
C SER F 19 40.94 62.20 20.94
N ALA F 20 39.78 62.71 21.35
CA ALA F 20 39.56 64.15 21.38
C ALA F 20 39.70 64.73 22.78
N MET F 21 39.58 63.89 23.82
CA MET F 21 39.69 64.32 25.21
C MET F 21 40.64 63.39 25.96
N PRO F 22 41.93 63.48 25.71
CA PRO F 22 42.89 62.67 26.47
C PRO F 22 43.01 63.19 27.90
N GLN F 23 43.86 62.50 28.68
CA GLN F 23 44.14 62.76 30.09
C GLN F 23 42.86 62.85 30.93
N PHE F 24 41.73 62.43 30.37
CA PHE F 24 40.45 62.45 31.07
C PHE F 24 40.24 61.09 31.72
N ASP F 25 40.56 61.00 33.00
CA ASP F 25 40.45 59.72 33.71
C ASP F 25 38.98 59.36 33.88
N VAL F 26 38.53 58.35 33.14
CA VAL F 26 37.12 58.00 33.12
C VAL F 26 36.70 57.44 34.47
N THR F 27 35.40 57.47 34.74
CA THR F 27 34.87 56.96 35.99
C THR F 27 34.95 55.44 36.00
N PRO F 28 35.54 54.83 37.03
CA PRO F 28 35.62 53.37 37.06
C PRO F 28 34.24 52.73 37.11
N GLU F 29 34.12 51.56 36.48
CA GLU F 29 32.84 50.88 36.37
C GLU F 29 32.54 50.08 37.63
N MET F 30 31.25 49.84 37.86
CA MET F 30 30.77 49.07 39.00
C MET F 30 29.97 47.88 38.50
N LYS F 31 29.80 46.89 39.38
CA LYS F 31 29.14 45.64 39.02
C LYS F 31 27.63 45.82 39.10
N ILE F 32 27.00 46.07 37.96
CA ILE F 32 25.55 46.18 37.86
C ILE F 32 25.00 44.83 37.40
N PRO F 33 24.09 44.21 38.15
CA PRO F 33 23.57 42.91 37.75
C PRO F 33 22.69 42.98 36.51
N GLY F 34 22.69 41.88 35.76
CA GLY F 34 21.85 41.78 34.58
C GLY F 34 22.52 42.05 33.27
N GLU F 35 23.79 41.68 33.11
CA GLU F 35 24.51 41.98 31.89
C GLU F 35 24.05 41.07 30.75
N VAL F 36 24.14 41.58 29.53
CA VAL F 36 23.78 40.83 28.32
C VAL F 36 25.00 40.73 27.42
N HIS F 37 25.33 39.52 27.00
CA HIS F 37 26.42 39.29 26.08
C HIS F 37 25.97 38.96 24.66
N ASN F 38 24.70 38.59 24.48
CA ASN F 38 24.19 38.22 23.17
C ASN F 38 22.68 38.43 23.17
N LEU F 39 22.14 38.84 22.02
CA LEU F 39 20.70 39.04 21.93
C LEU F 39 19.95 37.72 21.94
N MET F 40 20.64 36.60 21.70
CA MET F 40 19.98 35.31 21.77
C MET F 40 19.64 34.91 23.20
N GLU F 41 20.22 35.56 24.20
CA GLU F 41 19.75 35.37 25.58
C GLU F 41 18.41 36.04 25.81
N ILE F 42 17.98 36.92 24.89
CA ILE F 42 16.68 37.55 25.01
C ILE F 42 15.60 36.72 24.33
N ALA F 43 15.97 35.96 23.29
CA ALA F 43 14.99 35.21 22.51
C ALA F 43 14.65 33.85 23.08
N GLU F 44 15.29 33.44 24.18
CA GLU F 44 14.97 32.18 24.84
C GLU F 44 14.24 32.37 26.16
N VAL F 45 13.35 33.36 26.25
CA VAL F 45 12.48 33.54 27.40
C VAL F 45 11.04 33.45 26.93
N ASP F 46 10.22 32.75 27.70
CA ASP F 46 8.84 32.49 27.31
C ASP F 46 8.02 33.76 27.37
N SER F 47 7.25 34.03 26.31
CA SER F 47 6.35 35.15 26.25
C SER F 47 4.98 34.67 25.78
N VAL F 48 3.92 35.32 26.26
CA VAL F 48 2.58 34.86 25.95
C VAL F 48 2.24 35.17 24.50
N VAL F 49 1.65 34.19 23.82
CA VAL F 49 1.38 34.25 22.39
C VAL F 49 -0.09 34.59 22.18
N PRO F 50 -0.41 35.71 21.53
CA PRO F 50 -1.82 36.05 21.30
C PRO F 50 -2.47 35.18 20.22
N VAL F 51 -2.79 33.93 20.55
CA VAL F 51 -3.34 33.02 19.55
C VAL F 51 -4.78 33.37 19.19
N ASN F 52 -5.46 34.20 19.97
CA ASN F 52 -6.88 34.45 19.74
C ASN F 52 -7.13 35.87 19.26
N ASN F 53 -6.31 36.35 18.33
CA ASN F 53 -6.42 37.71 17.82
C ASN F 53 -7.41 37.78 16.64
N THR F 54 -8.68 37.54 16.95
CA THR F 54 -9.71 37.49 15.92
C THR F 54 -10.40 38.84 15.71
N LYS F 55 -9.59 39.89 15.55
CA LYS F 55 -10.04 41.18 15.02
C LYS F 55 -10.94 41.93 16.00
N GLU F 56 -11.32 41.27 17.09
CA GLU F 56 -12.12 41.90 18.14
C GLU F 56 -11.45 41.87 19.49
N ASN F 57 -10.38 41.10 19.65
CA ASN F 57 -9.68 40.99 20.91
C ASN F 57 -8.34 41.71 20.93
N ILE F 58 -7.85 42.18 19.78
CA ILE F 58 -6.57 42.85 19.72
C ILE F 58 -6.57 44.18 20.47
N ASN F 59 -7.74 44.65 20.90
CA ASN F 59 -7.84 45.85 21.74
C ASN F 59 -8.15 45.49 23.19
N SER F 60 -7.76 44.29 23.61
CA SER F 60 -7.98 43.83 24.96
C SER F 60 -7.04 42.66 25.23
N MET F 61 -7.10 42.14 26.46
CA MET F 61 -6.32 40.96 26.81
C MET F 61 -6.98 39.67 26.38
N GLU F 62 -8.22 39.73 25.87
CA GLU F 62 -8.91 38.51 25.46
C GLU F 62 -8.15 37.76 24.39
N ALA F 63 -7.29 38.46 23.63
CA ALA F 63 -6.52 37.80 22.58
C ALA F 63 -5.54 36.79 23.17
N TYR F 64 -5.10 37.01 24.42
CA TYR F 64 -4.08 36.15 25.00
C TYR F 64 -4.61 34.80 25.46
N ARG F 65 -5.93 34.65 25.60
CA ARG F 65 -6.52 33.47 26.19
C ARG F 65 -7.20 32.62 25.11
N ILE F 66 -6.88 31.34 25.07
CA ILE F 66 -7.60 30.40 24.22
C ILE F 66 -8.74 29.78 25.03
N PRO F 67 -10.00 29.97 24.64
CA PRO F 67 -11.10 29.49 25.48
C PRO F 67 -11.48 28.04 25.21
N VAL F 68 -11.51 27.22 26.25
CA VAL F 68 -11.99 25.85 26.12
C VAL F 68 -13.30 25.74 26.89
N THR F 69 -14.30 25.16 26.25
CA THR F 69 -15.65 25.11 26.80
C THR F 69 -16.11 23.67 26.95
N GLY F 70 -16.92 23.44 27.99
CA GLY F 70 -17.45 22.12 28.26
C GLY F 70 -18.84 21.92 27.71
N GLY F 71 -19.03 20.85 26.95
CA GLY F 71 -20.31 20.59 26.31
C GLY F 71 -20.30 19.24 25.64
N ASP F 72 -21.30 19.04 24.79
CA ASP F 72 -21.47 17.74 24.14
C ASP F 72 -20.60 17.58 22.91
N GLN F 73 -20.00 18.68 22.41
CA GLN F 73 -19.13 18.58 21.25
C GLN F 73 -17.88 17.77 21.57
N LEU F 74 -17.47 16.94 20.63
CA LEU F 74 -16.40 15.99 20.85
C LEU F 74 -15.31 16.03 19.77
N HIS F 75 -15.69 16.30 18.52
CA HIS F 75 -14.76 16.23 17.40
C HIS F 75 -14.38 17.61 16.87
N THR F 76 -14.67 18.67 17.63
CA THR F 76 -14.44 20.02 17.15
C THR F 76 -13.03 20.48 17.49
N GLN F 77 -12.48 21.35 16.64
CA GLN F 77 -11.15 21.90 16.84
C GLN F 77 -11.12 22.82 18.05
N VAL F 78 -9.92 22.96 18.63
CA VAL F 78 -9.70 23.93 19.70
C VAL F 78 -9.06 25.18 19.11
N PHE F 79 -7.91 25.01 18.45
CA PHE F 79 -7.23 26.09 17.76
C PHE F 79 -6.30 25.48 16.71
N GLY F 80 -5.69 26.34 15.90
CA GLY F 80 -4.73 25.90 14.90
C GLY F 80 -4.03 27.07 14.23
N PHE F 81 -2.72 26.95 14.00
CA PHE F 81 -1.98 28.03 13.37
C PHE F 81 -0.80 27.49 12.58
N GLN F 82 -0.14 28.39 11.87
CA GLN F 82 1.00 28.10 11.02
C GLN F 82 2.29 28.47 11.74
N MET F 83 3.30 27.62 11.62
CA MET F 83 4.54 27.77 12.39
C MET F 83 5.62 28.39 11.52
N GLN F 84 5.50 29.70 11.30
CA GLN F 84 6.53 30.49 10.61
C GLN F 84 6.79 31.76 11.42
N PRO F 85 7.63 31.67 12.45
CA PRO F 85 7.87 32.84 13.31
C PRO F 85 8.43 34.02 12.52
N GLY F 86 8.08 35.22 12.97
CA GLY F 86 8.60 36.44 12.38
C GLY F 86 7.78 37.01 11.25
N LEU F 87 6.87 36.24 10.66
CA LEU F 87 6.04 36.74 9.57
C LEU F 87 4.57 36.43 9.83
N ASN F 88 4.31 35.37 10.59
CA ASN F 88 2.95 35.02 10.96
C ASN F 88 2.40 36.06 11.91
N SER F 89 1.14 36.46 11.68
CA SER F 89 0.53 37.52 12.48
C SER F 89 0.41 37.14 13.95
N VAL F 90 0.54 35.86 14.27
CA VAL F 90 0.45 35.42 15.66
C VAL F 90 1.75 35.69 16.40
N PHE F 91 2.89 35.41 15.76
CA PHE F 91 4.18 35.43 16.42
C PHE F 91 5.00 36.70 16.18
N LYS F 92 4.60 37.55 15.22
CA LYS F 92 5.51 38.59 14.76
C LYS F 92 5.69 39.71 15.78
N ARG F 93 4.94 39.70 16.88
CA ARG F 93 5.05 40.75 17.87
C ARG F 93 5.68 40.29 19.18
N THR F 94 5.85 38.99 19.37
CA THR F 94 6.51 38.50 20.57
C THR F 94 8.01 38.78 20.49
N LEU F 95 8.73 38.41 21.55
CA LEU F 95 10.17 38.66 21.59
C LEU F 95 10.89 37.91 20.48
N LEU F 96 10.55 36.63 20.30
CA LEU F 96 11.13 35.85 19.21
C LEU F 96 10.90 36.54 17.87
N GLY F 97 9.66 36.93 17.60
CA GLY F 97 9.34 37.55 16.33
C GLY F 97 10.10 38.83 16.07
N GLU F 98 10.25 39.66 17.10
CA GLU F 98 10.90 40.96 16.90
C GLU F 98 12.41 40.81 16.74
N ILE F 99 13.04 39.96 17.57
CA ILE F 99 14.46 39.73 17.40
C ILE F 99 14.75 39.08 16.05
N LEU F 100 13.84 38.25 15.56
CA LEU F 100 13.96 37.78 14.18
C LEU F 100 13.82 38.92 13.19
N ASN F 101 12.85 39.80 13.40
CA ASN F 101 12.53 40.84 12.43
C ASN F 101 13.65 41.85 12.28
N TYR F 102 14.52 42.00 13.28
CA TYR F 102 15.72 42.82 13.04
C TYR F 102 16.64 42.17 12.01
N TYR F 103 16.76 40.85 12.02
CA TYR F 103 17.67 40.15 11.11
C TYR F 103 16.92 39.64 9.88
N ALA F 104 17.68 39.10 8.93
CA ALA F 104 17.11 38.66 7.66
C ALA F 104 17.14 37.16 7.46
N HIS F 105 18.11 36.45 8.03
CA HIS F 105 18.15 35.00 7.95
C HIS F 105 18.11 34.41 9.36
N TRP F 106 17.49 33.25 9.48
CA TRP F 106 17.36 32.60 10.79
C TRP F 106 17.32 31.09 10.60
N SER F 107 17.67 30.36 11.66
CA SER F 107 17.68 28.91 11.64
C SER F 107 17.64 28.38 13.06
N GLY F 108 16.77 27.41 13.31
CA GLY F 108 16.66 26.80 14.63
C GLY F 108 15.30 26.16 14.80
N SER F 109 14.99 25.86 16.06
CA SER F 109 13.75 25.21 16.44
C SER F 109 13.05 26.02 17.54
N VAL F 110 11.75 25.80 17.69
CA VAL F 110 10.91 26.60 18.57
C VAL F 110 10.22 25.70 19.57
N LYS F 111 10.25 26.11 20.85
CA LYS F 111 9.60 25.40 21.94
C LYS F 111 8.30 26.11 22.29
N LEU F 112 7.22 25.33 22.37
CA LEU F 112 5.90 25.86 22.71
C LEU F 112 5.40 25.18 23.97
N THR F 113 4.99 25.98 24.96
CA THR F 113 4.50 25.48 26.22
C THR F 113 3.06 25.92 26.42
N PHE F 114 2.17 24.96 26.65
CA PHE F 114 0.76 25.24 26.89
C PHE F 114 0.45 25.01 28.36
N VAL F 115 -0.24 25.96 28.98
CA VAL F 115 -0.62 25.91 30.38
C VAL F 115 -2.13 25.98 30.47
N PHE F 116 -2.71 25.13 31.32
CA PHE F 116 -4.16 25.01 31.47
C PHE F 116 -4.61 25.81 32.68
N CYS F 117 -5.22 26.98 32.44
CA CYS F 117 -5.80 27.80 33.50
C CYS F 117 -7.23 27.33 33.70
N GLY F 118 -7.42 26.46 34.70
CA GLY F 118 -8.71 25.89 34.98
C GLY F 118 -8.79 25.42 36.41
N SER F 119 -9.94 24.86 36.76
CA SER F 119 -10.14 24.39 38.13
C SER F 119 -9.24 23.20 38.42
N ALA F 120 -9.03 22.95 39.71
CA ALA F 120 -8.24 21.78 40.10
C ALA F 120 -9.05 20.49 40.03
N MET F 121 -10.35 20.58 39.79
CA MET F 121 -11.22 19.42 39.71
C MET F 121 -11.69 19.12 38.29
N ALA F 122 -11.08 19.74 37.29
CA ALA F 122 -11.43 19.50 35.89
C ALA F 122 -10.56 18.37 35.33
N THR F 123 -11.13 17.65 34.37
CA THR F 123 -10.46 16.48 33.79
C THR F 123 -10.92 16.31 32.35
N GLY F 124 -9.96 16.20 31.43
CA GLY F 124 -10.25 16.01 30.02
C GLY F 124 -9.02 15.50 29.31
N LYS F 125 -9.03 15.65 27.98
CA LYS F 125 -7.92 15.25 27.14
C LYS F 125 -7.85 16.17 25.93
N PHE F 126 -6.69 16.18 25.26
CA PHE F 126 -6.49 16.95 24.05
C PHE F 126 -5.50 16.19 23.16
N LEU F 127 -5.55 16.49 21.87
CA LEU F 127 -4.89 15.68 20.85
C LEU F 127 -3.95 16.56 20.01
N LEU F 128 -3.04 17.27 20.68
CA LEU F 128 -2.21 18.25 19.98
C LEU F 128 -1.45 17.60 18.83
N ALA F 129 -1.64 18.14 17.62
CA ALA F 129 -1.13 17.52 16.41
C ALA F 129 -0.22 18.49 15.65
N TYR F 130 0.82 17.93 15.05
CA TYR F 130 1.79 18.67 14.26
C TYR F 130 1.88 18.06 12.87
N SER F 131 1.97 18.90 11.85
CA SER F 131 2.10 18.39 10.49
C SER F 131 3.40 18.86 9.87
N PRO F 132 4.07 18.02 9.09
CA PRO F 132 5.34 18.41 8.48
C PRO F 132 5.16 19.56 7.51
N PRO F 133 6.24 20.25 7.13
CA PRO F 133 6.09 21.37 6.19
C PRO F 133 5.43 21.00 4.88
N GLY F 134 5.73 19.83 4.34
CA GLY F 134 5.15 19.45 3.06
C GLY F 134 3.85 18.68 3.17
N ALA F 135 2.84 19.29 3.78
CA ALA F 135 1.55 18.63 3.95
C ALA F 135 0.49 19.70 4.18
N SER F 136 -0.76 19.24 4.20
CA SER F 136 -1.97 20.02 4.46
C SER F 136 -2.45 19.76 5.88
N PRO F 137 -3.09 20.74 6.52
CA PRO F 137 -3.53 20.54 7.90
C PRO F 137 -4.61 19.47 7.96
N PRO F 138 -4.64 18.69 9.03
CA PRO F 138 -5.71 17.70 9.19
C PRO F 138 -7.07 18.36 9.28
N GLN F 139 -8.08 17.67 8.77
CA GLN F 139 -9.43 18.22 8.71
C GLN F 139 -10.31 17.74 9.87
N ASN F 140 -10.14 16.50 10.30
CA ASN F 140 -10.93 15.95 11.39
C ASN F 140 -10.00 15.23 12.37
N ARG F 141 -10.57 14.75 13.47
CA ARG F 141 -9.76 14.16 14.53
C ARG F 141 -9.00 12.93 14.05
N LYS F 142 -9.63 12.09 13.21
CA LYS F 142 -8.98 10.86 12.76
C LYS F 142 -7.71 11.16 11.97
N GLN F 143 -7.75 12.13 11.06
CA GLN F 143 -6.57 12.45 10.28
C GLN F 143 -5.45 13.01 11.15
N ALA F 144 -5.79 13.85 12.14
CA ALA F 144 -4.78 14.37 13.04
C ALA F 144 -4.18 13.27 13.91
N MET F 145 -4.98 12.25 14.24
CA MET F 145 -4.47 11.14 15.05
C MET F 145 -3.43 10.32 14.29
N LEU F 146 -3.63 10.14 12.98
CA LEU F 146 -2.76 9.28 12.20
C LEU F 146 -1.44 9.93 11.82
N GLY F 147 -1.29 11.22 12.05
CA GLY F 147 -0.03 11.92 11.79
C GLY F 147 0.89 11.86 12.98
N THR F 148 1.50 12.99 13.30
CA THR F 148 2.29 13.14 14.51
C THR F 148 1.46 13.90 15.53
N HIS F 149 1.27 13.33 16.70
CA HIS F 149 0.37 13.90 17.70
C HIS F 149 0.88 13.58 19.09
N VAL F 150 0.21 14.16 20.08
CA VAL F 150 0.47 13.91 21.49
C VAL F 150 -0.83 14.10 22.26
N ILE F 151 -1.15 13.14 23.11
CA ILE F 151 -2.36 13.18 23.93
C ILE F 151 -1.99 13.85 25.26
N TRP F 152 -2.45 15.08 25.42
CA TRP F 152 -2.20 15.86 26.63
C TRP F 152 -3.38 15.65 27.56
N ASP F 153 -3.09 15.17 28.77
CA ASP F 153 -4.11 14.95 29.79
C ASP F 153 -4.04 16.09 30.80
N VAL F 154 -5.16 16.79 30.99
CA VAL F 154 -5.19 17.92 31.90
C VAL F 154 -5.54 17.44 33.29
N GLY F 155 -5.55 16.12 33.48
CA GLY F 155 -5.77 15.56 34.79
C GLY F 155 -4.47 15.24 35.50
N LEU F 156 -3.59 14.50 34.83
CA LEU F 156 -2.29 14.18 35.43
C LEU F 156 -1.35 15.37 35.38
N GLN F 157 -1.38 16.13 34.29
CA GLN F 157 -0.44 17.22 34.06
C GLN F 157 -1.20 18.52 33.83
N SER F 158 -0.54 19.64 34.12
CA SER F 158 -1.10 20.96 33.90
C SER F 158 -0.45 21.71 32.74
N SER F 159 0.70 21.24 32.26
CA SER F 159 1.40 21.92 31.18
C SER F 159 1.93 20.89 30.19
N CYS F 160 2.05 21.32 28.94
CA CYS F 160 2.50 20.44 27.86
C CYS F 160 3.54 21.16 27.02
N VAL F 161 4.66 20.50 26.77
CA VAL F 161 5.76 21.06 26.01
C VAL F 161 5.84 20.38 24.66
N LEU F 162 6.03 21.16 23.60
CA LEU F 162 6.07 20.62 22.24
C LEU F 162 7.16 21.38 21.48
N CYS F 163 8.12 20.65 20.93
CA CYS F 163 9.29 21.25 20.29
C CYS F 163 9.20 21.03 18.79
N ILE F 164 8.93 22.10 18.05
CA ILE F 164 8.86 22.00 16.58
C ILE F 164 10.27 21.77 16.03
N PRO F 165 10.45 20.83 15.12
CA PRO F 165 11.80 20.58 14.56
C PRO F 165 12.15 21.57 13.46
N TRP F 166 13.37 21.41 12.95
CA TRP F 166 13.93 22.30 11.93
C TRP F 166 14.11 21.49 10.64
N ILE F 167 13.28 21.77 9.65
CA ILE F 167 13.32 21.07 8.37
C ILE F 167 13.47 22.10 7.26
N SER F 168 14.51 21.95 6.45
CA SER F 168 14.79 22.87 5.35
C SER F 168 15.84 22.25 4.44
N GLN F 169 15.96 22.82 3.24
CA GLN F 169 16.97 22.35 2.30
C GLN F 169 18.28 23.12 2.47
N THR F 170 18.20 24.44 2.57
CA THR F 170 19.38 25.28 2.66
C THR F 170 19.82 25.45 4.10
N HIS F 171 20.81 26.32 4.30
CA HIS F 171 21.39 26.50 5.64
C HIS F 171 20.60 27.52 6.44
N TYR F 172 20.26 28.66 5.83
CA TYR F 172 19.51 29.72 6.48
C TYR F 172 18.27 30.01 5.66
N ARG F 173 17.09 29.90 6.26
CA ARG F 173 15.88 30.33 5.59
C ARG F 173 15.68 31.83 5.79
N LEU F 174 14.70 32.37 5.07
CA LEU F 174 14.41 33.80 5.12
C LEU F 174 13.37 34.10 6.19
N VAL F 175 13.25 35.39 6.51
CA VAL F 175 12.20 35.83 7.44
C VAL F 175 10.91 36.12 6.68
N GLN F 176 10.97 36.97 5.67
CA GLN F 176 9.86 37.21 4.75
C GLN F 176 10.12 36.42 3.49
N GLN F 177 9.29 35.41 3.24
CA GLN F 177 9.48 34.51 2.11
C GLN F 177 8.12 34.10 1.58
N ASP F 178 8.08 33.80 0.27
CA ASP F 178 6.85 33.32 -0.36
C ASP F 178 6.62 31.88 0.07
N GLU F 179 6.18 31.75 1.32
CA GLU F 179 6.11 30.47 2.02
C GLU F 179 4.64 30.07 2.12
N TYR F 180 4.14 29.37 1.10
CA TYR F 180 2.74 28.94 1.05
C TYR F 180 2.69 27.43 1.16
N THR F 181 1.80 26.94 2.05
CA THR F 181 1.52 25.51 2.25
C THR F 181 2.78 24.65 2.25
N SER F 182 3.89 25.23 2.74
CA SER F 182 5.15 24.49 2.80
C SER F 182 5.92 24.75 4.09
N ALA F 183 5.27 25.26 5.12
CA ALA F 183 5.96 25.65 6.36
C ALA F 183 5.63 24.69 7.50
N GLY F 184 4.37 24.50 7.81
CA GLY F 184 3.98 23.63 8.91
C GLY F 184 2.65 24.06 9.49
N TYR F 185 2.12 23.21 10.35
CA TYR F 185 0.82 23.47 10.98
C TYR F 185 0.79 22.82 12.34
N VAL F 186 0.30 23.55 13.35
CA VAL F 186 0.08 23.01 14.68
C VAL F 186 -1.38 23.22 15.04
N THR F 187 -2.08 22.13 15.37
CA THR F 187 -3.50 22.19 15.67
C THR F 187 -3.78 21.48 16.99
N CYS F 188 -4.94 21.76 17.56
CA CYS F 188 -5.37 21.10 18.79
C CYS F 188 -6.80 20.61 18.62
N TRP F 189 -7.04 19.36 19.04
CA TRP F 189 -8.34 18.73 18.86
C TRP F 189 -8.86 18.22 20.19
N TYR F 190 -10.17 18.36 20.38
CA TYR F 190 -10.88 17.83 21.53
C TYR F 190 -10.79 16.31 21.47
N GLN F 191 -10.40 15.69 22.58
CA GLN F 191 -10.33 14.23 22.60
C GLN F 191 -11.51 13.61 23.33
N THR F 192 -11.86 14.11 24.51
CA THR F 192 -12.97 13.54 25.26
C THR F 192 -13.99 14.58 25.66
N GLY F 193 -13.54 15.80 25.96
CA GLY F 193 -14.43 16.83 26.47
C GLY F 193 -14.12 17.14 27.92
N LEU F 194 -14.44 18.37 28.35
CA LEU F 194 -14.11 18.80 29.70
C LEU F 194 -15.17 18.34 30.68
N ILE F 195 -14.74 17.68 31.76
CA ILE F 195 -15.63 17.12 32.77
C ILE F 195 -15.38 17.85 34.09
N VAL F 196 -16.46 18.25 34.74
CA VAL F 196 -16.36 18.96 36.02
C VAL F 196 -17.31 18.35 37.04
N PRO F 197 -16.96 18.35 38.32
CA PRO F 197 -17.91 17.91 39.35
C PRO F 197 -18.87 19.03 39.67
N PRO F 198 -19.95 18.75 40.41
CA PRO F 198 -20.88 19.83 40.80
C PRO F 198 -20.19 20.84 41.69
N GLY F 199 -20.01 22.05 41.17
CA GLY F 199 -19.35 23.14 41.87
C GLY F 199 -18.22 23.79 41.09
N ALA F 200 -17.52 23.04 40.26
CA ALA F 200 -16.47 23.65 39.44
C ALA F 200 -17.08 24.37 38.25
N PRO F 201 -16.46 25.45 37.80
CA PRO F 201 -16.96 26.17 36.62
C PRO F 201 -16.86 25.31 35.38
N PRO F 202 -17.81 25.44 34.44
CA PRO F 202 -17.72 24.64 33.21
C PRO F 202 -16.54 25.00 32.32
N SER F 203 -16.37 26.28 31.99
CA SER F 203 -15.37 26.69 31.01
C SER F 203 -14.00 26.90 31.65
N CYS F 204 -12.97 26.88 30.80
CA CYS F 204 -11.60 27.08 31.24
C CYS F 204 -10.82 27.79 30.14
N THR F 205 -9.54 28.03 30.41
CA THR F 205 -8.70 28.84 29.53
C THR F 205 -7.36 28.13 29.33
N ILE F 206 -6.73 28.39 28.19
CA ILE F 206 -5.41 27.86 27.90
C ILE F 206 -4.52 29.02 27.47
N LEU F 207 -3.28 29.01 27.98
CA LEU F 207 -2.29 30.03 27.66
C LEU F 207 -1.10 29.37 26.97
N CYS F 208 -0.45 30.11 26.08
CA CYS F 208 0.64 29.58 25.28
C CYS F 208 1.87 30.49 25.38
N PHE F 209 3.03 29.87 25.53
CA PHE F 209 4.32 30.56 25.54
C PHE F 209 5.20 29.99 24.44
N ALA F 210 5.98 30.85 23.81
CA ALA F 210 6.85 30.46 22.71
C ALA F 210 8.27 30.96 22.95
N SER F 211 9.25 30.11 22.69
CA SER F 211 10.63 30.51 22.87
C SER F 211 11.50 29.76 21.87
N ALA F 212 12.77 30.17 21.79
CA ALA F 212 13.70 29.52 20.90
C ALA F 212 14.57 28.52 21.66
N CYS F 213 14.98 27.47 20.95
CA CYS F 213 15.82 26.44 21.56
C CYS F 213 17.28 26.86 21.53
N ASN F 214 18.18 25.91 21.82
CA ASN F 214 19.61 26.21 21.94
C ASN F 214 20.36 26.14 20.62
N ASP F 215 19.72 25.69 19.54
CA ASP F 215 20.34 25.64 18.23
C ASP F 215 20.11 26.90 17.42
N PHE F 216 19.48 27.91 18.01
CA PHE F 216 18.88 29.00 17.25
C PHE F 216 19.93 30.05 16.91
N SER F 217 19.85 30.60 15.69
CA SER F 217 20.83 31.57 15.23
C SER F 217 20.21 32.41 14.11
N VAL F 218 20.82 33.57 13.86
CA VAL F 218 20.37 34.52 12.85
C VAL F 218 21.56 35.14 12.14
N ARG F 219 21.27 35.88 11.08
CA ARG F 219 22.30 36.47 10.22
C ARG F 219 21.72 37.61 9.39
N ASN F 220 22.62 38.43 8.87
CA ASN F 220 22.31 39.51 7.92
C ASN F 220 21.35 40.53 8.52
N LEU F 221 21.87 41.26 9.51
CA LEU F 221 21.12 42.32 10.17
C LEU F 221 20.60 43.34 9.16
N ARG F 222 19.38 43.80 9.38
CA ARG F 222 18.77 44.85 8.58
C ARG F 222 17.87 45.68 9.47
N ASP F 223 17.12 46.61 8.87
CA ASP F 223 16.20 47.45 9.61
C ASP F 223 14.88 46.73 9.86
N THR F 224 14.26 47.03 11.00
CA THR F 224 12.97 46.42 11.32
C THR F 224 11.86 47.06 10.50
N PRO F 225 10.82 46.30 10.12
CA PRO F 225 9.73 46.87 9.33
C PRO F 225 8.64 47.55 10.16
N PHE F 226 8.78 47.60 11.48
CA PHE F 226 7.70 48.13 12.31
C PHE F 226 7.77 49.64 12.45
N ILE F 227 8.96 50.22 12.35
CA ILE F 227 9.10 51.66 12.45
C ILE F 227 8.56 52.31 11.18
N GLU F 228 7.82 53.40 11.34
CA GLU F 228 7.12 54.04 10.23
C GLU F 228 7.26 55.55 10.33
N GLN F 229 8.42 56.03 10.79
CA GLN F 229 8.67 57.45 10.96
C GLN F 229 10.02 57.81 10.36
N THR F 230 10.07 58.91 9.61
CA THR F 230 11.29 59.39 8.99
C THR F 230 11.66 60.80 9.43
N GLN F 231 10.88 61.40 10.33
CA GLN F 231 11.12 62.76 10.79
C GLN F 231 11.71 62.71 12.19
N LEU F 232 12.76 63.51 12.41
CA LEU F 232 13.30 63.67 13.76
C LEU F 232 12.22 64.24 14.68
N LEU F 233 11.99 63.56 15.79
CA LEU F 233 10.94 63.98 16.71
C LEU F 233 11.21 65.38 17.24
N GLN F 234 10.15 66.17 17.37
CA GLN F 234 10.24 67.56 17.82
C GLN F 234 11.19 68.36 16.92
N GLU G 1 -15.18 16.02 -28.42
CA GLU G 1 -16.45 15.71 -29.04
C GLU G 1 -16.71 14.20 -29.03
N VAL G 2 -15.85 13.47 -28.33
CA VAL G 2 -15.98 12.02 -28.23
C VAL G 2 -17.15 11.70 -27.31
N GLN G 3 -18.01 10.79 -27.74
CA GLN G 3 -19.24 10.50 -27.02
C GLN G 3 -18.95 9.72 -25.73
N LEU G 4 -20.02 9.44 -24.99
CA LEU G 4 -19.92 8.73 -23.72
C LEU G 4 -21.29 8.17 -23.39
N GLN G 5 -21.31 6.91 -22.92
CA GLN G 5 -22.55 6.22 -22.60
C GLN G 5 -22.44 5.58 -21.22
N GLN G 6 -23.59 5.24 -20.65
CA GLN G 6 -23.66 4.59 -19.35
C GLN G 6 -24.78 3.55 -19.39
N SER G 7 -25.15 3.03 -18.22
CA SER G 7 -26.05 1.90 -18.14
C SER G 7 -27.43 2.24 -18.71
N GLY G 8 -28.04 3.31 -18.23
CA GLY G 8 -29.34 3.72 -18.72
C GLY G 8 -30.41 3.70 -17.66
N PRO G 9 -31.55 4.34 -17.95
CA PRO G 9 -32.63 4.45 -16.95
C PRO G 9 -33.41 3.16 -16.75
N GLU G 10 -33.68 2.82 -15.49
CA GLU G 10 -34.57 1.70 -15.14
C GLU G 10 -35.59 2.20 -14.12
N LEU G 11 -36.74 1.55 -14.08
CA LEU G 11 -37.74 1.81 -13.05
C LEU G 11 -37.51 0.83 -11.90
N ALA G 12 -36.97 1.31 -10.80
CA ALA G 12 -36.58 0.46 -9.68
C ALA G 12 -37.71 0.35 -8.66
N ARG G 13 -37.39 -0.18 -7.48
CA ARG G 13 -38.32 -0.36 -6.38
C ARG G 13 -37.67 0.15 -5.11
N PRO G 14 -38.42 0.42 -4.04
CA PRO G 14 -37.80 0.88 -2.80
C PRO G 14 -36.81 -0.14 -2.25
N TRP G 15 -35.69 0.39 -1.72
CA TRP G 15 -34.59 -0.42 -1.20
C TRP G 15 -34.03 -1.39 -2.23
N ALA G 16 -33.97 -0.97 -3.50
CA ALA G 16 -33.35 -1.75 -4.56
C ALA G 16 -32.03 -1.09 -4.94
N SER G 17 -30.94 -1.79 -4.71
CA SER G 17 -29.62 -1.26 -5.05
C SER G 17 -29.49 -1.12 -6.56
N VAL G 18 -29.09 0.07 -7.01
CA VAL G 18 -29.00 0.37 -8.43
C VAL G 18 -27.61 0.86 -8.77
N LYS G 19 -26.81 0.01 -9.43
CA LYS G 19 -25.53 0.46 -9.93
C LYS G 19 -25.70 1.05 -11.33
N ILE G 20 -25.08 2.20 -11.55
CA ILE G 20 -25.14 2.89 -12.84
C ILE G 20 -23.74 2.85 -13.41
N SER G 21 -23.52 1.97 -14.38
CA SER G 21 -22.21 1.83 -15.00
C SER G 21 -21.87 3.08 -15.80
N CYS G 22 -20.67 3.08 -16.38
CA CYS G 22 -20.26 4.15 -17.29
C CYS G 22 -19.15 3.61 -18.19
N GLN G 23 -19.40 3.62 -19.49
CA GLN G 23 -18.40 3.12 -20.44
C GLN G 23 -17.26 4.12 -20.57
N ALA G 24 -16.22 3.72 -21.30
CA ALA G 24 -15.05 4.54 -21.49
C ALA G 24 -14.62 4.52 -22.96
N PHE G 25 -14.12 5.68 -23.42
CA PHE G 25 -13.54 5.81 -24.75
C PHE G 25 -12.31 6.69 -24.71
N TYR G 26 -11.55 6.65 -23.62
CA TYR G 26 -10.48 7.61 -23.39
C TYR G 26 -9.28 6.85 -22.82
N THR G 27 -8.31 7.59 -22.31
CA THR G 27 -7.14 7.03 -21.67
C THR G 27 -7.26 7.18 -20.15
N PHE G 28 -6.42 6.46 -19.40
CA PHE G 28 -6.55 6.30 -17.96
C PHE G 28 -5.26 6.66 -17.24
N SER G 29 -4.70 7.82 -17.56
CA SER G 29 -3.45 8.28 -16.93
C SER G 29 -3.71 9.62 -16.25
N ASN G 30 -3.95 9.58 -14.94
CA ASN G 30 -4.24 10.75 -14.10
C ASN G 30 -5.46 11.53 -14.59
N TYR G 31 -6.48 10.84 -15.09
CA TYR G 31 -7.73 11.45 -15.50
C TYR G 31 -8.86 10.86 -14.66
N GLY G 32 -10.03 11.52 -14.69
CA GLY G 32 -11.06 11.15 -13.74
C GLY G 32 -12.47 11.19 -14.29
N MET G 33 -13.37 10.57 -13.55
CA MET G 33 -14.80 10.58 -13.85
C MET G 33 -15.59 10.48 -12.56
N GLN G 34 -16.70 11.20 -12.51
CA GLN G 34 -17.65 11.16 -11.41
C GLN G 34 -19.05 11.41 -11.97
N TRP G 35 -20.00 11.71 -11.09
CA TRP G 35 -21.39 11.86 -11.49
C TRP G 35 -21.99 13.09 -10.83
N VAL G 36 -23.22 13.42 -11.22
CA VAL G 36 -23.96 14.54 -10.69
C VAL G 36 -25.38 14.08 -10.38
N LYS G 37 -26.18 14.98 -9.79
CA LYS G 37 -27.58 14.72 -9.48
C LYS G 37 -28.40 15.87 -10.04
N GLN G 38 -29.07 15.63 -11.16
CA GLN G 38 -29.92 16.64 -11.79
C GLN G 38 -31.35 16.45 -11.28
N SER G 39 -31.69 17.20 -10.25
CA SER G 39 -33.03 17.25 -9.72
C SER G 39 -33.54 18.69 -9.76
N PRO G 40 -34.71 18.95 -10.37
CA PRO G 40 -35.18 20.34 -10.46
C PRO G 40 -35.31 21.03 -9.12
N GLY G 41 -35.69 20.28 -8.08
CA GLY G 41 -35.74 20.87 -6.75
C GLY G 41 -34.37 20.96 -6.09
N GLN G 42 -33.48 20.01 -6.41
CA GLN G 42 -32.18 19.92 -5.77
C GLN G 42 -31.05 20.45 -6.64
N GLY G 43 -31.37 21.07 -7.78
CA GLY G 43 -30.33 21.66 -8.62
C GLY G 43 -29.35 20.62 -9.12
N LEU G 44 -28.05 20.93 -8.97
CA LEU G 44 -26.97 20.06 -9.41
C LEU G 44 -26.14 19.66 -8.20
N GLU G 45 -25.92 18.35 -8.04
CA GLU G 45 -25.22 17.81 -6.87
C GLU G 45 -24.37 16.61 -7.28
N TRP G 46 -23.08 16.66 -7.00
CA TRP G 46 -22.21 15.52 -7.24
C TRP G 46 -22.26 14.55 -6.06
N ILE G 47 -21.77 13.34 -6.27
CA ILE G 47 -21.87 12.29 -5.26
C ILE G 47 -20.50 11.75 -4.85
N GLY G 48 -19.62 11.47 -5.81
CA GLY G 48 -18.32 10.93 -5.50
C GLY G 48 -17.47 10.66 -6.73
N PRO G 49 -16.20 11.07 -6.68
CA PRO G 49 -15.31 10.88 -7.82
C PRO G 49 -14.44 9.63 -7.74
N PHE G 50 -14.23 9.00 -8.90
CA PHE G 50 -13.19 7.99 -9.04
C PHE G 50 -12.04 8.58 -9.85
N TYR G 51 -10.82 8.13 -9.54
CA TYR G 51 -9.60 8.64 -10.17
C TYR G 51 -8.83 7.48 -10.78
N PRO G 52 -9.16 7.10 -12.02
CA PRO G 52 -8.36 6.07 -12.71
C PRO G 52 -6.90 6.49 -12.82
N GLY G 53 -6.02 5.51 -12.64
CA GLY G 53 -4.60 5.77 -12.58
C GLY G 53 -4.14 6.42 -11.30
N ASN G 54 -5.04 6.64 -10.34
CA ASN G 54 -4.68 7.21 -9.05
C ASN G 54 -5.24 6.45 -7.86
N ALA G 55 -6.26 5.60 -8.06
CA ALA G 55 -6.83 4.77 -7.00
C ALA G 55 -7.33 5.61 -5.83
N ASP G 56 -7.97 6.74 -6.16
CA ASP G 56 -8.52 7.64 -5.15
C ASP G 56 -10.03 7.70 -5.34
N THR G 57 -10.77 7.27 -4.32
CA THR G 57 -12.24 7.30 -4.35
C THR G 57 -12.74 8.05 -3.13
N SER G 58 -13.47 9.13 -3.36
CA SER G 58 -14.06 9.92 -2.28
C SER G 58 -15.56 10.04 -2.50
N TYR G 59 -16.24 10.57 -1.49
CA TYR G 59 -17.69 10.69 -1.50
C TYR G 59 -18.10 12.04 -0.92
N ASN G 60 -19.31 12.45 -1.27
CA ASN G 60 -19.91 13.60 -0.62
C ASN G 60 -20.32 13.24 0.81
N GLN G 61 -20.08 14.17 1.73
CA GLN G 61 -20.35 13.90 3.14
C GLN G 61 -21.83 13.74 3.43
N LYS G 62 -22.70 14.16 2.52
CA LYS G 62 -24.14 13.97 2.69
C LYS G 62 -24.57 12.52 2.44
N PHE G 63 -23.68 11.66 1.95
CA PHE G 63 -24.02 10.28 1.67
C PHE G 63 -22.95 9.29 2.12
N LYS G 64 -22.03 9.70 3.00
CA LYS G 64 -21.06 8.76 3.53
C LYS G 64 -21.75 7.68 4.34
N GLY G 65 -21.33 6.43 4.15
CA GLY G 65 -22.01 5.29 4.71
C GLY G 65 -23.19 4.79 3.90
N LYS G 66 -23.60 5.54 2.88
CA LYS G 66 -24.68 5.15 1.98
C LYS G 66 -24.16 4.62 0.64
N ALA G 67 -23.33 5.39 -0.05
CA ALA G 67 -22.86 5.04 -1.37
C ALA G 67 -21.40 4.59 -1.35
N THR G 68 -21.06 3.73 -2.29
CA THR G 68 -19.69 3.28 -2.49
C THR G 68 -19.38 3.32 -3.98
N LEU G 69 -18.09 3.23 -4.31
CA LEU G 69 -17.67 3.27 -5.70
C LEU G 69 -16.76 2.09 -6.00
N THR G 70 -16.86 1.57 -7.23
CA THR G 70 -16.00 0.50 -7.70
C THR G 70 -15.70 0.78 -9.17
N ALA G 71 -14.60 0.21 -9.67
CA ALA G 71 -14.27 0.40 -11.07
C ALA G 71 -13.33 -0.70 -11.53
N ASP G 72 -13.20 -0.80 -12.86
CA ASP G 72 -12.28 -1.74 -13.50
C ASP G 72 -11.65 -1.03 -14.69
N LYS G 73 -10.32 -0.88 -14.65
CA LYS G 73 -9.63 -0.19 -15.74
C LYS G 73 -9.55 -1.06 -16.99
N SER G 74 -9.24 -2.35 -16.82
CA SER G 74 -9.20 -3.25 -17.97
C SER G 74 -10.57 -3.37 -18.63
N SER G 75 -11.62 -3.47 -17.81
CA SER G 75 -12.97 -3.49 -18.34
C SER G 75 -13.46 -2.09 -18.69
N SER G 76 -12.77 -1.05 -18.22
CA SER G 76 -13.07 0.35 -18.49
C SER G 76 -14.45 0.77 -18.01
N THR G 77 -14.84 0.39 -16.79
CA THR G 77 -16.17 0.67 -16.27
C THR G 77 -16.08 1.23 -14.86
N ALA G 78 -17.08 2.02 -14.47
CA ALA G 78 -17.21 2.56 -13.13
C ALA G 78 -18.63 2.33 -12.63
N TYR G 79 -18.77 2.05 -11.34
CA TYR G 79 -20.05 1.64 -10.74
C TYR G 79 -20.25 2.39 -9.42
N MET G 80 -21.45 2.93 -9.22
CA MET G 80 -21.86 3.48 -7.93
C MET G 80 -22.78 2.46 -7.27
N GLN G 81 -22.38 1.95 -6.11
CA GLN G 81 -23.28 1.07 -5.37
C GLN G 81 -24.04 1.86 -4.30
N PHE G 82 -25.35 1.67 -4.29
CA PHE G 82 -26.22 2.37 -3.35
C PHE G 82 -26.63 1.42 -2.24
N SER G 83 -26.99 1.99 -1.09
CA SER G 83 -27.50 1.23 0.03
C SER G 83 -28.48 2.10 0.82
N SER G 84 -29.51 1.46 1.36
CA SER G 84 -30.55 2.14 2.13
C SER G 84 -31.18 3.27 1.31
N LEU G 85 -31.53 2.97 0.07
CA LEU G 85 -32.02 3.97 -0.86
C LEU G 85 -33.34 4.56 -0.38
N THR G 86 -33.56 5.83 -0.71
CA THR G 86 -34.83 6.50 -0.44
C THR G 86 -35.60 6.68 -1.76
N SER G 87 -36.86 7.10 -1.64
CA SER G 87 -37.69 7.30 -2.81
C SER G 87 -37.47 8.65 -3.49
N GLU G 88 -36.76 9.57 -2.84
CA GLU G 88 -36.50 10.89 -3.39
C GLU G 88 -35.13 11.00 -4.04
N ASP G 89 -34.40 9.90 -4.17
CA ASP G 89 -33.13 9.91 -4.88
C ASP G 89 -33.30 9.96 -6.40
N SER G 90 -34.53 9.83 -6.89
CA SER G 90 -34.77 9.82 -8.32
C SER G 90 -34.28 11.11 -8.97
N ALA G 91 -33.26 10.98 -9.80
CA ALA G 91 -32.64 12.13 -10.46
C ALA G 91 -31.99 11.66 -11.75
N VAL G 92 -31.64 12.61 -12.61
CA VAL G 92 -30.99 12.32 -13.88
C VAL G 92 -29.49 12.36 -13.63
N TYR G 93 -28.86 11.19 -13.62
CA TYR G 93 -27.45 11.09 -13.32
C TYR G 93 -26.63 11.17 -14.61
N TYR G 94 -25.76 12.17 -14.70
CA TYR G 94 -24.88 12.34 -15.85
C TYR G 94 -23.48 11.88 -15.48
N CYS G 95 -22.88 11.04 -16.32
CA CYS G 95 -21.50 10.59 -16.11
C CYS G 95 -20.56 11.70 -16.57
N ALA G 96 -20.16 12.57 -15.64
CA ALA G 96 -19.18 13.60 -15.95
C ALA G 96 -17.81 12.95 -15.96
N ARG G 97 -17.00 13.29 -16.96
CA ARG G 97 -15.65 12.75 -17.05
C ARG G 97 -14.75 13.81 -17.67
N VAL G 98 -13.50 13.85 -17.22
CA VAL G 98 -12.56 14.84 -17.69
C VAL G 98 -11.16 14.24 -17.67
N VAL G 99 -10.38 14.51 -18.73
CA VAL G 99 -8.95 14.23 -18.71
C VAL G 99 -8.26 15.50 -18.21
N ALA G 100 -8.34 15.74 -16.91
CA ALA G 100 -7.78 16.92 -16.27
C ALA G 100 -7.99 16.84 -14.77
N THR G 101 -7.08 17.43 -13.99
CA THR G 101 -7.35 17.59 -12.57
C THR G 101 -8.43 18.63 -12.33
N THR G 102 -8.54 19.62 -13.22
CA THR G 102 -9.46 20.75 -13.05
C THR G 102 -10.06 21.15 -14.40
N ASP G 103 -11.20 20.55 -14.75
CA ASP G 103 -12.00 20.90 -15.92
C ASP G 103 -13.25 20.03 -15.92
N PHE G 104 -14.26 20.46 -16.69
CA PHE G 104 -15.44 19.66 -16.99
C PHE G 104 -15.80 19.88 -18.46
N ASP G 105 -15.21 19.08 -19.34
CA ASP G 105 -15.42 19.26 -20.78
C ASP G 105 -16.16 18.11 -21.44
N TYR G 106 -16.14 16.92 -20.84
CA TYR G 106 -16.95 15.80 -21.30
C TYR G 106 -18.05 15.55 -20.29
N TRP G 107 -19.29 15.43 -20.77
CA TRP G 107 -20.44 15.20 -19.91
C TRP G 107 -21.13 13.89 -20.28
N GLY G 108 -22.09 13.50 -19.45
CA GLY G 108 -22.75 12.22 -19.59
C GLY G 108 -23.94 12.27 -20.53
N GLN G 109 -24.85 11.32 -20.33
CA GLN G 109 -26.02 11.14 -21.17
C GLN G 109 -27.33 11.36 -20.42
N GLY G 110 -27.47 10.77 -19.24
CA GLY G 110 -28.70 10.84 -18.48
C GLY G 110 -29.18 9.48 -18.02
N THR G 111 -29.71 9.39 -16.81
CA THR G 111 -30.17 8.12 -16.26
C THR G 111 -31.25 8.37 -15.23
N THR G 112 -32.40 7.73 -15.40
CA THR G 112 -33.55 7.91 -14.54
C THR G 112 -33.75 6.68 -13.67
N VAL G 113 -33.91 6.89 -12.37
CA VAL G 113 -33.99 5.79 -11.40
C VAL G 113 -35.25 5.91 -10.58
N THR G 114 -36.30 6.49 -11.17
CA THR G 114 -37.58 6.63 -10.46
C THR G 114 -38.12 5.26 -10.04
N VAL G 115 -38.68 5.21 -8.84
CA VAL G 115 -39.15 3.96 -8.25
C VAL G 115 -40.66 4.01 -8.05
N SER G 116 -41.23 2.90 -7.58
CA SER G 116 -42.66 2.85 -7.27
C SER G 116 -42.84 1.99 -6.02
N SER G 117 -43.12 2.63 -4.89
CA SER G 117 -43.24 1.94 -3.62
C SER G 117 -44.52 1.10 -3.54
N TYR H 1 -16.85 24.13 3.76
CA TYR H 1 -17.50 24.07 2.46
C TYR H 1 -17.25 25.35 1.67
N ILE H 2 -17.49 25.28 0.36
CA ILE H 2 -17.19 26.39 -0.54
C ILE H 2 -18.31 26.54 -1.56
N GLU H 3 -19.23 27.45 -1.30
CA GLU H 3 -20.41 27.64 -2.13
C GLU H 3 -20.35 29.00 -2.84
N ALA H 4 -21.37 29.29 -3.63
CA ALA H 4 -21.44 30.54 -4.37
C ALA H 4 -22.91 30.92 -4.54
N SER H 5 -23.14 32.22 -4.69
CA SER H 5 -24.47 32.78 -4.88
C SER H 5 -24.55 33.38 -6.28
N GLN H 6 -25.55 32.95 -7.05
CA GLN H 6 -25.77 33.48 -8.38
C GLN H 6 -26.48 34.84 -8.30
N SER H 7 -26.79 35.41 -9.46
CA SER H 7 -27.54 36.65 -9.53
C SER H 7 -28.91 36.46 -8.91
N PRO H 8 -29.46 37.49 -8.24
CA PRO H 8 -30.71 37.30 -7.50
C PRO H 8 -31.88 36.85 -8.37
N SER H 9 -31.95 37.31 -9.62
CA SER H 9 -33.08 37.03 -10.50
C SER H 9 -32.57 36.77 -11.91
N SER H 10 -33.49 36.34 -12.78
CA SER H 10 -33.15 36.02 -14.15
C SER H 10 -32.94 37.29 -14.97
N LEU H 11 -32.71 37.11 -16.27
CA LEU H 11 -32.38 38.24 -17.14
C LEU H 11 -33.53 39.23 -17.23
N ALA H 12 -34.74 38.75 -17.54
CA ALA H 12 -35.93 39.59 -17.60
C ALA H 12 -35.74 40.82 -18.50
N VAL H 13 -35.05 40.62 -19.62
CA VAL H 13 -34.87 41.68 -20.61
C VAL H 13 -35.38 41.18 -21.96
N SER H 14 -35.40 42.07 -22.95
CA SER H 14 -35.93 41.72 -24.25
C SER H 14 -34.95 40.83 -25.02
N VAL H 15 -35.40 40.34 -26.18
CA VAL H 15 -34.58 39.47 -27.00
C VAL H 15 -33.62 40.30 -27.83
N GLY H 16 -32.35 39.87 -27.86
CA GLY H 16 -31.33 40.53 -28.64
C GLY H 16 -30.51 41.56 -27.90
N GLU H 17 -30.57 41.58 -26.57
CA GLU H 17 -29.86 42.58 -25.77
C GLU H 17 -28.72 41.91 -25.01
N LYS H 18 -27.61 42.64 -24.90
CA LYS H 18 -26.46 42.15 -24.16
C LYS H 18 -26.79 42.04 -22.67
N VAL H 19 -26.27 41.00 -22.02
CA VAL H 19 -26.54 40.74 -20.62
C VAL H 19 -25.23 40.64 -19.85
N THR H 20 -25.18 41.32 -18.71
CA THR H 20 -24.04 41.29 -17.80
C THR H 20 -24.51 40.71 -16.48
N MET H 21 -23.85 39.65 -16.04
CA MET H 21 -24.27 38.86 -14.89
C MET H 21 -23.09 38.67 -13.94
N SER H 22 -23.39 38.30 -12.69
CA SER H 22 -22.38 38.09 -11.68
C SER H 22 -22.66 36.81 -10.89
N CYS H 23 -21.59 36.13 -10.48
CA CYS H 23 -21.65 34.97 -9.60
C CYS H 23 -20.61 35.16 -8.48
N LYS H 24 -21.04 35.77 -7.38
CA LYS H 24 -20.16 35.91 -6.23
C LYS H 24 -19.93 34.56 -5.57
N SER H 25 -18.75 34.40 -4.97
CA SER H 25 -18.36 33.15 -4.34
C SER H 25 -17.98 33.39 -2.89
N SER H 26 -18.28 32.40 -2.05
CA SER H 26 -18.03 32.51 -0.62
C SER H 26 -16.55 32.46 -0.26
N GLN H 27 -15.67 32.11 -1.20
CA GLN H 27 -14.26 31.98 -0.93
C GLN H 27 -13.46 32.41 -2.14
N SER H 28 -12.29 32.99 -1.89
CA SER H 28 -11.40 33.38 -2.97
C SER H 28 -10.82 32.15 -3.65
N LEU H 29 -10.66 32.25 -4.98
CA LEU H 29 -10.20 31.10 -5.75
C LEU H 29 -8.96 31.41 -6.59
N LEU H 30 -8.23 32.48 -6.26
CA LEU H 30 -7.03 32.88 -7.00
C LEU H 30 -5.81 32.36 -6.27
N TYR H 31 -5.03 31.52 -6.95
CA TYR H 31 -3.82 30.92 -6.37
C TYR H 31 -2.60 31.62 -6.94
N SER H 32 -1.64 31.93 -6.07
CA SER H 32 -0.51 32.75 -6.47
C SER H 32 0.37 32.04 -7.49
N SER H 33 0.73 30.78 -7.23
CA SER H 33 1.71 30.09 -8.08
C SER H 33 1.12 29.78 -9.44
N ASN H 34 -0.13 29.33 -9.49
CA ASN H 34 -0.76 29.00 -10.76
C ASN H 34 -1.29 30.22 -11.51
N GLN H 35 -1.62 31.30 -10.79
CA GLN H 35 -2.19 32.50 -11.40
C GLN H 35 -3.42 32.17 -12.24
N LYS H 36 -4.24 31.26 -11.73
CA LYS H 36 -5.43 30.80 -12.43
C LYS H 36 -6.61 30.75 -11.47
N ASN H 37 -7.81 30.94 -12.02
CA ASN H 37 -9.05 30.98 -11.24
C ASN H 37 -9.79 29.67 -11.46
N TYR H 38 -10.16 29.01 -10.36
CA TYR H 38 -10.79 27.69 -10.42
C TYR H 38 -12.30 27.85 -10.38
N LEU H 39 -12.88 28.25 -11.51
CA LEU H 39 -14.32 28.31 -11.68
C LEU H 39 -14.62 28.22 -13.18
N ALA H 40 -15.79 27.68 -13.50
CA ALA H 40 -16.17 27.46 -14.89
C ALA H 40 -17.60 27.92 -15.12
N TRP H 41 -17.84 28.52 -16.29
CA TRP H 41 -19.16 28.99 -16.66
C TRP H 41 -19.92 27.89 -17.40
N PHE H 42 -20.99 27.40 -16.79
CA PHE H 42 -21.71 26.23 -17.27
C PHE H 42 -22.90 26.65 -18.12
N GLN H 43 -23.49 25.65 -18.79
CA GLN H 43 -24.67 25.84 -19.61
C GLN H 43 -25.40 24.51 -19.75
N GLN H 44 -26.57 24.39 -19.13
CA GLN H 44 -27.33 23.15 -19.12
C GLN H 44 -28.56 23.31 -20.00
N LYS H 45 -28.56 22.61 -21.14
CA LYS H 45 -29.72 22.63 -22.01
C LYS H 45 -30.88 21.88 -21.35
N PRO H 46 -32.09 22.45 -21.38
CA PRO H 46 -33.22 21.79 -20.73
C PRO H 46 -33.57 20.45 -21.36
N GLY H 47 -33.36 19.36 -20.63
CA GLY H 47 -33.63 18.02 -21.10
C GLY H 47 -32.42 17.24 -21.54
N GLN H 48 -31.30 17.91 -21.80
CA GLN H 48 -30.07 17.28 -22.26
C GLN H 48 -28.98 17.39 -21.19
N SER H 49 -27.81 16.84 -21.51
CA SER H 49 -26.68 16.89 -20.59
C SER H 49 -26.07 18.30 -20.57
N PRO H 50 -25.55 18.72 -19.42
CA PRO H 50 -24.93 20.05 -19.34
C PRO H 50 -23.63 20.10 -20.13
N LYS H 51 -23.14 21.33 -20.30
CA LYS H 51 -21.86 21.59 -20.93
C LYS H 51 -21.41 23.02 -20.63
N LEU H 52 -20.21 23.20 -20.12
CA LEU H 52 -19.78 24.54 -19.76
C LEU H 52 -19.37 25.33 -21.00
N LEU H 53 -19.34 26.65 -20.83
CA LEU H 53 -18.89 27.56 -21.89
C LEU H 53 -17.44 27.99 -21.70
N ILE H 54 -17.09 28.49 -20.52
CA ILE H 54 -15.74 28.97 -20.23
C ILE H 54 -15.18 28.17 -19.07
N TYR H 55 -14.00 27.60 -19.26
CA TYR H 55 -13.25 26.97 -18.19
C TYR H 55 -12.01 27.80 -17.89
N TRP H 56 -11.72 27.98 -16.60
CA TRP H 56 -10.77 28.94 -16.03
C TRP H 56 -11.30 30.36 -16.08
N ALA H 57 -12.56 30.56 -16.48
CA ALA H 57 -13.23 31.86 -16.51
C ALA H 57 -12.51 32.88 -17.38
N SER H 58 -11.54 32.44 -18.19
CA SER H 58 -10.86 33.33 -19.12
C SER H 58 -10.62 32.72 -20.49
N THR H 59 -10.72 31.40 -20.63
CA THR H 59 -10.42 30.72 -21.89
C THR H 59 -11.73 30.16 -22.44
N ARG H 60 -12.19 30.73 -23.54
CA ARG H 60 -13.41 30.24 -24.18
C ARG H 60 -13.16 28.87 -24.78
N GLU H 61 -14.07 27.93 -24.48
CA GLU H 61 -13.90 26.56 -24.94
C GLU H 61 -13.99 26.49 -26.46
N SER H 62 -13.21 25.60 -27.05
CA SER H 62 -13.30 25.32 -28.48
C SER H 62 -14.69 24.82 -28.81
N GLY H 63 -15.45 25.62 -29.56
CA GLY H 63 -16.85 25.35 -29.81
C GLY H 63 -17.81 26.30 -29.12
N VAL H 64 -17.30 27.37 -28.51
CA VAL H 64 -18.13 28.37 -27.85
C VAL H 64 -18.17 29.63 -28.71
N PRO H 65 -19.34 30.20 -28.95
CA PRO H 65 -19.42 31.42 -29.77
C PRO H 65 -18.73 32.59 -29.09
N ASP H 66 -18.37 33.58 -29.91
CA ASP H 66 -17.66 34.76 -29.44
C ASP H 66 -18.49 35.63 -28.51
N ARG H 67 -19.80 35.39 -28.44
CA ARG H 67 -20.69 36.24 -27.64
C ARG H 67 -20.47 36.05 -26.14
N PHE H 68 -20.13 34.84 -25.69
CA PHE H 68 -20.00 34.55 -24.27
C PHE H 68 -18.57 34.83 -23.81
N THR H 69 -18.43 35.59 -22.72
CA THR H 69 -17.13 35.86 -22.13
C THR H 69 -17.25 35.77 -20.62
N GLY H 70 -16.36 34.99 -19.99
CA GLY H 70 -16.27 34.94 -18.55
C GLY H 70 -15.23 35.92 -18.04
N SER H 71 -15.48 36.46 -16.85
CA SER H 71 -14.58 37.42 -16.22
C SER H 71 -14.64 37.26 -14.71
N GLY H 72 -13.86 38.07 -14.02
CA GLY H 72 -13.87 38.07 -12.57
C GLY H 72 -12.82 37.18 -11.95
N SER H 73 -12.22 37.63 -10.85
CA SER H 73 -11.21 36.87 -10.14
C SER H 73 -11.49 36.95 -8.64
N GLY H 74 -10.99 35.96 -7.91
CA GLY H 74 -11.21 35.93 -6.47
C GLY H 74 -12.64 35.54 -6.15
N THR H 75 -13.26 36.29 -5.23
CA THR H 75 -14.64 36.00 -4.86
C THR H 75 -15.60 36.37 -5.97
N ASP H 76 -15.28 37.39 -6.76
CA ASP H 76 -16.16 37.82 -7.83
C ASP H 76 -15.93 37.00 -9.10
N PHE H 77 -17.03 36.67 -9.78
CA PHE H 77 -16.97 35.97 -11.06
C PHE H 77 -18.18 36.40 -11.87
N THR H 78 -17.93 37.03 -13.01
CA THR H 78 -18.97 37.66 -13.81
C THR H 78 -19.03 37.01 -15.20
N LEU H 79 -20.12 37.28 -15.91
CA LEU H 79 -20.36 36.76 -17.26
C LEU H 79 -20.90 37.89 -18.12
N THR H 80 -20.56 37.84 -19.41
CA THR H 80 -21.00 38.89 -20.33
C THR H 80 -21.35 38.25 -21.66
N ILE H 81 -22.59 38.44 -22.11
CA ILE H 81 -23.02 38.00 -23.43
C ILE H 81 -23.38 39.23 -24.24
N SER H 82 -22.77 39.37 -25.42
CA SER H 82 -23.02 40.54 -26.26
C SER H 82 -24.41 40.54 -26.87
N SER H 83 -25.09 39.38 -26.91
CA SER H 83 -26.42 39.30 -27.51
C SER H 83 -27.14 38.10 -26.93
N VAL H 84 -28.29 38.33 -26.30
CA VAL H 84 -29.10 37.23 -25.80
C VAL H 84 -29.97 36.67 -26.93
N LYS H 85 -30.24 35.38 -26.87
CA LYS H 85 -31.01 34.70 -27.90
C LYS H 85 -32.13 33.89 -27.25
N ALA H 86 -32.99 33.35 -28.10
CA ALA H 86 -34.15 32.58 -27.65
C ALA H 86 -33.95 31.07 -27.76
N GLU H 87 -33.27 30.58 -28.80
CA GLU H 87 -33.14 29.16 -29.05
C GLU H 87 -32.05 28.51 -28.22
N ASP H 88 -31.16 29.30 -27.62
CA ASP H 88 -30.11 28.79 -26.76
C ASP H 88 -30.51 28.85 -25.29
N LEU H 89 -31.80 28.69 -25.01
CA LEU H 89 -32.31 28.72 -23.64
C LEU H 89 -31.64 27.63 -22.81
N ALA H 90 -31.21 27.99 -21.61
CA ALA H 90 -30.51 27.06 -20.72
C ALA H 90 -30.61 27.61 -19.30
N VAL H 91 -29.94 26.94 -18.37
CA VAL H 91 -29.88 27.35 -16.97
C VAL H 91 -28.41 27.55 -16.65
N TYR H 92 -27.97 28.80 -16.55
CA TYR H 92 -26.55 29.11 -16.42
C TYR H 92 -26.11 28.92 -14.97
N TYR H 93 -25.08 28.10 -14.78
CA TYR H 93 -24.50 27.84 -13.47
C TYR H 93 -23.04 28.28 -13.45
N CYS H 94 -22.51 28.40 -12.23
CA CYS H 94 -21.10 28.71 -12.01
C CYS H 94 -20.55 27.69 -11.02
N GLN H 95 -19.91 26.65 -11.55
CA GLN H 95 -19.41 25.52 -10.76
C GLN H 95 -17.90 25.67 -10.58
N GLN H 96 -17.46 25.68 -9.32
CA GLN H 96 -16.04 25.76 -9.03
C GLN H 96 -15.44 24.36 -8.94
N TYR H 97 -14.17 24.26 -9.31
CA TYR H 97 -13.40 23.04 -9.20
C TYR H 97 -12.11 23.27 -8.40
N TYR H 98 -12.19 24.13 -7.39
CA TYR H 98 -11.03 24.48 -6.58
C TYR H 98 -10.71 23.40 -5.56
N SER H 99 -11.71 22.98 -4.79
CA SER H 99 -11.50 21.93 -3.79
C SER H 99 -12.84 21.28 -3.50
N TYR H 100 -12.78 20.13 -2.83
CA TYR H 100 -13.99 19.43 -2.45
C TYR H 100 -14.82 20.31 -1.52
N PRO H 101 -16.16 20.34 -1.66
CA PRO H 101 -16.94 19.71 -2.71
C PRO H 101 -16.97 20.50 -4.02
N TYR H 102 -17.30 19.84 -5.13
CA TYR H 102 -17.50 20.50 -6.42
C TYR H 102 -18.90 21.10 -6.44
N THR H 103 -19.07 22.21 -5.73
CA THR H 103 -20.37 22.85 -5.65
C THR H 103 -20.71 23.58 -6.94
N PHE H 104 -21.99 23.56 -7.28
CA PHE H 104 -22.49 24.15 -8.51
C PHE H 104 -22.99 25.57 -8.26
N GLY H 105 -23.69 26.14 -9.23
CA GLY H 105 -24.17 27.51 -9.14
C GLY H 105 -25.52 27.63 -8.48
N GLY H 106 -26.28 28.67 -8.84
CA GLY H 106 -27.54 28.96 -8.17
C GLY H 106 -28.77 28.73 -9.03
N GLY H 107 -28.61 28.77 -10.35
CA GLY H 107 -29.73 28.57 -11.24
C GLY H 107 -30.24 29.85 -11.88
N THR H 108 -30.35 29.87 -13.20
CA THR H 108 -30.80 31.06 -13.92
C THR H 108 -31.51 30.60 -15.19
N LYS H 109 -32.83 30.54 -15.14
CA LYS H 109 -33.62 30.16 -16.30
C LYS H 109 -33.88 31.38 -17.18
N LEU H 110 -33.71 31.19 -18.49
CA LEU H 110 -33.96 32.22 -19.49
C LEU H 110 -35.46 32.31 -19.68
N LYS H 111 -36.07 33.39 -19.18
CA LYS H 111 -37.51 33.54 -19.21
C LYS H 111 -37.94 34.10 -20.56
N ILE H 112 -39.24 34.37 -20.70
CA ILE H 112 -39.83 34.82 -21.97
C ILE H 112 -40.23 36.28 -21.84
N LYS H 113 -39.72 37.11 -22.75
CA LYS H 113 -40.13 38.51 -22.85
C LYS H 113 -40.24 38.83 -24.34
N ARG H 114 -41.43 38.62 -24.89
CA ARG H 114 -41.68 38.84 -26.32
C ARG H 114 -43.18 38.77 -26.61
N GLU I 1 -45.76 -8.36 -18.67
CA GLU I 1 -46.88 -9.24 -18.94
C GLU I 1 -47.17 -9.33 -20.43
N VAL I 2 -46.26 -8.78 -21.24
CA VAL I 2 -46.46 -8.74 -22.68
C VAL I 2 -46.03 -10.07 -23.28
N GLN I 3 -46.89 -10.64 -24.13
CA GLN I 3 -46.64 -11.94 -24.72
C GLN I 3 -45.50 -11.85 -25.75
N LEU I 4 -45.23 -12.98 -26.40
CA LEU I 4 -44.24 -13.01 -27.48
C LEU I 4 -44.52 -14.23 -28.34
N GLN I 5 -44.55 -14.03 -29.65
CA GLN I 5 -44.92 -15.06 -30.62
C GLN I 5 -43.83 -15.19 -31.68
N GLN I 6 -43.89 -16.29 -32.43
CA GLN I 6 -42.89 -16.56 -33.45
C GLN I 6 -43.55 -17.32 -34.60
N SER I 7 -42.73 -17.96 -35.44
CA SER I 7 -43.18 -18.45 -36.74
C SER I 7 -44.28 -19.51 -36.60
N GLY I 8 -43.94 -20.68 -36.09
CA GLY I 8 -44.88 -21.76 -36.00
C GLY I 8 -44.29 -23.13 -36.27
N PRO I 9 -44.90 -24.17 -35.69
CA PRO I 9 -44.36 -25.53 -35.84
C PRO I 9 -44.61 -26.15 -37.22
N GLU I 10 -43.53 -26.48 -37.92
CA GLU I 10 -43.61 -27.25 -39.16
C GLU I 10 -42.95 -28.61 -38.94
N LEU I 11 -43.59 -29.67 -39.45
CA LEU I 11 -43.02 -31.01 -39.39
C LEU I 11 -42.01 -31.15 -40.52
N ALA I 12 -40.73 -30.97 -40.20
CA ALA I 12 -39.69 -30.90 -41.21
C ALA I 12 -39.12 -32.29 -41.48
N ARG I 13 -38.03 -32.33 -42.25
CA ARG I 13 -37.32 -33.56 -42.57
C ARG I 13 -35.83 -33.30 -42.47
N PRO I 14 -35.00 -34.33 -42.32
CA PRO I 14 -33.54 -34.12 -42.31
C PRO I 14 -33.06 -33.52 -43.63
N TRP I 15 -32.03 -32.68 -43.54
CA TRP I 15 -31.49 -31.95 -44.69
C TRP I 15 -32.53 -31.02 -45.32
N ALA I 16 -33.43 -30.48 -44.52
CA ALA I 16 -34.39 -29.46 -44.94
C ALA I 16 -34.27 -28.29 -43.98
N SER I 17 -33.83 -27.14 -44.50
CA SER I 17 -33.57 -25.99 -43.66
C SER I 17 -34.85 -25.49 -43.01
N VAL I 18 -34.74 -25.07 -41.75
CA VAL I 18 -35.86 -24.57 -40.97
C VAL I 18 -35.45 -23.22 -40.41
N LYS I 19 -36.04 -22.15 -40.94
CA LYS I 19 -35.79 -20.80 -40.45
C LYS I 19 -36.90 -20.43 -39.47
N ILE I 20 -36.52 -20.16 -38.23
CA ILE I 20 -37.49 -19.87 -37.17
C ILE I 20 -37.50 -18.36 -36.93
N SER I 21 -38.62 -17.72 -37.28
CA SER I 21 -38.78 -16.30 -37.06
C SER I 21 -39.15 -16.02 -35.59
N CYS I 22 -39.21 -14.73 -35.25
CA CYS I 22 -39.67 -14.30 -33.94
C CYS I 22 -39.99 -12.81 -33.99
N GLN I 23 -41.21 -12.45 -33.62
CA GLN I 23 -41.60 -11.05 -33.58
C GLN I 23 -41.10 -10.40 -32.28
N ALA I 24 -41.55 -9.17 -32.05
CA ALA I 24 -41.20 -8.42 -30.86
C ALA I 24 -42.30 -7.43 -30.51
N PHE I 25 -42.34 -7.05 -29.23
CA PHE I 25 -43.30 -6.06 -28.74
C PHE I 25 -42.64 -5.04 -27.81
N TYR I 26 -41.32 -4.93 -27.88
CA TYR I 26 -40.58 -3.95 -27.09
C TYR I 26 -39.67 -3.18 -28.05
N THR I 27 -38.79 -2.37 -27.49
CA THR I 27 -37.87 -1.56 -28.27
C THR I 27 -36.61 -2.36 -28.59
N PHE I 28 -35.68 -1.73 -29.33
CA PHE I 28 -34.46 -2.37 -29.79
C PHE I 28 -33.24 -1.56 -29.36
N SER I 29 -33.18 -1.19 -28.09
CA SER I 29 -32.07 -0.42 -27.54
C SER I 29 -31.44 -1.22 -26.41
N ASN I 30 -30.33 -1.89 -26.70
CA ASN I 30 -29.50 -2.63 -25.75
C ASN I 30 -30.21 -3.85 -25.16
N TYR I 31 -31.43 -4.15 -25.59
CA TYR I 31 -32.14 -5.32 -25.12
C TYR I 31 -31.91 -6.48 -26.09
N GLY I 32 -32.15 -7.71 -25.61
CA GLY I 32 -31.72 -8.86 -26.37
C GLY I 32 -32.73 -9.98 -26.35
N MET I 33 -32.46 -11.00 -27.18
CA MET I 33 -33.31 -12.17 -27.25
C MET I 33 -32.46 -13.39 -27.61
N GLN I 34 -32.92 -14.55 -27.15
CA GLN I 34 -32.22 -15.80 -27.39
C GLN I 34 -33.26 -16.93 -27.45
N TRP I 35 -32.78 -18.16 -27.57
CA TRP I 35 -33.65 -19.34 -27.70
C TRP I 35 -33.12 -20.42 -26.78
N VAL I 36 -33.98 -21.39 -26.48
CA VAL I 36 -33.65 -22.52 -25.62
C VAL I 36 -34.09 -23.81 -26.33
N LYS I 37 -33.54 -24.93 -25.86
CA LYS I 37 -33.81 -26.24 -26.46
C LYS I 37 -34.59 -27.07 -25.45
N GLN I 38 -35.89 -27.25 -25.71
CA GLN I 38 -36.76 -28.01 -24.82
C GLN I 38 -36.74 -29.48 -25.26
N SER I 39 -35.95 -30.28 -24.54
CA SER I 39 -35.88 -31.72 -24.79
C SER I 39 -35.96 -32.47 -23.48
N PRO I 40 -36.84 -33.47 -23.37
CA PRO I 40 -36.95 -34.21 -22.10
C PRO I 40 -35.66 -34.86 -21.65
N GLY I 41 -34.87 -35.42 -22.58
CA GLY I 41 -33.65 -36.11 -22.18
C GLY I 41 -32.44 -35.19 -22.10
N GLN I 42 -32.44 -34.13 -22.90
CA GLN I 42 -31.33 -33.18 -22.93
C GLN I 42 -31.57 -31.96 -22.03
N GLY I 43 -32.68 -31.94 -21.30
CA GLY I 43 -32.99 -30.79 -20.47
C GLY I 43 -33.19 -29.56 -21.33
N LEU I 44 -32.73 -28.41 -20.83
CA LEU I 44 -32.81 -27.15 -21.53
C LEU I 44 -31.40 -26.69 -21.89
N GLU I 45 -31.21 -26.28 -23.14
CA GLU I 45 -29.93 -25.77 -23.62
C GLU I 45 -30.17 -24.57 -24.51
N TRP I 46 -29.46 -23.48 -24.24
CA TRP I 46 -29.47 -22.32 -25.13
C TRP I 46 -28.82 -22.69 -26.46
N ILE I 47 -29.05 -21.86 -27.47
CA ILE I 47 -28.45 -22.09 -28.78
C ILE I 47 -27.59 -20.90 -29.21
N GLY I 48 -28.19 -19.72 -29.35
CA GLY I 48 -27.44 -18.54 -29.69
C GLY I 48 -28.27 -17.27 -29.83
N PRO I 49 -27.83 -16.19 -29.18
CA PRO I 49 -28.50 -14.89 -29.35
C PRO I 49 -27.81 -13.95 -30.33
N PHE I 50 -28.49 -12.85 -30.63
CA PHE I 50 -27.88 -11.66 -31.20
C PHE I 50 -28.38 -10.46 -30.41
N TYR I 51 -27.56 -9.43 -30.27
CA TYR I 51 -27.87 -8.29 -29.42
C TYR I 51 -28.11 -7.04 -30.26
N PRO I 52 -29.36 -6.65 -30.49
CA PRO I 52 -29.61 -5.34 -31.11
C PRO I 52 -29.09 -4.23 -30.23
N GLY I 53 -28.55 -3.19 -30.87
CA GLY I 53 -27.87 -2.14 -30.15
C GLY I 53 -26.44 -2.45 -29.75
N ASN I 54 -25.96 -3.66 -30.05
CA ASN I 54 -24.58 -4.05 -29.76
C ASN I 54 -23.88 -4.73 -30.93
N ALA I 55 -24.60 -5.24 -31.92
CA ALA I 55 -24.02 -5.93 -33.07
C ALA I 55 -23.13 -7.10 -32.63
N ASP I 56 -23.63 -7.87 -31.67
CA ASP I 56 -22.94 -9.03 -31.14
C ASP I 56 -23.81 -10.25 -31.33
N THR I 57 -23.40 -11.16 -32.22
CA THR I 57 -24.12 -12.40 -32.49
C THR I 57 -23.26 -13.57 -32.04
N SER I 58 -23.79 -14.39 -31.14
CA SER I 58 -23.01 -15.49 -30.57
C SER I 58 -23.79 -16.79 -30.70
N TYR I 59 -23.05 -17.90 -30.68
CA TYR I 59 -23.60 -19.24 -30.87
C TYR I 59 -23.02 -20.17 -29.82
N ASN I 60 -23.70 -21.30 -29.59
CA ASN I 60 -23.18 -22.31 -28.69
C ASN I 60 -22.02 -23.05 -29.36
N GLN I 61 -21.04 -23.45 -28.53
CA GLN I 61 -19.83 -24.06 -29.08
C GLN I 61 -20.04 -25.50 -29.53
N LYS I 62 -21.02 -26.21 -28.96
CA LYS I 62 -21.42 -27.48 -29.55
C LYS I 62 -22.04 -27.33 -30.93
N PHE I 63 -22.59 -26.15 -31.24
CA PHE I 63 -23.14 -25.89 -32.56
C PHE I 63 -22.26 -24.96 -33.38
N LYS I 64 -21.02 -24.71 -32.96
CA LYS I 64 -20.12 -23.86 -33.73
C LYS I 64 -19.83 -24.48 -35.08
N GLY I 65 -19.89 -23.66 -36.13
CA GLY I 65 -19.75 -24.13 -37.49
C GLY I 65 -20.99 -24.75 -38.07
N LYS I 66 -22.10 -24.76 -37.33
CA LYS I 66 -23.35 -25.40 -37.75
C LYS I 66 -24.48 -24.39 -37.94
N ALA I 67 -24.76 -23.58 -36.92
CA ALA I 67 -25.86 -22.63 -36.95
C ALA I 67 -25.36 -21.21 -37.11
N THR I 68 -26.22 -20.35 -37.66
CA THR I 68 -25.95 -18.94 -37.79
C THR I 68 -27.18 -18.15 -37.37
N LEU I 69 -27.05 -16.82 -37.34
CA LEU I 69 -28.17 -15.96 -37.02
C LEU I 69 -28.14 -14.75 -37.95
N THR I 70 -29.33 -14.36 -38.41
CA THR I 70 -29.48 -13.17 -39.24
C THR I 70 -30.84 -12.55 -38.95
N ALA I 71 -30.87 -11.22 -38.86
CA ALA I 71 -32.12 -10.52 -38.57
C ALA I 71 -31.94 -9.05 -38.91
N ASP I 72 -33.07 -8.36 -39.04
CA ASP I 72 -33.10 -6.93 -39.36
C ASP I 72 -33.90 -6.24 -38.27
N LYS I 73 -33.30 -5.23 -37.63
CA LYS I 73 -33.97 -4.54 -36.53
C LYS I 73 -35.22 -3.80 -37.02
N SER I 74 -35.15 -3.18 -38.20
CA SER I 74 -36.33 -2.51 -38.74
C SER I 74 -37.41 -3.52 -39.10
N SER I 75 -37.01 -4.74 -39.47
CA SER I 75 -37.98 -5.79 -39.76
C SER I 75 -38.65 -6.35 -38.52
N SER I 76 -38.03 -6.17 -37.34
CA SER I 76 -38.50 -6.70 -36.06
C SER I 76 -38.66 -8.21 -36.08
N THR I 77 -38.02 -8.90 -37.01
CA THR I 77 -38.14 -10.34 -37.15
C THR I 77 -36.77 -10.96 -36.91
N ALA I 78 -36.72 -11.99 -36.05
CA ALA I 78 -35.47 -12.63 -35.67
C ALA I 78 -35.45 -14.06 -36.20
N TYR I 79 -34.66 -14.29 -37.25
CA TYR I 79 -34.45 -15.63 -37.75
C TYR I 79 -33.55 -16.40 -36.81
N MET I 80 -33.54 -17.74 -36.98
CA MET I 80 -32.55 -18.61 -36.35
C MET I 80 -32.20 -19.62 -37.44
N GLN I 81 -31.15 -19.31 -38.20
CA GLN I 81 -30.74 -20.18 -39.28
C GLN I 81 -29.99 -21.39 -38.72
N PHE I 82 -30.20 -22.54 -39.36
CA PHE I 82 -29.63 -23.79 -38.86
C PHE I 82 -29.28 -24.68 -40.04
N SER I 83 -28.16 -25.39 -39.93
CA SER I 83 -27.67 -26.24 -41.00
C SER I 83 -27.34 -27.61 -40.43
N SER I 84 -27.15 -28.57 -41.35
CA SER I 84 -26.84 -29.96 -40.98
C SER I 84 -27.88 -30.50 -40.01
N LEU I 85 -29.15 -30.31 -40.35
CA LEU I 85 -30.23 -30.73 -39.46
C LEU I 85 -30.27 -32.24 -39.35
N THR I 86 -30.13 -32.73 -38.12
CA THR I 86 -30.16 -34.15 -37.83
C THR I 86 -31.56 -34.57 -37.40
N SER I 87 -31.67 -35.80 -36.92
CA SER I 87 -32.95 -36.31 -36.42
C SER I 87 -33.19 -35.99 -34.95
N GLU I 88 -32.12 -35.80 -34.17
CA GLU I 88 -32.23 -35.56 -32.74
C GLU I 88 -32.30 -34.08 -32.37
N ASP I 89 -32.32 -33.18 -33.36
CA ASP I 89 -32.43 -31.76 -33.06
C ASP I 89 -33.85 -31.33 -32.73
N SER I 90 -34.78 -32.28 -32.62
CA SER I 90 -36.16 -31.94 -32.31
C SER I 90 -36.24 -31.27 -30.94
N ALA I 91 -36.97 -30.16 -30.88
CA ALA I 91 -37.14 -29.43 -29.63
C ALA I 91 -38.30 -28.45 -29.78
N VAL I 92 -38.81 -28.00 -28.63
CA VAL I 92 -39.85 -26.98 -28.59
C VAL I 92 -39.12 -25.64 -28.39
N TYR I 93 -39.03 -24.86 -29.46
CA TYR I 93 -38.23 -23.64 -29.46
C TYR I 93 -38.98 -22.52 -28.76
N TYR I 94 -38.45 -22.05 -27.64
CA TYR I 94 -38.97 -20.87 -26.96
C TYR I 94 -38.14 -19.66 -27.38
N CYS I 95 -38.80 -18.60 -27.82
CA CYS I 95 -38.14 -17.34 -28.13
C CYS I 95 -38.16 -16.46 -26.87
N ALA I 96 -37.09 -16.51 -26.09
CA ALA I 96 -37.00 -15.72 -24.87
C ALA I 96 -36.45 -14.34 -25.23
N ARG I 97 -37.00 -13.30 -24.61
CA ARG I 97 -36.50 -11.95 -24.82
C ARG I 97 -36.36 -11.26 -23.46
N VAL I 98 -35.35 -10.42 -23.33
CA VAL I 98 -35.02 -9.76 -22.08
C VAL I 98 -34.72 -8.29 -22.34
N VAL I 99 -35.32 -7.41 -21.54
CA VAL I 99 -34.98 -6.00 -21.55
C VAL I 99 -33.97 -5.64 -20.46
N ALA I 100 -33.68 -6.55 -19.55
CA ALA I 100 -32.56 -6.38 -18.64
C ALA I 100 -31.26 -6.73 -19.35
N THR I 101 -30.13 -6.30 -18.76
CA THR I 101 -28.84 -6.55 -19.37
C THR I 101 -28.57 -8.06 -19.47
N THR I 102 -28.78 -8.79 -18.39
CA THR I 102 -28.63 -10.25 -18.38
C THR I 102 -29.71 -10.82 -17.48
N ASP I 103 -30.76 -11.38 -18.08
CA ASP I 103 -31.84 -12.00 -17.32
C ASP I 103 -32.58 -12.96 -18.24
N PHE I 104 -33.70 -13.49 -17.76
CA PHE I 104 -34.55 -14.36 -18.57
C PHE I 104 -36.02 -14.09 -18.28
N ASP I 105 -36.38 -12.81 -18.18
CA ASP I 105 -37.70 -12.44 -17.68
C ASP I 105 -38.83 -12.96 -18.59
N TYR I 106 -38.76 -12.66 -19.88
CA TYR I 106 -39.86 -12.92 -20.81
C TYR I 106 -39.52 -14.08 -21.73
N TRP I 107 -40.55 -14.81 -22.14
CA TRP I 107 -40.40 -16.04 -22.91
C TRP I 107 -41.40 -16.07 -24.06
N GLY I 108 -41.18 -17.02 -24.97
CA GLY I 108 -41.97 -17.13 -26.18
C GLY I 108 -43.17 -18.05 -26.02
N GLN I 109 -43.47 -18.77 -27.10
CA GLN I 109 -44.61 -19.69 -27.14
C GLN I 109 -44.21 -21.14 -27.28
N GLY I 110 -43.47 -21.48 -28.33
CA GLY I 110 -43.07 -22.86 -28.57
C GLY I 110 -43.39 -23.34 -29.97
N THR I 111 -42.42 -24.00 -30.62
CA THR I 111 -42.62 -24.52 -31.97
C THR I 111 -42.02 -25.92 -32.06
N THR I 112 -42.72 -26.82 -32.73
CA THR I 112 -42.30 -28.20 -32.91
C THR I 112 -41.67 -28.37 -34.28
N VAL I 113 -40.44 -28.89 -34.31
CA VAL I 113 -39.69 -29.05 -35.54
C VAL I 113 -39.23 -30.51 -35.68
N THR I 114 -40.00 -31.43 -35.09
CA THR I 114 -39.67 -32.84 -35.16
C THR I 114 -39.63 -33.31 -36.61
N VAL I 115 -38.59 -34.05 -36.97
CA VAL I 115 -38.38 -34.48 -38.35
C VAL I 115 -38.51 -36.00 -38.46
N SER I 116 -38.77 -36.47 -39.67
CA SER I 116 -38.93 -37.91 -39.92
C SER I 116 -38.14 -38.26 -41.17
N SER I 117 -37.18 -39.16 -41.04
CA SER I 117 -36.36 -39.59 -42.17
C SER I 117 -37.02 -40.76 -42.89
N TYR J 1 -16.01 -24.14 -19.57
CA TYR J 1 -17.43 -23.85 -19.41
C TYR J 1 -17.77 -23.48 -17.98
N ILE J 2 -19.03 -23.11 -17.75
CA ILE J 2 -19.49 -22.79 -16.41
C ILE J 2 -20.91 -23.34 -16.24
N GLU J 3 -21.08 -24.25 -15.28
CA GLU J 3 -22.34 -24.96 -15.09
C GLU J 3 -22.67 -25.06 -13.60
N ALA J 4 -23.82 -25.69 -13.32
CA ALA J 4 -24.28 -25.87 -11.96
C ALA J 4 -25.10 -27.15 -11.89
N SER J 5 -25.14 -27.75 -10.71
CA SER J 5 -25.89 -28.97 -10.47
C SER J 5 -27.17 -28.67 -9.67
N GLN J 6 -28.27 -29.23 -10.15
CA GLN J 6 -29.58 -29.08 -9.52
C GLN J 6 -29.67 -30.01 -8.31
N SER J 7 -30.70 -29.83 -7.50
CA SER J 7 -30.90 -30.69 -6.34
C SER J 7 -31.01 -32.15 -6.80
N PRO J 8 -30.51 -33.09 -6.00
CA PRO J 8 -30.42 -34.48 -6.50
C PRO J 8 -31.76 -35.07 -6.92
N SER J 9 -32.84 -34.76 -6.23
CA SER J 9 -34.15 -35.34 -6.53
C SER J 9 -35.21 -34.26 -6.39
N SER J 10 -36.47 -34.68 -6.55
CA SER J 10 -37.59 -33.77 -6.41
C SER J 10 -37.90 -33.54 -4.92
N LEU J 11 -38.92 -32.71 -4.68
CA LEU J 11 -39.33 -32.43 -3.31
C LEU J 11 -39.81 -33.69 -2.61
N ALA J 12 -40.75 -34.41 -3.24
CA ALA J 12 -41.28 -35.66 -2.71
C ALA J 12 -41.84 -35.49 -1.30
N VAL J 13 -42.52 -34.36 -1.06
CA VAL J 13 -43.13 -34.09 0.23
C VAL J 13 -44.62 -33.84 0.04
N SER J 14 -45.37 -33.84 1.13
CA SER J 14 -46.79 -33.56 1.07
C SER J 14 -47.03 -32.06 0.85
N VAL J 15 -48.19 -31.74 0.28
CA VAL J 15 -48.48 -30.38 -0.12
C VAL J 15 -48.74 -29.52 1.12
N GLY J 16 -48.30 -28.27 1.07
CA GLY J 16 -48.54 -27.31 2.14
C GLY J 16 -47.37 -27.05 3.06
N GLU J 17 -46.20 -27.61 2.80
CA GLU J 17 -45.02 -27.44 3.64
C GLU J 17 -44.00 -26.55 2.96
N LYS J 18 -43.48 -25.58 3.71
CA LYS J 18 -42.40 -24.73 3.22
C LYS J 18 -41.16 -25.59 2.95
N VAL J 19 -40.54 -25.38 1.79
CA VAL J 19 -39.44 -26.21 1.34
C VAL J 19 -38.21 -25.35 1.06
N THR J 20 -37.06 -25.81 1.53
CA THR J 20 -35.78 -25.16 1.30
C THR J 20 -34.89 -26.10 0.52
N MET J 21 -34.41 -25.65 -0.64
CA MET J 21 -33.57 -26.47 -1.50
C MET J 21 -32.38 -25.65 -2.01
N SER J 22 -31.44 -26.34 -2.66
CA SER J 22 -30.17 -25.74 -3.02
C SER J 22 -29.79 -26.11 -4.45
N CYS J 23 -28.90 -25.31 -5.03
CA CYS J 23 -28.33 -25.54 -6.36
C CYS J 23 -26.83 -25.25 -6.27
N LYS J 24 -26.01 -26.28 -6.47
CA LYS J 24 -24.56 -26.14 -6.40
C LYS J 24 -24.00 -25.83 -7.78
N SER J 25 -23.05 -24.89 -7.84
CA SER J 25 -22.43 -24.51 -9.09
C SER J 25 -21.04 -25.14 -9.23
N SER J 26 -20.62 -25.30 -10.48
CA SER J 26 -19.31 -25.86 -10.79
C SER J 26 -18.20 -24.81 -10.84
N GLN J 27 -18.54 -23.54 -10.64
CA GLN J 27 -17.55 -22.47 -10.57
C GLN J 27 -18.22 -21.28 -9.90
N SER J 28 -17.40 -20.32 -9.46
CA SER J 28 -17.90 -19.19 -8.73
C SER J 28 -18.87 -18.35 -9.57
N LEU J 29 -19.86 -17.77 -8.90
CA LEU J 29 -20.90 -16.99 -9.57
C LEU J 29 -21.13 -15.64 -8.90
N LEU J 30 -20.09 -15.02 -8.36
CA LEU J 30 -20.19 -13.71 -7.74
C LEU J 30 -19.21 -12.75 -8.42
N TYR J 31 -19.72 -11.59 -8.83
CA TYR J 31 -18.89 -10.50 -9.33
C TYR J 31 -18.64 -9.54 -8.18
N SER J 32 -17.53 -9.77 -7.47
CA SER J 32 -17.24 -8.97 -6.28
C SER J 32 -17.06 -7.49 -6.59
N SER J 33 -16.78 -7.14 -7.85
CA SER J 33 -16.73 -5.73 -8.22
C SER J 33 -18.08 -5.06 -8.03
N ASN J 34 -19.17 -5.74 -8.44
CA ASN J 34 -20.51 -5.24 -8.25
C ASN J 34 -21.25 -5.93 -7.11
N GLN J 35 -20.62 -6.90 -6.45
CA GLN J 35 -21.27 -7.72 -5.43
C GLN J 35 -22.52 -8.40 -6.00
N LYS J 36 -22.44 -8.81 -7.26
CA LYS J 36 -23.57 -9.33 -8.00
C LYS J 36 -23.43 -10.83 -8.18
N ASN J 37 -24.50 -11.56 -7.87
CA ASN J 37 -24.57 -12.99 -8.11
C ASN J 37 -25.39 -13.23 -9.36
N TYR J 38 -24.76 -13.75 -10.41
CA TYR J 38 -25.39 -13.91 -11.72
C TYR J 38 -26.07 -15.27 -11.78
N LEU J 39 -27.30 -15.32 -11.28
CA LEU J 39 -28.11 -16.53 -11.27
C LEU J 39 -29.55 -16.13 -10.98
N ALA J 40 -30.47 -16.95 -11.48
CA ALA J 40 -31.89 -16.69 -11.30
C ALA J 40 -32.62 -18.02 -11.14
N TRP J 41 -33.83 -17.95 -10.58
CA TRP J 41 -34.62 -19.14 -10.33
C TRP J 41 -35.76 -19.25 -11.34
N PHE J 42 -35.86 -20.40 -11.98
CA PHE J 42 -36.71 -20.57 -13.15
C PHE J 42 -37.88 -21.50 -12.83
N GLN J 43 -38.82 -21.56 -13.78
CA GLN J 43 -39.99 -22.42 -13.69
C GLN J 43 -40.69 -22.50 -15.04
N GLN J 44 -41.06 -23.70 -15.48
CA GLN J 44 -41.69 -23.90 -16.78
C GLN J 44 -42.92 -24.78 -16.63
N LYS J 45 -44.08 -24.21 -16.95
CA LYS J 45 -45.33 -24.96 -16.94
C LYS J 45 -45.35 -25.98 -18.08
N PRO J 46 -45.63 -27.25 -17.78
CA PRO J 46 -45.65 -28.27 -18.84
C PRO J 46 -46.72 -27.99 -19.88
N GLY J 47 -46.31 -27.74 -21.12
CA GLY J 47 -47.21 -27.38 -22.20
C GLY J 47 -47.25 -25.90 -22.50
N GLN J 48 -46.67 -25.07 -21.63
CA GLN J 48 -46.64 -23.62 -21.82
C GLN J 48 -45.21 -23.12 -21.71
N SER J 49 -45.05 -21.80 -21.71
CA SER J 49 -43.79 -21.07 -21.70
C SER J 49 -43.19 -21.04 -20.29
N PRO J 50 -41.87 -21.05 -20.20
CA PRO J 50 -41.22 -20.90 -18.89
C PRO J 50 -41.35 -19.47 -18.36
N LYS J 51 -41.06 -19.32 -17.08
CA LYS J 51 -40.99 -18.01 -16.45
C LYS J 51 -40.21 -18.08 -15.14
N LEU J 52 -39.32 -17.13 -14.90
CA LEU J 52 -38.53 -17.14 -13.69
C LEU J 52 -39.36 -16.66 -12.50
N LEU J 53 -38.81 -16.84 -11.30
CA LEU J 53 -39.44 -16.38 -10.07
C LEU J 53 -38.58 -15.40 -9.31
N ILE J 54 -37.30 -15.70 -9.13
CA ILE J 54 -36.35 -14.81 -8.45
C ILE J 54 -35.14 -14.63 -9.36
N TYR J 55 -34.84 -13.38 -9.71
CA TYR J 55 -33.65 -13.06 -10.48
C TYR J 55 -32.68 -12.25 -9.63
N TRP J 56 -31.39 -12.45 -9.87
CA TRP J 56 -30.26 -12.00 -9.07
C TRP J 56 -30.12 -12.77 -7.76
N ALA J 57 -30.97 -13.78 -7.52
CA ALA J 57 -30.91 -14.63 -6.33
C ALA J 57 -31.11 -13.85 -5.04
N SER J 58 -31.59 -12.61 -5.13
CA SER J 58 -31.84 -11.81 -3.93
C SER J 58 -33.19 -11.11 -3.92
N THR J 59 -33.80 -10.84 -5.07
CA THR J 59 -35.09 -10.14 -5.16
C THR J 59 -36.02 -10.94 -6.04
N ARG J 60 -37.24 -11.17 -5.56
CA ARG J 60 -38.23 -11.88 -6.35
C ARG J 60 -38.69 -11.04 -7.54
N GLU J 61 -39.16 -11.71 -8.59
CA GLU J 61 -39.68 -11.02 -9.75
C GLU J 61 -40.96 -10.28 -9.41
N SER J 62 -41.11 -9.08 -9.96
CA SER J 62 -42.34 -8.31 -9.80
C SER J 62 -43.50 -9.08 -10.40
N GLY J 63 -44.59 -9.19 -9.65
CA GLY J 63 -45.74 -9.97 -10.06
C GLY J 63 -45.74 -11.40 -9.56
N VAL J 64 -44.70 -11.82 -8.86
CA VAL J 64 -44.61 -13.15 -8.27
C VAL J 64 -44.88 -13.02 -6.77
N PRO J 65 -45.66 -13.91 -6.16
CA PRO J 65 -45.97 -13.78 -4.74
C PRO J 65 -44.73 -13.91 -3.86
N ASP J 66 -44.89 -13.48 -2.61
CA ASP J 66 -43.81 -13.39 -1.63
C ASP J 66 -43.28 -14.75 -1.18
N ARG J 67 -44.01 -15.84 -1.43
CA ARG J 67 -43.63 -17.13 -0.86
C ARG J 67 -42.32 -17.65 -1.46
N PHE J 68 -42.05 -17.37 -2.73
CA PHE J 68 -40.81 -17.81 -3.37
C PHE J 68 -39.70 -16.81 -3.07
N THR J 69 -38.69 -17.25 -2.32
CA THR J 69 -37.59 -16.36 -1.93
C THR J 69 -36.28 -17.06 -2.22
N GLY J 70 -35.48 -16.49 -3.13
CA GLY J 70 -34.16 -17.02 -3.42
C GLY J 70 -33.09 -16.27 -2.65
N SER J 71 -32.09 -17.02 -2.19
CA SER J 71 -30.97 -16.47 -1.44
C SER J 71 -29.70 -17.20 -1.83
N GLY J 72 -28.57 -16.77 -1.24
CA GLY J 72 -27.31 -17.45 -1.46
C GLY J 72 -26.23 -16.58 -2.05
N SER J 73 -24.98 -16.85 -1.68
CA SER J 73 -23.82 -16.14 -2.19
C SER J 73 -22.74 -17.16 -2.55
N GLY J 74 -21.78 -16.72 -3.34
CA GLY J 74 -20.70 -17.61 -3.74
C GLY J 74 -21.21 -18.67 -4.70
N THR J 75 -20.71 -19.90 -4.56
CA THR J 75 -21.09 -20.97 -5.47
C THR J 75 -22.49 -21.49 -5.15
N ASP J 76 -22.86 -21.54 -3.88
CA ASP J 76 -24.15 -22.08 -3.49
C ASP J 76 -25.26 -21.06 -3.75
N PHE J 77 -26.46 -21.57 -4.04
CA PHE J 77 -27.61 -20.72 -4.30
C PHE J 77 -28.86 -21.49 -3.88
N THR J 78 -29.53 -21.01 -2.84
CA THR J 78 -30.65 -21.73 -2.24
C THR J 78 -31.96 -20.99 -2.49
N LEU J 79 -33.07 -21.67 -2.24
CA LEU J 79 -34.40 -21.09 -2.40
C LEU J 79 -35.33 -21.68 -1.35
N THR J 80 -36.33 -20.90 -0.96
CA THR J 80 -37.32 -21.31 0.02
C THR J 80 -38.70 -20.91 -0.46
N ILE J 81 -39.62 -21.87 -0.46
CA ILE J 81 -41.03 -21.62 -0.73
C ILE J 81 -41.81 -21.75 0.58
N SER J 82 -42.46 -20.67 0.99
CA SER J 82 -43.20 -20.67 2.25
C SER J 82 -44.37 -21.65 2.23
N SER J 83 -44.89 -21.99 1.05
CA SER J 83 -46.01 -22.91 0.95
C SER J 83 -46.00 -23.53 -0.43
N VAL J 84 -45.71 -24.83 -0.50
CA VAL J 84 -45.80 -25.54 -1.77
C VAL J 84 -47.26 -25.83 -2.10
N LYS J 85 -47.58 -25.81 -3.38
CA LYS J 85 -48.96 -25.93 -3.84
C LYS J 85 -49.03 -26.94 -4.97
N ALA J 86 -50.22 -27.53 -5.13
CA ALA J 86 -50.49 -28.45 -6.22
C ALA J 86 -50.79 -27.75 -7.54
N GLU J 87 -50.97 -26.43 -7.53
CA GLU J 87 -51.19 -25.65 -8.74
C GLU J 87 -49.93 -24.95 -9.23
N ASP J 88 -48.77 -25.36 -8.73
CA ASP J 88 -47.48 -24.96 -9.28
C ASP J 88 -46.75 -26.14 -9.91
N LEU J 89 -47.49 -27.13 -10.39
CA LEU J 89 -46.89 -28.33 -10.98
C LEU J 89 -46.08 -27.94 -12.22
N ALA J 90 -44.76 -28.02 -12.11
CA ALA J 90 -43.85 -27.54 -13.14
C ALA J 90 -42.46 -28.08 -12.84
N VAL J 91 -41.46 -27.57 -13.56
CA VAL J 91 -40.07 -27.97 -13.40
C VAL J 91 -39.30 -26.73 -12.94
N TYR J 92 -38.53 -26.86 -11.86
CA TYR J 92 -37.74 -25.74 -11.35
C TYR J 92 -36.31 -25.82 -11.88
N TYR J 93 -35.88 -24.79 -12.58
CA TYR J 93 -34.52 -24.68 -13.07
C TYR J 93 -33.76 -23.61 -12.29
N CYS J 94 -32.52 -23.94 -11.92
CA CYS J 94 -31.60 -22.99 -11.29
C CYS J 94 -30.57 -22.60 -12.35
N GLN J 95 -30.88 -21.56 -13.10
CA GLN J 95 -30.09 -21.16 -14.26
C GLN J 95 -29.18 -19.98 -13.94
N GLN J 96 -28.01 -19.98 -14.55
CA GLN J 96 -27.00 -18.94 -14.39
C GLN J 96 -26.91 -18.15 -15.69
N TYR J 97 -27.29 -16.88 -15.65
CA TYR J 97 -27.17 -16.01 -16.81
C TYR J 97 -25.87 -15.23 -16.82
N TYR J 98 -24.81 -15.76 -16.21
CA TYR J 98 -23.52 -15.09 -16.15
C TYR J 98 -23.05 -14.66 -17.54
N SER J 99 -22.82 -15.63 -18.42
CA SER J 99 -22.41 -15.34 -19.79
C SER J 99 -22.79 -16.53 -20.66
N TYR J 100 -22.82 -16.30 -21.96
CA TYR J 100 -22.96 -17.40 -22.89
C TYR J 100 -21.67 -18.21 -22.89
N PRO J 101 -21.72 -19.54 -22.68
CA PRO J 101 -22.90 -20.41 -22.62
C PRO J 101 -23.88 -20.18 -21.46
N TYR J 102 -25.11 -19.80 -21.80
CA TYR J 102 -26.18 -19.60 -20.83
C TYR J 102 -26.77 -20.94 -20.44
N THR J 103 -25.94 -21.77 -19.82
CA THR J 103 -26.36 -23.11 -19.44
C THR J 103 -27.37 -23.05 -18.30
N PHE J 104 -28.23 -24.06 -18.25
CA PHE J 104 -29.27 -24.20 -17.25
C PHE J 104 -28.78 -25.07 -16.08
N GLY J 105 -29.69 -25.42 -15.19
CA GLY J 105 -29.40 -26.38 -14.14
C GLY J 105 -29.74 -27.79 -14.57
N GLY J 106 -30.52 -28.50 -13.76
CA GLY J 106 -30.95 -29.83 -14.12
C GLY J 106 -32.45 -29.99 -14.17
N GLY J 107 -33.17 -29.18 -13.39
CA GLY J 107 -34.62 -29.25 -13.34
C GLY J 107 -35.14 -29.90 -12.07
N THR J 108 -36.25 -29.39 -11.55
CA THR J 108 -36.86 -29.96 -10.35
C THR J 108 -38.37 -30.03 -10.59
N LYS J 109 -38.85 -31.23 -10.90
CA LYS J 109 -40.27 -31.47 -11.12
C LYS J 109 -40.98 -31.63 -9.78
N LEU J 110 -42.24 -31.21 -9.74
CA LEU J 110 -43.13 -31.44 -8.60
C LEU J 110 -43.97 -32.66 -8.93
N LYS J 111 -43.60 -33.80 -8.36
CA LYS J 111 -44.32 -35.05 -8.59
C LYS J 111 -45.55 -35.12 -7.68
N ILE J 112 -46.19 -36.28 -7.64
CA ILE J 112 -47.42 -36.47 -6.88
C ILE J 112 -47.09 -37.24 -5.61
N LYS J 113 -47.46 -36.67 -4.46
CA LYS J 113 -47.30 -37.33 -3.16
C LYS J 113 -48.42 -36.80 -2.26
N ARG J 114 -49.53 -37.54 -2.22
CA ARG J 114 -50.70 -37.15 -1.44
C ARG J 114 -51.74 -38.27 -1.41
#